data_6VOZ
# 
_entry.id   6VOZ 
# 
_audit_conform.dict_name       mmcif_pdbx.dic 
_audit_conform.dict_version    5.380 
_audit_conform.dict_location   http://mmcif.pdb.org/dictionaries/ascii/mmcif_pdbx.dic 
# 
loop_
_database_2.database_id 
_database_2.database_code 
_database_2.pdbx_database_accession 
_database_2.pdbx_DOI 
PDB   6VOZ         pdb_00006voz 10.2210/pdb6voz/pdb 
WWPDB D_1000246801 ?            ?                   
# 
_pdbx_database_status.status_code                     REL 
_pdbx_database_status.status_code_sf                  REL 
_pdbx_database_status.status_code_mr                  ? 
_pdbx_database_status.entry_id                        6VOZ 
_pdbx_database_status.recvd_initial_deposition_date   2020-02-01 
_pdbx_database_status.SG_entry                        N 
_pdbx_database_status.deposit_site                    RCSB 
_pdbx_database_status.process_site                    RCSB 
_pdbx_database_status.status_code_cs                  ? 
_pdbx_database_status.status_code_nmr_data            ? 
_pdbx_database_status.methods_development_category    ? 
_pdbx_database_status.pdb_format_compatible           Y 
# 
loop_
_audit_author.name 
_audit_author.pdbx_ordinal 
_audit_author.identifier_ORCID 
'Miller, K.R.'      1 0000-0003-1963-2908 
'Follmer, A.H.'     2 0000-0002-6244-6804 
'Jasniewski, A.J.'  3 0000-0001-7614-0796 
'Sabuncu, S.'       4 ?                   
'Biswas, S.'        5 ?                   
'Albert, T.'        6 ?                   
'Hendrich, M.P.'    7 0000-0003-4775-0389 
'Moenne-Loccoz, P.' 8 0000-0002-7684-7617 
'Borovik, A.S.'     9 0000-0001-5049-9952 
# 
_citation.abstract                  ? 
_citation.abstract_id_CAS           ? 
_citation.book_id_ISBN              ? 
_citation.book_publisher            ? 
_citation.book_publisher_city       ? 
_citation.book_title                ? 
_citation.coordinate_linkage        ? 
_citation.country                   US 
_citation.database_id_Medline       ? 
_citation.details                   ? 
_citation.id                        primary 
_citation.journal_abbrev            J.Am.Chem.Soc. 
_citation.journal_id_ASTM           JACSAT 
_citation.journal_id_CSD            ? 
_citation.journal_id_ISSN           1520-5126 
_citation.journal_full              ? 
_citation.journal_issue             ? 
_citation.journal_volume            143 
_citation.language                  ? 
_citation.page_first                2384 
_citation.page_last                 2393 
_citation.title                     'Artificial Metalloproteins with Dinuclear Iron-Hydroxido Centers.' 
_citation.year                      2021 
_citation.database_id_CSD           ? 
_citation.pdbx_database_id_DOI      10.1021/jacs.0c12564 
_citation.pdbx_database_id_PubMed   33528256 
_citation.unpublished_flag          ? 
# 
loop_
_citation_author.citation_id 
_citation_author.name 
_citation_author.ordinal 
_citation_author.identifier_ORCID 
primary 'Miller, K.R.'      1  ?                   
primary 'Biswas, S.'        2  ?                   
primary 'Jasniewski, A.'    3  0000-0001-7614-0796 
primary 'Follmer, A.H.'     4  0000-0002-6244-6804 
primary 'Biswas, A.'        5  ?                   
primary 'Albert, T.'        6  0000-0001-7248-0873 
primary 'Sabuncu, S.'       7  0000-0001-8346-8175 
primary 'Bominaar, E.L.'    8  0000-0002-5125-265X 
primary 'Hendrich, M.P.'    9  0000-0003-4775-0389 
primary 'Moenne-Loccoz, P.' 10 0000-0002-7684-7617 
primary 'Borovik, A.S.'     11 0000-0001-5049-9952 
# 
_cell.angle_alpha                  90.000 
_cell.angle_alpha_esd              ? 
_cell.angle_beta                   90.000 
_cell.angle_beta_esd               ? 
_cell.angle_gamma                  90.000 
_cell.angle_gamma_esd              ? 
_cell.entry_id                     6VOZ 
_cell.details                      ? 
_cell.formula_units_Z              ? 
_cell.length_a                     57.684 
_cell.length_a_esd                 ? 
_cell.length_b                     57.684 
_cell.length_b_esd                 ? 
_cell.length_c                     184.193 
_cell.length_c_esd                 ? 
_cell.volume                       ? 
_cell.volume_esd                   ? 
_cell.Z_PDB                        16 
_cell.reciprocal_angle_alpha       ? 
_cell.reciprocal_angle_beta        ? 
_cell.reciprocal_angle_gamma       ? 
_cell.reciprocal_angle_alpha_esd   ? 
_cell.reciprocal_angle_beta_esd    ? 
_cell.reciprocal_angle_gamma_esd   ? 
_cell.reciprocal_length_a          ? 
_cell.reciprocal_length_b          ? 
_cell.reciprocal_length_c          ? 
_cell.reciprocal_length_a_esd      ? 
_cell.reciprocal_length_b_esd      ? 
_cell.reciprocal_length_c_esd      ? 
_cell.pdbx_unique_axis             ? 
# 
_symmetry.entry_id                         6VOZ 
_symmetry.cell_setting                     ? 
_symmetry.Int_Tables_number                98 
_symmetry.space_group_name_Hall            ? 
_symmetry.space_group_name_H-M             'I 41 2 2' 
_symmetry.pdbx_full_space_group_name_H-M   ? 
# 
loop_
_entity.id 
_entity.type 
_entity.src_method 
_entity.pdbx_description 
_entity.formula_weight 
_entity.pdbx_number_of_molecules 
_entity.pdbx_ec 
_entity.pdbx_mutation 
_entity.pdbx_fragment 
_entity.details 
1 polymer     man Streptavidin 16561.932 1   ? 'K121A, L124Y' ? ? 
2 non-polymer syn 
;{N-(4-{bis[(pyridin-2-yl-kappaN)methyl]amino-kappaN}butyl)-5-[(3aS,4S,6aR)-2-oxohexahydro-1H-thieno[3,4-d]imidazol-4-yl]pentanamide}iron(3+)
;
552.513   1   ? ?              ? ? 
3 non-polymer syn 'ACETATE ION' 59.044    1   ? ?              ? ? 
4 water       nat water 18.015    120 ? ?              ? ? 
# 
_entity_poly.entity_id                      1 
_entity_poly.type                           'polypeptide(L)' 
_entity_poly.nstd_linkage                   no 
_entity_poly.nstd_monomer                   no 
_entity_poly.pdbx_seq_one_letter_code       
;MASMTGGQQMGRDEAGITGTWYNQLGSTFIVTAGADGALTGTYESAVGNAESRYVLTGRYDSAPATDGSGTALGWTVAWK
NNYRNAHSATTWSGQYVGGAEARINTQWLLTSGTTEANAWASTYVGHDTFTKVKPSAASIDAAKKAGVNNGNPLDAVQQ
;
_entity_poly.pdbx_seq_one_letter_code_can   
;MASMTGGQQMGRDEAGITGTWYNQLGSTFIVTAGADGALTGTYESAVGNAESRYVLTGRYDSAPATDGSGTALGWTVAWK
NNYRNAHSATTWSGQYVGGAEARINTQWLLTSGTTEANAWASTYVGHDTFTKVKPSAASIDAAKKAGVNNGNPLDAVQQ
;
_entity_poly.pdbx_strand_id                 A 
_entity_poly.pdbx_target_identifier         ? 
# 
loop_
_entity_poly_seq.entity_id 
_entity_poly_seq.num 
_entity_poly_seq.mon_id 
_entity_poly_seq.hetero 
1 1   MET n 
1 2   ALA n 
1 3   SER n 
1 4   MET n 
1 5   THR n 
1 6   GLY n 
1 7   GLY n 
1 8   GLN n 
1 9   GLN n 
1 10  MET n 
1 11  GLY n 
1 12  ARG n 
1 13  ASP n 
1 14  GLU n 
1 15  ALA n 
1 16  GLY n 
1 17  ILE n 
1 18  THR n 
1 19  GLY n 
1 20  THR n 
1 21  TRP n 
1 22  TYR n 
1 23  ASN n 
1 24  GLN n 
1 25  LEU n 
1 26  GLY n 
1 27  SER n 
1 28  THR n 
1 29  PHE n 
1 30  ILE n 
1 31  VAL n 
1 32  THR n 
1 33  ALA n 
1 34  GLY n 
1 35  ALA n 
1 36  ASP n 
1 37  GLY n 
1 38  ALA n 
1 39  LEU n 
1 40  THR n 
1 41  GLY n 
1 42  THR n 
1 43  TYR n 
1 44  GLU n 
1 45  SER n 
1 46  ALA n 
1 47  VAL n 
1 48  GLY n 
1 49  ASN n 
1 50  ALA n 
1 51  GLU n 
1 52  SER n 
1 53  ARG n 
1 54  TYR n 
1 55  VAL n 
1 56  LEU n 
1 57  THR n 
1 58  GLY n 
1 59  ARG n 
1 60  TYR n 
1 61  ASP n 
1 62  SER n 
1 63  ALA n 
1 64  PRO n 
1 65  ALA n 
1 66  THR n 
1 67  ASP n 
1 68  GLY n 
1 69  SER n 
1 70  GLY n 
1 71  THR n 
1 72  ALA n 
1 73  LEU n 
1 74  GLY n 
1 75  TRP n 
1 76  THR n 
1 77  VAL n 
1 78  ALA n 
1 79  TRP n 
1 80  LYS n 
1 81  ASN n 
1 82  ASN n 
1 83  TYR n 
1 84  ARG n 
1 85  ASN n 
1 86  ALA n 
1 87  HIS n 
1 88  SER n 
1 89  ALA n 
1 90  THR n 
1 91  THR n 
1 92  TRP n 
1 93  SER n 
1 94  GLY n 
1 95  GLN n 
1 96  TYR n 
1 97  VAL n 
1 98  GLY n 
1 99  GLY n 
1 100 ALA n 
1 101 GLU n 
1 102 ALA n 
1 103 ARG n 
1 104 ILE n 
1 105 ASN n 
1 106 THR n 
1 107 GLN n 
1 108 TRP n 
1 109 LEU n 
1 110 LEU n 
1 111 THR n 
1 112 SER n 
1 113 GLY n 
1 114 THR n 
1 115 THR n 
1 116 GLU n 
1 117 ALA n 
1 118 ASN n 
1 119 ALA n 
1 120 TRP n 
1 121 ALA n 
1 122 SER n 
1 123 THR n 
1 124 TYR n 
1 125 VAL n 
1 126 GLY n 
1 127 HIS n 
1 128 ASP n 
1 129 THR n 
1 130 PHE n 
1 131 THR n 
1 132 LYS n 
1 133 VAL n 
1 134 LYS n 
1 135 PRO n 
1 136 SER n 
1 137 ALA n 
1 138 ALA n 
1 139 SER n 
1 140 ILE n 
1 141 ASP n 
1 142 ALA n 
1 143 ALA n 
1 144 LYS n 
1 145 LYS n 
1 146 ALA n 
1 147 GLY n 
1 148 VAL n 
1 149 ASN n 
1 150 ASN n 
1 151 GLY n 
1 152 ASN n 
1 153 PRO n 
1 154 LEU n 
1 155 ASP n 
1 156 ALA n 
1 157 VAL n 
1 158 GLN n 
1 159 GLN n 
# 
_entity_src_gen.entity_id                          1 
_entity_src_gen.pdbx_src_id                        1 
_entity_src_gen.pdbx_alt_source_flag               sample 
_entity_src_gen.pdbx_seq_type                      'Biological sequence' 
_entity_src_gen.pdbx_beg_seq_num                   1 
_entity_src_gen.pdbx_end_seq_num                   159 
_entity_src_gen.gene_src_common_name               ? 
_entity_src_gen.gene_src_genus                     ? 
_entity_src_gen.pdbx_gene_src_gene                 ? 
_entity_src_gen.gene_src_species                   ? 
_entity_src_gen.gene_src_strain                    ? 
_entity_src_gen.gene_src_tissue                    ? 
_entity_src_gen.gene_src_tissue_fraction           ? 
_entity_src_gen.gene_src_details                   ? 
_entity_src_gen.pdbx_gene_src_fragment             ? 
_entity_src_gen.pdbx_gene_src_scientific_name      'Streptomyces avidinii' 
_entity_src_gen.pdbx_gene_src_ncbi_taxonomy_id     1895 
_entity_src_gen.pdbx_gene_src_variant              ? 
_entity_src_gen.pdbx_gene_src_cell_line            ? 
_entity_src_gen.pdbx_gene_src_atcc                 ? 
_entity_src_gen.pdbx_gene_src_organ                ? 
_entity_src_gen.pdbx_gene_src_organelle            ? 
_entity_src_gen.pdbx_gene_src_cell                 ? 
_entity_src_gen.pdbx_gene_src_cellular_location    ? 
_entity_src_gen.host_org_common_name               ? 
_entity_src_gen.pdbx_host_org_scientific_name      'Escherichia coli' 
_entity_src_gen.pdbx_host_org_ncbi_taxonomy_id     562 
_entity_src_gen.host_org_genus                     ? 
_entity_src_gen.pdbx_host_org_gene                 ? 
_entity_src_gen.pdbx_host_org_organ                ? 
_entity_src_gen.host_org_species                   ? 
_entity_src_gen.pdbx_host_org_tissue               ? 
_entity_src_gen.pdbx_host_org_tissue_fraction      ? 
_entity_src_gen.pdbx_host_org_strain               ? 
_entity_src_gen.pdbx_host_org_variant              ? 
_entity_src_gen.pdbx_host_org_cell_line            ? 
_entity_src_gen.pdbx_host_org_atcc                 ? 
_entity_src_gen.pdbx_host_org_culture_collection   ? 
_entity_src_gen.pdbx_host_org_cell                 ? 
_entity_src_gen.pdbx_host_org_organelle            ? 
_entity_src_gen.pdbx_host_org_cellular_location    ? 
_entity_src_gen.pdbx_host_org_vector_type          ? 
_entity_src_gen.pdbx_host_org_vector               ? 
_entity_src_gen.host_org_details                   ? 
_entity_src_gen.expression_system_id               ? 
_entity_src_gen.plasmid_name                       ? 
_entity_src_gen.plasmid_details                    ? 
_entity_src_gen.pdbx_description                   ? 
# 
_struct_ref.id                         1 
_struct_ref.db_name                    UNP 
_struct_ref.db_code                    SAV_STRAV 
_struct_ref.pdbx_db_accession          P22629 
_struct_ref.pdbx_db_isoform            ? 
_struct_ref.entity_id                  1 
_struct_ref.pdbx_seq_one_letter_code   
;EAGITGTWYNQLGSTFIVTAGADGALTGTYESAVGNAESRYVLTGRYDSAPATDGSGTALGWTVAWKNNYRNAHSATTWS
GQYVGGAEARINTQWLLTSGTTEANAWKSTLVGHDTFTKVKPSAASIDAAKKAGVNNGNPLDAVQQ
;
_struct_ref.pdbx_align_begin           38 
# 
_struct_ref_seq.align_id                      1 
_struct_ref_seq.ref_id                        1 
_struct_ref_seq.pdbx_PDB_id_code              6VOZ 
_struct_ref_seq.pdbx_strand_id                A 
_struct_ref_seq.seq_align_beg                 14 
_struct_ref_seq.pdbx_seq_align_beg_ins_code   ? 
_struct_ref_seq.seq_align_end                 159 
_struct_ref_seq.pdbx_seq_align_end_ins_code   ? 
_struct_ref_seq.pdbx_db_accession             P22629 
_struct_ref_seq.db_align_beg                  38 
_struct_ref_seq.pdbx_db_align_beg_ins_code    ? 
_struct_ref_seq.db_align_end                  183 
_struct_ref_seq.pdbx_db_align_end_ins_code    ? 
_struct_ref_seq.pdbx_auth_seq_align_beg       14 
_struct_ref_seq.pdbx_auth_seq_align_end       159 
# 
loop_
_struct_ref_seq_dif.align_id 
_struct_ref_seq_dif.pdbx_pdb_id_code 
_struct_ref_seq_dif.mon_id 
_struct_ref_seq_dif.pdbx_pdb_strand_id 
_struct_ref_seq_dif.seq_num 
_struct_ref_seq_dif.pdbx_pdb_ins_code 
_struct_ref_seq_dif.pdbx_seq_db_name 
_struct_ref_seq_dif.pdbx_seq_db_accession_code 
_struct_ref_seq_dif.db_mon_id 
_struct_ref_seq_dif.pdbx_seq_db_seq_num 
_struct_ref_seq_dif.details 
_struct_ref_seq_dif.pdbx_auth_seq_num 
_struct_ref_seq_dif.pdbx_ordinal 
1 6VOZ MET A 1   ? UNP P22629 ?   ?   'initiating methionine' 1   1  
1 6VOZ ALA A 2   ? UNP P22629 ?   ?   'expression tag'        2   2  
1 6VOZ SER A 3   ? UNP P22629 ?   ?   'expression tag'        3   3  
1 6VOZ MET A 4   ? UNP P22629 ?   ?   'expression tag'        4   4  
1 6VOZ THR A 5   ? UNP P22629 ?   ?   'expression tag'        5   5  
1 6VOZ GLY A 6   ? UNP P22629 ?   ?   'expression tag'        6   6  
1 6VOZ GLY A 7   ? UNP P22629 ?   ?   'expression tag'        7   7  
1 6VOZ GLN A 8   ? UNP P22629 ?   ?   'expression tag'        8   8  
1 6VOZ GLN A 9   ? UNP P22629 ?   ?   'expression tag'        9   9  
1 6VOZ MET A 10  ? UNP P22629 ?   ?   'expression tag'        10  10 
1 6VOZ GLY A 11  ? UNP P22629 ?   ?   'expression tag'        11  11 
1 6VOZ ARG A 12  ? UNP P22629 ?   ?   'expression tag'        12  12 
1 6VOZ ASP A 13  ? UNP P22629 ?   ?   'expression tag'        13  13 
1 6VOZ ALA A 121 ? UNP P22629 LYS 145 'engineered mutation'   121 14 
1 6VOZ TYR A 124 ? UNP P22629 LEU 148 'engineered mutation'   124 15 
# 
loop_
_chem_comp.id 
_chem_comp.type 
_chem_comp.mon_nstd_flag 
_chem_comp.name 
_chem_comp.pdbx_synonyms 
_chem_comp.formula 
_chem_comp.formula_weight 
ACT non-polymer         . 'ACETATE ION' ? 'C2 H3 O2 -1'          59.044  
ALA 'L-peptide linking' y ALANINE ? 'C3 H7 N O2'           89.093  
ARG 'L-peptide linking' y ARGININE ? 'C6 H15 N4 O2 1'       175.209 
ASN 'L-peptide linking' y ASPARAGINE ? 'C4 H8 N2 O3'          132.118 
ASP 'L-peptide linking' y 'ASPARTIC ACID' ? 'C4 H7 N O4'           133.103 
GLN 'L-peptide linking' y GLUTAMINE ? 'C5 H10 N2 O3'         146.144 
GLU 'L-peptide linking' y 'GLUTAMIC ACID' ? 'C5 H9 N O4'           147.129 
GLY 'peptide linking'   y GLYCINE ? 'C2 H5 N O2'           75.067  
HIS 'L-peptide linking' y HISTIDINE ? 'C6 H10 N3 O2 1'       156.162 
HOH non-polymer         . WATER ? 'H2 O'                 18.015  
ILE 'L-peptide linking' y ISOLEUCINE ? 'C6 H13 N O2'          131.173 
KM3 non-polymer         . 
;{N-(4-{bis[(pyridin-2-yl-kappaN)methyl]amino-kappaN}butyl)-5-[(3aS,4S,6aR)-2-oxohexahydro-1H-thieno[3,4-d]imidazol-4-yl]pentanamide}iron(3+)
;
? 'C26 H36 Fe N6 O2 S 3' 552.513 
LEU 'L-peptide linking' y LEUCINE ? 'C6 H13 N O2'          131.173 
LYS 'L-peptide linking' y LYSINE ? 'C6 H15 N2 O2 1'       147.195 
MET 'L-peptide linking' y METHIONINE ? 'C5 H11 N O2 S'        149.211 
PHE 'L-peptide linking' y PHENYLALANINE ? 'C9 H11 N O2'          165.189 
PRO 'L-peptide linking' y PROLINE ? 'C5 H9 N O2'           115.130 
SER 'L-peptide linking' y SERINE ? 'C3 H7 N O3'           105.093 
THR 'L-peptide linking' y THREONINE ? 'C4 H9 N O3'           119.119 
TRP 'L-peptide linking' y TRYPTOPHAN ? 'C11 H12 N2 O2'        204.225 
TYR 'L-peptide linking' y TYROSINE ? 'C9 H11 N O3'          181.189 
VAL 'L-peptide linking' y VALINE ? 'C5 H11 N O2'          117.146 
# 
_exptl.absorpt_coefficient_mu     ? 
_exptl.absorpt_correction_T_max   ? 
_exptl.absorpt_correction_T_min   ? 
_exptl.absorpt_correction_type    ? 
_exptl.absorpt_process_details    ? 
_exptl.entry_id                   6VOZ 
_exptl.crystals_number            1 
_exptl.details                    ? 
_exptl.method                     'X-RAY DIFFRACTION' 
_exptl.method_details             ? 
# 
_exptl_crystal.colour                      ? 
_exptl_crystal.density_diffrn              ? 
_exptl_crystal.density_Matthews            2.31 
_exptl_crystal.density_method              ? 
_exptl_crystal.density_percent_sol         46.82 
_exptl_crystal.description                 ? 
_exptl_crystal.F_000                       ? 
_exptl_crystal.id                          1 
_exptl_crystal.preparation                 ? 
_exptl_crystal.size_max                    ? 
_exptl_crystal.size_mid                    ? 
_exptl_crystal.size_min                    ? 
_exptl_crystal.size_rad                    ? 
_exptl_crystal.colour_lustre               ? 
_exptl_crystal.colour_modifier             ? 
_exptl_crystal.colour_primary              ? 
_exptl_crystal.density_meas                ? 
_exptl_crystal.density_meas_esd            ? 
_exptl_crystal.density_meas_gt             ? 
_exptl_crystal.density_meas_lt             ? 
_exptl_crystal.density_meas_temp           ? 
_exptl_crystal.density_meas_temp_esd       ? 
_exptl_crystal.density_meas_temp_gt        ? 
_exptl_crystal.density_meas_temp_lt        ? 
_exptl_crystal.pdbx_crystal_image_url      ? 
_exptl_crystal.pdbx_crystal_image_format   ? 
_exptl_crystal.pdbx_mosaicity              ? 
_exptl_crystal.pdbx_mosaicity_esd          ? 
# 
_exptl_crystal_grow.apparatus       ? 
_exptl_crystal_grow.atmosphere      ? 
_exptl_crystal_grow.crystal_id      1 
_exptl_crystal_grow.details         ? 
_exptl_crystal_grow.method          'VAPOR DIFFUSION, SITTING DROP' 
_exptl_crystal_grow.method_ref      ? 
_exptl_crystal_grow.pH              4 
_exptl_crystal_grow.pressure        ? 
_exptl_crystal_grow.pressure_esd    ? 
_exptl_crystal_grow.seeding         ? 
_exptl_crystal_grow.seeding_ref     ? 
_exptl_crystal_grow.temp            298 
_exptl_crystal_grow.temp_details    ? 
_exptl_crystal_grow.temp_esd        ? 
_exptl_crystal_grow.time            ? 
_exptl_crystal_grow.pdbx_details    '2.0 M ammonium sulfate, 0.1 M sodium acetate' 
_exptl_crystal_grow.pdbx_pH_range   ? 
# 
_diffrn.ambient_environment              ? 
_diffrn.ambient_temp                     100 
_diffrn.ambient_temp_details             ? 
_diffrn.ambient_temp_esd                 ? 
_diffrn.crystal_id                       1 
_diffrn.crystal_support                  ? 
_diffrn.crystal_treatment                ? 
_diffrn.details                          ? 
_diffrn.id                               1 
_diffrn.ambient_pressure                 ? 
_diffrn.ambient_pressure_esd             ? 
_diffrn.ambient_pressure_gt              ? 
_diffrn.ambient_pressure_lt              ? 
_diffrn.ambient_temp_gt                  ? 
_diffrn.ambient_temp_lt                  ? 
_diffrn.pdbx_serial_crystal_experiment   N 
# 
_diffrn_detector.details                      ? 
_diffrn_detector.detector                     PIXEL 
_diffrn_detector.diffrn_id                    1 
_diffrn_detector.type                         'DECTRIS PILATUS 6M' 
_diffrn_detector.area_resol_mean              ? 
_diffrn_detector.dtime                        ? 
_diffrn_detector.pdbx_frames_total            ? 
_diffrn_detector.pdbx_collection_time_total   ? 
_diffrn_detector.pdbx_collection_date         2019-11-24 
_diffrn_detector.pdbx_frequency               ? 
# 
_diffrn_radiation.collimation                      ? 
_diffrn_radiation.diffrn_id                        1 
_diffrn_radiation.filter_edge                      ? 
_diffrn_radiation.inhomogeneity                    ? 
_diffrn_radiation.monochromator                    ? 
_diffrn_radiation.polarisn_norm                    ? 
_diffrn_radiation.polarisn_ratio                   ? 
_diffrn_radiation.probe                            ? 
_diffrn_radiation.type                             ? 
_diffrn_radiation.xray_symbol                      ? 
_diffrn_radiation.wavelength_id                    1 
_diffrn_radiation.pdbx_monochromatic_or_laue_m_l   M 
_diffrn_radiation.pdbx_wavelength_list             ? 
_diffrn_radiation.pdbx_wavelength                  ? 
_diffrn_radiation.pdbx_diffrn_protocol             'SINGLE WAVELENGTH' 
_diffrn_radiation.pdbx_analyzer                    ? 
_diffrn_radiation.pdbx_scattering_type             x-ray 
# 
_diffrn_radiation_wavelength.id           1 
_diffrn_radiation_wavelength.wavelength   0.9795 
_diffrn_radiation_wavelength.wt           1.0 
# 
_diffrn_source.current                     ? 
_diffrn_source.details                     ? 
_diffrn_source.diffrn_id                   1 
_diffrn_source.power                       ? 
_diffrn_source.size                        ? 
_diffrn_source.source                      SYNCHROTRON 
_diffrn_source.target                      ? 
_diffrn_source.type                        'SSRL BEAMLINE BL12-2' 
_diffrn_source.voltage                     ? 
_diffrn_source.take-off_angle              ? 
_diffrn_source.pdbx_wavelength_list        0.9795 
_diffrn_source.pdbx_wavelength             ? 
_diffrn_source.pdbx_synchrotron_beamline   BL12-2 
_diffrn_source.pdbx_synchrotron_site       SSRL 
# 
_reflns.B_iso_Wilson_estimate            ? 
_reflns.entry_id                         6VOZ 
_reflns.data_reduction_details           ? 
_reflns.data_reduction_method            ? 
_reflns.d_resolution_high                1.300 
_reflns.d_resolution_low                 37.290 
_reflns.details                          ? 
_reflns.limit_h_max                      ? 
_reflns.limit_h_min                      ? 
_reflns.limit_k_max                      ? 
_reflns.limit_k_min                      ? 
_reflns.limit_l_max                      ? 
_reflns.limit_l_min                      ? 
_reflns.number_all                       ? 
_reflns.number_obs                       38785 
_reflns.observed_criterion               ? 
_reflns.observed_criterion_F_max         ? 
_reflns.observed_criterion_F_min         ? 
_reflns.observed_criterion_I_max         ? 
_reflns.observed_criterion_I_min         ? 
_reflns.observed_criterion_sigma_F       ? 
_reflns.observed_criterion_sigma_I       ? 
_reflns.percent_possible_obs             99.900 
_reflns.R_free_details                   ? 
_reflns.Rmerge_F_all                     ? 
_reflns.Rmerge_F_obs                     ? 
_reflns.Friedel_coverage                 ? 
_reflns.number_gt                        ? 
_reflns.threshold_expression             ? 
_reflns.pdbx_redundancy                  13.300 
_reflns.pdbx_Rmerge_I_obs                0.071 
_reflns.pdbx_Rmerge_I_all                ? 
_reflns.pdbx_Rsym_value                  ? 
_reflns.pdbx_netI_over_av_sigmaI         ? 
_reflns.pdbx_netI_over_sigmaI            19.200 
_reflns.pdbx_res_netI_over_av_sigmaI_2   ? 
_reflns.pdbx_res_netI_over_sigmaI_2      ? 
_reflns.pdbx_chi_squared                 ? 
_reflns.pdbx_scaling_rejects             55 
_reflns.pdbx_d_res_high_opt              ? 
_reflns.pdbx_d_res_low_opt               ? 
_reflns.pdbx_d_res_opt_method            ? 
_reflns.phase_calculation_details        ? 
_reflns.pdbx_Rrim_I_all                  0.074 
_reflns.pdbx_Rpim_I_all                  0.020 
_reflns.pdbx_d_opt                       ? 
_reflns.pdbx_number_measured_all         517549 
_reflns.pdbx_diffrn_id                   1 
_reflns.pdbx_ordinal                     1 
_reflns.pdbx_CC_half                     0.999 
_reflns.pdbx_CC_star                     ? 
_reflns.pdbx_R_split                     ? 
# 
loop_
_reflns_shell.d_res_high 
_reflns_shell.d_res_low 
_reflns_shell.meanI_over_sigI_all 
_reflns_shell.meanI_over_sigI_obs 
_reflns_shell.number_measured_all 
_reflns_shell.number_measured_obs 
_reflns_shell.number_possible 
_reflns_shell.number_unique_all 
_reflns_shell.number_unique_obs 
_reflns_shell.percent_possible_all 
_reflns_shell.percent_possible_obs 
_reflns_shell.Rmerge_F_all 
_reflns_shell.Rmerge_F_obs 
_reflns_shell.Rmerge_I_all 
_reflns_shell.Rmerge_I_obs 
_reflns_shell.meanI_over_sigI_gt 
_reflns_shell.meanI_over_uI_all 
_reflns_shell.meanI_over_uI_gt 
_reflns_shell.number_measured_gt 
_reflns_shell.number_unique_gt 
_reflns_shell.percent_possible_gt 
_reflns_shell.Rmerge_F_gt 
_reflns_shell.Rmerge_I_gt 
_reflns_shell.pdbx_redundancy 
_reflns_shell.pdbx_Rsym_value 
_reflns_shell.pdbx_chi_squared 
_reflns_shell.pdbx_netI_over_sigmaI_all 
_reflns_shell.pdbx_netI_over_sigmaI_obs 
_reflns_shell.pdbx_Rrim_I_all 
_reflns_shell.pdbx_Rpim_I_all 
_reflns_shell.pdbx_rejects 
_reflns_shell.pdbx_ordinal 
_reflns_shell.pdbx_diffrn_id 
_reflns_shell.pdbx_CC_half 
_reflns_shell.pdbx_CC_star 
_reflns_shell.pdbx_R_split 
1.300 1.320  ? ? 23826 ? ? ? 1888 99.200 ? ? ? ? 1.447 ? ? ? ? ? ? ? ? 12.600 ? ? ? 1.500  1.509 0.421 ? 1 1 0.792 ? ? 
7.120 37.290 ? ? 3508  ? ? ? 300  99.100 ? ? ? ? 0.046 ? ? ? ? ? ? ? ? 11.700 ? ? ? 49.500 0.048 0.013 ? 2 1 0.998 ? ? 
# 
_refine.aniso_B[1][1]                            0.0700 
_refine.aniso_B[1][2]                            0.0000 
_refine.aniso_B[1][3]                            0.0000 
_refine.aniso_B[2][2]                            0.0700 
_refine.aniso_B[2][3]                            0.0000 
_refine.aniso_B[3][3]                            -0.1400 
_refine.B_iso_max                                67.530 
_refine.B_iso_mean                               18.6970 
_refine.B_iso_min                                9.180 
_refine.correlation_coeff_Fo_to_Fc               0.9690 
_refine.correlation_coeff_Fo_to_Fc_free          0.9570 
_refine.details                                  
'HYDROGENS HAVE BEEN ADDED IN THE RIDING POSITIONS U VALUES      : REFINED INDIVIDUALLY' 
_refine.diff_density_max                         ? 
_refine.diff_density_max_esd                     ? 
_refine.diff_density_min                         ? 
_refine.diff_density_min_esd                     ? 
_refine.diff_density_rms                         ? 
_refine.diff_density_rms_esd                     ? 
_refine.entry_id                                 6VOZ 
_refine.pdbx_refine_id                           'X-RAY DIFFRACTION' 
_refine.ls_abs_structure_details                 ? 
_refine.ls_abs_structure_Flack                   ? 
_refine.ls_abs_structure_Flack_esd               ? 
_refine.ls_abs_structure_Rogers                  ? 
_refine.ls_abs_structure_Rogers_esd              ? 
_refine.ls_d_res_high                            1.3000 
_refine.ls_d_res_low                             31.0700 
_refine.ls_extinction_coef                       ? 
_refine.ls_extinction_coef_esd                   ? 
_refine.ls_extinction_expression                 ? 
_refine.ls_extinction_method                     ? 
_refine.ls_goodness_of_fit_all                   ? 
_refine.ls_goodness_of_fit_all_esd               ? 
_refine.ls_goodness_of_fit_obs                   ? 
_refine.ls_goodness_of_fit_obs_esd               ? 
_refine.ls_hydrogen_treatment                    ? 
_refine.ls_matrix_type                           ? 
_refine.ls_number_constraints                    ? 
_refine.ls_number_parameters                     ? 
_refine.ls_number_reflns_all                     ? 
_refine.ls_number_reflns_obs                     36637 
_refine.ls_number_reflns_R_free                  1933 
_refine.ls_number_reflns_R_work                  ? 
_refine.ls_number_restraints                     ? 
_refine.ls_percent_reflns_obs                    99.3400 
_refine.ls_percent_reflns_R_free                 5.0000 
_refine.ls_R_factor_all                          ? 
_refine.ls_R_factor_obs                          0.1808 
_refine.ls_R_factor_R_free                       0.2064 
_refine.ls_R_factor_R_free_error                 ? 
_refine.ls_R_factor_R_free_error_details         ? 
_refine.ls_R_factor_R_work                       0.1795 
_refine.ls_R_Fsqd_factor_obs                     ? 
_refine.ls_R_I_factor_obs                        ? 
_refine.ls_redundancy_reflns_all                 ? 
_refine.ls_redundancy_reflns_obs                 ? 
_refine.ls_restrained_S_all                      ? 
_refine.ls_restrained_S_obs                      ? 
_refine.ls_shift_over_esd_max                    ? 
_refine.ls_shift_over_esd_mean                   ? 
_refine.ls_structure_factor_coef                 ? 
_refine.ls_weighting_details                     ? 
_refine.ls_weighting_scheme                      ? 
_refine.ls_wR_factor_all                         ? 
_refine.ls_wR_factor_obs                         ? 
_refine.ls_wR_factor_R_free                      ? 
_refine.ls_wR_factor_R_work                      ? 
_refine.occupancy_max                            ? 
_refine.occupancy_min                            ? 
_refine.solvent_model_details                    MASK 
_refine.solvent_model_param_bsol                 ? 
_refine.solvent_model_param_ksol                 ? 
_refine.pdbx_R_complete                          ? 
_refine.ls_R_factor_gt                           ? 
_refine.ls_goodness_of_fit_gt                    ? 
_refine.ls_goodness_of_fit_ref                   ? 
_refine.ls_shift_over_su_max                     ? 
_refine.ls_shift_over_su_max_lt                  ? 
_refine.ls_shift_over_su_mean                    ? 
_refine.ls_shift_over_su_mean_lt                 ? 
_refine.pdbx_ls_sigma_I                          ? 
_refine.pdbx_ls_sigma_F                          0.000 
_refine.pdbx_ls_sigma_Fsqd                       ? 
_refine.pdbx_data_cutoff_high_absF               ? 
_refine.pdbx_data_cutoff_high_rms_absF           ? 
_refine.pdbx_data_cutoff_low_absF                ? 
_refine.pdbx_isotropic_thermal_model             ? 
_refine.pdbx_ls_cross_valid_method               THROUGHOUT 
_refine.pdbx_method_to_determine_struct          'MOLECULAR REPLACEMENT' 
_refine.pdbx_starting_model                      2QCB 
_refine.pdbx_stereochemistry_target_values       'MAXIMUM LIKELIHOOD' 
_refine.pdbx_R_Free_selection_details            RANDOM 
_refine.pdbx_stereochem_target_val_spec_case     ? 
_refine.pdbx_overall_ESU_R                       0.0440 
_refine.pdbx_overall_ESU_R_Free                  0.0470 
_refine.pdbx_solvent_vdw_probe_radii             1.2000 
_refine.pdbx_solvent_ion_probe_radii             0.8000 
_refine.pdbx_solvent_shrinkage_radii             0.8000 
_refine.pdbx_real_space_R                        ? 
_refine.pdbx_density_correlation                 ? 
_refine.pdbx_pd_number_of_powder_patterns        ? 
_refine.pdbx_pd_number_of_points                 ? 
_refine.pdbx_pd_meas_number_of_points            ? 
_refine.pdbx_pd_proc_ls_prof_R_factor            ? 
_refine.pdbx_pd_proc_ls_prof_wR_factor           ? 
_refine.pdbx_pd_Marquardt_correlation_coeff      ? 
_refine.pdbx_pd_Fsqrd_R_factor                   ? 
_refine.pdbx_pd_ls_matrix_band_width             ? 
_refine.pdbx_overall_phase_error                 ? 
_refine.pdbx_overall_SU_R_free_Cruickshank_DPI   ? 
_refine.pdbx_overall_SU_R_free_Blow_DPI          ? 
_refine.pdbx_overall_SU_R_Blow_DPI               ? 
_refine.pdbx_TLS_residual_ADP_flag               ? 
_refine.pdbx_diffrn_id                           1 
_refine.overall_SU_B                             ? 
_refine.overall_SU_ML                            ? 
_refine.overall_SU_R_Cruickshank_DPI             ? 
_refine.overall_SU_R_free                        ? 
_refine.overall_FOM_free_R_set                   ? 
_refine.overall_FOM_work_R_set                   ? 
_refine.pdbx_average_fsc_overall                 ? 
_refine.pdbx_average_fsc_work                    ? 
_refine.pdbx_average_fsc_free                    ? 
# 
_refine_hist.pdbx_refine_id                   'X-RAY DIFFRACTION' 
_refine_hist.cycle_id                         final 
_refine_hist.details                          ? 
_refine_hist.d_res_high                       1.3000 
_refine_hist.d_res_low                        31.0700 
_refine_hist.number_atoms_solvent             120 
_refine_hist.number_atoms_total               1073 
_refine_hist.number_reflns_all                ? 
_refine_hist.number_reflns_obs                ? 
_refine_hist.number_reflns_R_free             ? 
_refine_hist.number_reflns_R_work             ? 
_refine_hist.R_factor_all                     ? 
_refine_hist.R_factor_obs                     ? 
_refine_hist.R_factor_R_free                  ? 
_refine_hist.R_factor_R_work                  ? 
_refine_hist.pdbx_number_residues_total       122 
_refine_hist.pdbx_B_iso_mean_ligand           27.67 
_refine_hist.pdbx_B_iso_mean_solvent          34.34 
_refine_hist.pdbx_number_atoms_protein        913 
_refine_hist.pdbx_number_atoms_nucleic_acid   0 
_refine_hist.pdbx_number_atoms_ligand         40 
_refine_hist.pdbx_number_atoms_lipid          ? 
_refine_hist.pdbx_number_atoms_carb           ? 
_refine_hist.pdbx_pseudo_atom_details         ? 
# 
loop_
_refine_ls_restr.pdbx_refine_id 
_refine_ls_restr.criterion 
_refine_ls_restr.dev_ideal 
_refine_ls_restr.dev_ideal_target 
_refine_ls_restr.number 
_refine_ls_restr.rejects 
_refine_ls_restr.type 
_refine_ls_restr.weight 
_refine_ls_restr.pdbx_restraint_function 
'X-RAY DIFFRACTION' ? 0.018  0.013  990  ? r_bond_refined_d       ? ? 
'X-RAY DIFFRACTION' ? 0.038  0.018  800  ? r_bond_other_d         ? ? 
'X-RAY DIFFRACTION' ? 2.841  1.803  1353 ? r_angle_refined_deg    ? ? 
'X-RAY DIFFRACTION' ? 3.135  1.573  1844 ? r_angle_other_deg      ? ? 
'X-RAY DIFFRACTION' ? 7.945  5.000  121  ? r_dihedral_angle_1_deg ? ? 
'X-RAY DIFFRACTION' ? 24.279 22.292 48   ? r_dihedral_angle_2_deg ? ? 
'X-RAY DIFFRACTION' ? 13.776 15.000 126  ? r_dihedral_angle_3_deg ? ? 
'X-RAY DIFFRACTION' ? 12.758 15.000 5    ? r_dihedral_angle_4_deg ? ? 
'X-RAY DIFFRACTION' ? 0.106  0.200  129  ? r_chiral_restr         ? ? 
'X-RAY DIFFRACTION' ? 0.013  0.020  1124 ? r_gen_planes_refined   ? ? 
'X-RAY DIFFRACTION' ? 0.022  0.020  223  ? r_gen_planes_other     ? ? 
# 
_refine_ls_shell.pdbx_refine_id                   'X-RAY DIFFRACTION' 
_refine_ls_shell.d_res_high                       1.3000 
_refine_ls_shell.d_res_low                        1.3340 
_refine_ls_shell.number_reflns_all                2795 
_refine_ls_shell.number_reflns_obs                ? 
_refine_ls_shell.number_reflns_R_free             159 
_refine_ls_shell.number_reflns_R_work             2636 
_refine_ls_shell.percent_reflns_obs               99.2500 
_refine_ls_shell.percent_reflns_R_free            ? 
_refine_ls_shell.R_factor_all                     ? 
_refine_ls_shell.R_factor_obs                     ? 
_refine_ls_shell.R_factor_R_free                  0.3230 
_refine_ls_shell.R_factor_R_free_error            0.0000 
_refine_ls_shell.R_factor_R_work                  0.3050 
_refine_ls_shell.redundancy_reflns_all            ? 
_refine_ls_shell.redundancy_reflns_obs            ? 
_refine_ls_shell.wR_factor_all                    ? 
_refine_ls_shell.wR_factor_obs                    ? 
_refine_ls_shell.wR_factor_R_free                 ? 
_refine_ls_shell.wR_factor_R_work                 ? 
_refine_ls_shell.pdbx_R_complete                  ? 
_refine_ls_shell.pdbx_total_number_of_bins_used   20 
_refine_ls_shell.pdbx_phase_error                 ? 
_refine_ls_shell.pdbx_fsc_work                    ? 
_refine_ls_shell.pdbx_fsc_free                    ? 
# 
_struct.entry_id                     6VOZ 
_struct.title                        'Artificial Metalloproteins with Dinuclear Iron Centers' 
_struct.pdbx_model_details           ? 
_struct.pdbx_formula_weight          ? 
_struct.pdbx_formula_weight_method   ? 
_struct.pdbx_model_type_details      ? 
_struct.pdbx_CASP_flag               N 
# 
_struct_keywords.entry_id        6VOZ 
_struct_keywords.text            'Biotin binding Artificial Metalloprotein, METAL BINDING PROTEIN' 
_struct_keywords.pdbx_keywords   'METAL BINDING PROTEIN' 
# 
loop_
_struct_asym.id 
_struct_asym.pdbx_blank_PDB_chainid_flag 
_struct_asym.pdbx_modified 
_struct_asym.entity_id 
_struct_asym.details 
A N N 1 ? 
B N N 2 ? 
C N N 3 ? 
D N N 4 ? 
# 
loop_
_struct_conf.conf_type_id 
_struct_conf.id 
_struct_conf.pdbx_PDB_helix_id 
_struct_conf.beg_label_comp_id 
_struct_conf.beg_label_asym_id 
_struct_conf.beg_label_seq_id 
_struct_conf.pdbx_beg_PDB_ins_code 
_struct_conf.end_label_comp_id 
_struct_conf.end_label_asym_id 
_struct_conf.end_label_seq_id 
_struct_conf.pdbx_end_PDB_ins_code 
_struct_conf.beg_auth_comp_id 
_struct_conf.beg_auth_asym_id 
_struct_conf.beg_auth_seq_id 
_struct_conf.end_auth_comp_id 
_struct_conf.end_auth_asym_id 
_struct_conf.end_auth_seq_id 
_struct_conf.pdbx_PDB_helix_class 
_struct_conf.details 
_struct_conf.pdbx_PDB_helix_length 
HELX_P HELX_P1 AA1 ASP A 13  ? THR A 18  ? ASP A 13  THR A 18  1 ? 6 
HELX_P HELX_P2 AA2 THR A 115 ? ALA A 121 ? THR A 115 ALA A 121 5 ? 7 
# 
_struct_conf_type.id          HELX_P 
_struct_conf_type.criteria    ? 
_struct_conf_type.reference   ? 
# 
loop_
_struct_conn.id 
_struct_conn.conn_type_id 
_struct_conn.pdbx_leaving_atom_flag 
_struct_conn.pdbx_PDB_id 
_struct_conn.ptnr1_label_asym_id 
_struct_conn.ptnr1_label_comp_id 
_struct_conn.ptnr1_label_seq_id 
_struct_conn.ptnr1_label_atom_id 
_struct_conn.pdbx_ptnr1_label_alt_id 
_struct_conn.pdbx_ptnr1_PDB_ins_code 
_struct_conn.pdbx_ptnr1_standard_comp_id 
_struct_conn.ptnr1_symmetry 
_struct_conn.ptnr2_label_asym_id 
_struct_conn.ptnr2_label_comp_id 
_struct_conn.ptnr2_label_seq_id 
_struct_conn.ptnr2_label_atom_id 
_struct_conn.pdbx_ptnr2_label_alt_id 
_struct_conn.pdbx_ptnr2_PDB_ins_code 
_struct_conn.ptnr1_auth_asym_id 
_struct_conn.ptnr1_auth_comp_id 
_struct_conn.ptnr1_auth_seq_id 
_struct_conn.ptnr2_auth_asym_id 
_struct_conn.ptnr2_auth_comp_id 
_struct_conn.ptnr2_auth_seq_id 
_struct_conn.ptnr2_symmetry 
_struct_conn.pdbx_ptnr3_label_atom_id 
_struct_conn.pdbx_ptnr3_label_seq_id 
_struct_conn.pdbx_ptnr3_label_comp_id 
_struct_conn.pdbx_ptnr3_label_asym_id 
_struct_conn.pdbx_ptnr3_label_alt_id 
_struct_conn.pdbx_ptnr3_PDB_ins_code 
_struct_conn.details 
_struct_conn.pdbx_dist_value 
_struct_conn.pdbx_value_order 
_struct_conn.pdbx_role 
metalc1 metalc ? ? A TYR 124 OH  ? ? ? 1_555 B KM3 . FE1 ? ? A TYR 124 A KM3 201 1_555  ? ? ? ? ? ? ? 1.777 ? ? 
metalc2 metalc ? ? B KM3 .   FE1 ? ? ? 1_555 C ACT . OXT ? ? A KM3 201 A ACT 202 1_555  ? ? ? ? ? ? ? 2.169 ? ? 
metalc3 metalc ? ? B KM3 .   FE1 ? ? ? 1_555 D HOH . O   ? ? A KM3 201 A HOH 301 1_555  ? ? ? ? ? ? ? 2.156 ? ? 
metalc4 metalc ? ? B KM3 .   FE1 ? ? ? 1_555 D HOH . O   ? ? A KM3 201 A HOH 301 10_665 ? ? ? ? ? ? ? 2.156 ? ? 
# 
_struct_conn_type.id          metalc 
_struct_conn_type.criteria    ? 
_struct_conn_type.reference   ? 
# 
_struct_sheet.id               AA1 
_struct_sheet.type             ? 
_struct_sheet.number_strands   9 
_struct_sheet.details          ? 
# 
loop_
_struct_sheet_order.sheet_id 
_struct_sheet_order.range_id_1 
_struct_sheet_order.range_id_2 
_struct_sheet_order.offset 
_struct_sheet_order.sense 
AA1 1 2 ? anti-parallel 
AA1 2 3 ? anti-parallel 
AA1 3 4 ? anti-parallel 
AA1 4 5 ? anti-parallel 
AA1 5 6 ? anti-parallel 
AA1 6 7 ? anti-parallel 
AA1 7 8 ? anti-parallel 
AA1 8 9 ? anti-parallel 
# 
loop_
_struct_sheet_range.sheet_id 
_struct_sheet_range.id 
_struct_sheet_range.beg_label_comp_id 
_struct_sheet_range.beg_label_asym_id 
_struct_sheet_range.beg_label_seq_id 
_struct_sheet_range.pdbx_beg_PDB_ins_code 
_struct_sheet_range.end_label_comp_id 
_struct_sheet_range.end_label_asym_id 
_struct_sheet_range.end_label_seq_id 
_struct_sheet_range.pdbx_end_PDB_ins_code 
_struct_sheet_range.beg_auth_comp_id 
_struct_sheet_range.beg_auth_asym_id 
_struct_sheet_range.beg_auth_seq_id 
_struct_sheet_range.end_auth_comp_id 
_struct_sheet_range.end_auth_asym_id 
_struct_sheet_range.end_auth_seq_id 
AA1 1 GLY A 19  ? ASN A 23  ? GLY A 19  ASN A 23  
AA1 2 THR A 28  ? ALA A 33  ? THR A 28  ALA A 33  
AA1 3 ALA A 38  ? GLU A 44  ? ALA A 38  GLU A 44  
AA1 4 TYR A 54  ? TYR A 60  ? TYR A 54  TYR A 60  
AA1 5 THR A 71  ? LYS A 80  ? THR A 71  LYS A 80  
AA1 6 ASN A 85  ? VAL A 97  ? ASN A 85  VAL A 97  
AA1 7 ARG A 103 ? SER A 112 ? ARG A 103 SER A 112 
AA1 8 THR A 123 ? THR A 131 ? THR A 123 THR A 131 
AA1 9 GLY A 19  ? ASN A 23  ? GLY A 19  ASN A 23  
# 
loop_
_pdbx_struct_sheet_hbond.sheet_id 
_pdbx_struct_sheet_hbond.range_id_1 
_pdbx_struct_sheet_hbond.range_id_2 
_pdbx_struct_sheet_hbond.range_1_label_atom_id 
_pdbx_struct_sheet_hbond.range_1_label_comp_id 
_pdbx_struct_sheet_hbond.range_1_label_asym_id 
_pdbx_struct_sheet_hbond.range_1_label_seq_id 
_pdbx_struct_sheet_hbond.range_1_PDB_ins_code 
_pdbx_struct_sheet_hbond.range_1_auth_atom_id 
_pdbx_struct_sheet_hbond.range_1_auth_comp_id 
_pdbx_struct_sheet_hbond.range_1_auth_asym_id 
_pdbx_struct_sheet_hbond.range_1_auth_seq_id 
_pdbx_struct_sheet_hbond.range_2_label_atom_id 
_pdbx_struct_sheet_hbond.range_2_label_comp_id 
_pdbx_struct_sheet_hbond.range_2_label_asym_id 
_pdbx_struct_sheet_hbond.range_2_label_seq_id 
_pdbx_struct_sheet_hbond.range_2_PDB_ins_code 
_pdbx_struct_sheet_hbond.range_2_auth_atom_id 
_pdbx_struct_sheet_hbond.range_2_auth_comp_id 
_pdbx_struct_sheet_hbond.range_2_auth_asym_id 
_pdbx_struct_sheet_hbond.range_2_auth_seq_id 
AA1 1 2 N GLY A 19  ? N GLY A 19  O VAL A 31  ? O VAL A 31  
AA1 2 3 N ILE A 30  ? N ILE A 30  O THR A 42  ? O THR A 42  
AA1 3 4 N LEU A 39  ? N LEU A 39  O GLY A 58  ? O GLY A 58  
AA1 4 5 N THR A 57  ? N THR A 57  O THR A 76  ? O THR A 76  
AA1 5 6 N TRP A 79  ? N TRP A 79  O SER A 88  ? O SER A 88  
AA1 6 7 N VAL A 97  ? N VAL A 97  O ARG A 103 ? O ARG A 103 
AA1 7 8 N ILE A 104 ? N ILE A 104 O PHE A 130 ? O PHE A 130 
AA1 8 9 O THR A 131 ? O THR A 131 N TYR A 22  ? N TYR A 22  
# 
loop_
_struct_site.id 
_struct_site.pdbx_evidence_code 
_struct_site.pdbx_auth_asym_id 
_struct_site.pdbx_auth_comp_id 
_struct_site.pdbx_auth_seq_id 
_struct_site.pdbx_auth_ins_code 
_struct_site.pdbx_num_residues 
_struct_site.details 
AC1 Software A KM3 201 ? 21 'binding site for residue KM3 A 201' 
AC2 Software A ACT 202 ? 4  'binding site for residue ACT A 202' 
# 
loop_
_struct_site_gen.id 
_struct_site_gen.site_id 
_struct_site_gen.pdbx_num_res 
_struct_site_gen.label_comp_id 
_struct_site_gen.label_asym_id 
_struct_site_gen.label_seq_id 
_struct_site_gen.pdbx_auth_ins_code 
_struct_site_gen.auth_comp_id 
_struct_site_gen.auth_asym_id 
_struct_site_gen.auth_seq_id 
_struct_site_gen.label_atom_id 
_struct_site_gen.label_alt_id 
_struct_site_gen.symmetry 
_struct_site_gen.details 
1  AC1 21 ASN A 23  ? ASN A 23  . ? 1_555  ? 
2  AC1 21 LEU A 25  ? LEU A 25  . ? 1_555  ? 
3  AC1 21 SER A 27  ? SER A 27  . ? 1_555  ? 
4  AC1 21 TYR A 43  ? TYR A 43  . ? 1_555  ? 
5  AC1 21 SER A 45  ? SER A 45  . ? 1_555  ? 
6  AC1 21 VAL A 47  ? VAL A 47  . ? 1_555  ? 
7  AC1 21 GLY A 48  ? GLY A 48  . ? 1_555  ? 
8  AC1 21 ASN A 49  ? ASN A 49  . ? 1_555  ? 
9  AC1 21 TRP A 79  ? TRP A 79  . ? 1_555  ? 
10 AC1 21 SER A 88  ? SER A 88  . ? 1_555  ? 
11 AC1 21 THR A 90  ? THR A 90  . ? 1_555  ? 
12 AC1 21 TRP A 108 ? TRP A 108 . ? 1_555  ? 
13 AC1 21 TRP A 120 ? TRP A 120 . ? 10_665 ? 
14 AC1 21 ALA A 121 ? ALA A 121 . ? 1_555  ? 
15 AC1 21 TYR A 124 ? TYR A 124 . ? 1_555  ? 
16 AC1 21 ASP A 128 ? ASP A 128 . ? 1_555  ? 
17 AC1 21 ACT C .   ? ACT A 202 . ? 10_665 ? 
18 AC1 21 ACT C .   ? ACT A 202 . ? 1_555  ? 
19 AC1 21 HOH D .   ? HOH A 301 . ? 10_665 ? 
20 AC1 21 HOH D .   ? HOH A 301 . ? 1_555  ? 
21 AC1 21 HOH D .   ? HOH A 343 . ? 1_555  ? 
22 AC2 4  KM3 B .   ? KM3 A 201 . ? 1_555  ? 
23 AC2 4  KM3 B .   ? KM3 A 201 . ? 10_665 ? 
24 AC2 4  HOH D .   ? HOH A 301 . ? 10_665 ? 
25 AC2 4  HOH D .   ? HOH A 301 . ? 1_555  ? 
# 
_atom_sites.entry_id                    6VOZ 
_atom_sites.Cartn_transf_matrix[1][1]   ? 
_atom_sites.Cartn_transf_matrix[1][2]   ? 
_atom_sites.Cartn_transf_matrix[1][3]   ? 
_atom_sites.Cartn_transf_matrix[2][1]   ? 
_atom_sites.Cartn_transf_matrix[2][2]   ? 
_atom_sites.Cartn_transf_matrix[2][3]   ? 
_atom_sites.Cartn_transf_matrix[3][1]   ? 
_atom_sites.Cartn_transf_matrix[3][2]   ? 
_atom_sites.Cartn_transf_matrix[3][3]   ? 
_atom_sites.Cartn_transf_vector[1]      ? 
_atom_sites.Cartn_transf_vector[2]      ? 
_atom_sites.Cartn_transf_vector[3]      ? 
_atom_sites.fract_transf_matrix[1][1]   -0.01553396 
_atom_sites.fract_transf_matrix[1][2]   0.00741256 
_atom_sites.fract_transf_matrix[1][3]   0.00207052 
_atom_sites.fract_transf_matrix[2][1]   0.00476169 
_atom_sites.fract_transf_matrix[2][2]   0.01292057 
_atom_sites.fract_transf_matrix[2][3]   -0.01053195 
_atom_sites.fract_transf_matrix[3][1]   -0.00189352 
_atom_sites.fract_transf_matrix[3][2]   -0.00277728 
_atom_sites.fract_transf_matrix[3][3]   -0.00426326 
_atom_sites.fract_transf_vector[1]      0.241925 
_atom_sites.fract_transf_vector[2]      0.425670 
_atom_sites.fract_transf_vector[3]      -0.010788 
_atom_sites.solution_primary            ? 
_atom_sites.solution_secondary          ? 
_atom_sites.solution_hydrogens          ? 
_atom_sites.special_details             ? 
# 
loop_
_atom_type.symbol 
C  
FE 
N  
O  
S  
# 
loop_
_atom_site.group_PDB 
_atom_site.id 
_atom_site.type_symbol 
_atom_site.label_atom_id 
_atom_site.label_alt_id 
_atom_site.label_comp_id 
_atom_site.label_asym_id 
_atom_site.label_entity_id 
_atom_site.label_seq_id 
_atom_site.pdbx_PDB_ins_code 
_atom_site.Cartn_x 
_atom_site.Cartn_y 
_atom_site.Cartn_z 
_atom_site.occupancy 
_atom_site.B_iso_or_equiv 
_atom_site.pdbx_formal_charge 
_atom_site.auth_seq_id 
_atom_site.auth_comp_id 
_atom_site.auth_asym_id 
_atom_site.auth_atom_id 
_atom_site.pdbx_PDB_model_num 
ATOM   1    N  N   . ASP A 1 13  ? 2.317   -12.375 -12.074 1.00 45.05 ? 13  ASP A N   1 
ATOM   2    C  CA  . ASP A 1 13  ? 3.253   -11.250 -11.715 1.00 41.17 ? 13  ASP A CA  1 
ATOM   3    C  C   . ASP A 1 13  ? 3.686   -11.329 -10.258 1.00 40.95 ? 13  ASP A C   1 
ATOM   4    O  O   . ASP A 1 13  ? 3.960   -10.261 -9.692  1.00 33.92 ? 13  ASP A O   1 
ATOM   5    C  CB  . ASP A 1 13  ? 2.638   -9.863  -11.864 1.00 43.98 ? 13  ASP A CB  1 
ATOM   6    C  CG  . ASP A 1 13  ? 1.722   -9.725  -13.055 1.00 47.44 ? 13  ASP A CG  1 
ATOM   7    O  OD1 . ASP A 1 13  ? 2.232   -9.706  -14.210 1.00 47.83 ? 13  ASP A OD1 1 
ATOM   8    O  OD2 . ASP A 1 13  ? 0.518   -9.684  -12.809 1.00 37.19 ? 13  ASP A OD2 1 
ATOM   9    N  N   . GLU A 1 14  ? 3.779   -12.527 -9.679  1.00 36.78 ? 14  GLU A N   1 
ATOM   10   C  CA  . GLU A 1 14  ? 4.459   -12.740 -8.373  1.00 38.56 ? 14  GLU A CA  1 
ATOM   11   C  C   . GLU A 1 14  ? 5.859   -12.088 -8.415  1.00 36.52 ? 14  GLU A C   1 
ATOM   12   O  O   . GLU A 1 14  ? 6.167   -11.234 -7.555  1.00 26.74 ? 14  GLU A O   1 
ATOM   13   C  CB  . GLU A 1 14  ? 4.489   -14.245 -8.105  1.00 39.29 ? 14  GLU A CB  1 
ATOM   14   C  CG  . GLU A 1 14  ? 4.654   -14.577 -6.658  1.00 40.19 ? 14  GLU A CG  1 
ATOM   15   C  CD  . GLU A 1 14  ? 4.838   -16.058 -6.392  1.00 40.05 ? 14  GLU A CD  1 
ATOM   16   O  OE1 . GLU A 1 14  ? 5.391   -16.386 -5.337  1.00 47.19 ? 14  GLU A OE1 1 
ATOM   17   O  OE2 . GLU A 1 14  ? 4.468   -16.864 -7.275  1.00 41.91 ? 14  GLU A OE2 1 
ATOM   18   N  N   . ALA A 1 15  ? 6.667   -12.412 -9.434  1.00 34.04 ? 15  ALA A N   1 
ATOM   19   C  CA  . ALA A 1 15  ? 8.021   -11.850 -9.637  1.00 36.48 ? 15  ALA A CA  1 
ATOM   20   C  C   . ALA A 1 15  ? 7.956   -10.323 -9.746  1.00 32.89 ? 15  ALA A C   1 
ATOM   21   O  O   . ALA A 1 15  ? 8.734   -9.613  -9.012  1.00 35.92 ? 15  ALA A O   1 
ATOM   22   C  CB  . ALA A 1 15  ? 8.613   -12.444 -10.896 1.00 40.56 ? 15  ALA A CB  1 
ATOM   23   N  N   . GLY A 1 16  ? 7.044   -9.834  -10.602 1.00 28.49 ? 16  GLY A N   1 
ATOM   24   C  CA  . GLY A 1 16  ? 6.918   -8.401  -10.909 1.00 23.66 ? 16  GLY A CA  1 
ATOM   25   C  C   . GLY A 1 16  ? 6.598   -7.588  -9.661  1.00 21.55 ? 16  GLY A C   1 
ATOM   26   O  O   . GLY A 1 16  ? 7.124   -6.497  -9.510  1.00 22.26 ? 16  GLY A O   1 
ATOM   27   N  N   . ILE A 1 17  ? 5.737   -8.093  -8.805  1.00 19.35 ? 17  ILE A N   1 
ATOM   28   C  CA  . ILE A 1 17  ? 5.274   -7.293  -7.633  1.00 16.77 ? 17  ILE A CA  1 
ATOM   29   C  C   . ILE A 1 17  ? 6.260   -7.390  -6.477  1.00 17.65 ? 17  ILE A C   1 
ATOM   30   O  O   . ILE A 1 17  ? 6.521   -6.416  -5.747  1.00 17.05 ? 17  ILE A O   1 
ATOM   31   C  CB  . ILE A 1 17  ? 3.883   -7.768  -7.186  1.00 18.92 ? 17  ILE A CB  1 
ATOM   32   C  CG1 . ILE A 1 17  ? 2.854   -7.430  -8.264  1.00 22.59 ? 17  ILE A CG1 1 
ATOM   33   C  CG2 . ILE A 1 17  ? 3.523   -7.178  -5.829  1.00 18.38 ? 17  ILE A CG2 1 
ATOM   34   C  CD1 . ILE A 1 17  ? 1.519   -8.069  -8.012  1.00 22.04 ? 17  ILE A CD1 1 
ATOM   35   N  N   . THR A 1 18  ? 6.829   -8.558  -6.247  1.00 17.41 ? 18  THR A N   1 
ATOM   36   C  CA  . THR A 1 18  ? 7.697   -8.754  -5.081  1.00 16.71 ? 18  THR A CA  1 
ATOM   37   C  C   . THR A 1 18  ? 8.903   -7.842  -5.157  1.00 17.50 ? 18  THR A C   1 
ATOM   38   O  O   . THR A 1 18  ? 9.540   -7.730  -6.213  1.00 21.32 ? 18  THR A O   1 
ATOM   39   C  CB  . THR A 1 18  ? 8.184   -10.211 -5.007  1.00 17.93 ? 18  THR A CB  1 
ATOM   40   O  OG1 . THR A 1 18  ? 7.086   -11.059 -4.699  1.00 19.94 ? 18  THR A OG1 1 
ATOM   41   C  CG2 . THR A 1 18  ? 9.249   -10.409 -3.958  1.00 19.69 ? 18  THR A CG2 1 
ATOM   42   N  N   . GLY A 1 19  ? 9.219   -7.172  -4.057  1.00 16.50 ? 19  GLY A N   1 
ATOM   43   C  CA  . GLY A 1 19  ? 10.387  -6.281  -3.978  1.00 17.75 ? 19  GLY A CA  1 
ATOM   44   C  C   . GLY A 1 19  ? 10.122  -4.991  -3.246  1.00 16.90 ? 19  GLY A C   1 
ATOM   45   O  O   . GLY A 1 19  ? 9.096   -4.886  -2.501  1.00 17.73 ? 19  GLY A O   1 
ATOM   46   N  N   . THR A 1 20  ? 10.957  -4.016  -3.488  1.00 17.43 ? 20  THR A N   1 
ATOM   47   C  CA  . THR A 1 20  ? 10.944  -2.731  -2.804  1.00 16.23 ? 20  THR A CA  1 
ATOM   48   C  C   . THR A 1 20  ? 10.406  -1.701  -3.778  1.00 18.27 ? 20  THR A C   1 
ATOM   49   O  O   . THR A 1 20  ? 10.819  -1.654  -4.953  1.00 19.90 ? 20  THR A O   1 
ATOM   50   C  CB  . THR A 1 20  ? 12.337  -2.318  -2.306  1.00 18.43 ? 20  THR A CB  1 
ATOM   51   O  OG1 . THR A 1 20  ? 12.773  -3.311  -1.396  1.00 19.44 ? 20  THR A OG1 1 
ATOM   52   C  CG2 . THR A 1 20  ? 12.316  -1.002  -1.588  1.00 19.08 ? 20  THR A CG2 1 
ATOM   53   N  N   . TRP A 1 21  ? 9.428   -0.902  -3.329  1.00 15.08 ? 21  TRP A N   1 
ATOM   54   C  CA  . TRP A 1 21  ? 8.782   0.126   -4.121  1.00 15.24 ? 21  TRP A CA  1 
ATOM   55   C  C   . TRP A 1 21  ? 8.845   1.436   -3.397  1.00 13.79 ? 21  TRP A C   1 
ATOM   56   O  O   . TRP A 1 21  ? 8.906   1.450   -2.140  1.00 15.08 ? 21  TRP A O   1 
ATOM   57   C  CB  . TRP A 1 21  ? 7.316   -0.253  -4.359  1.00 15.09 ? 21  TRP A CB  1 
ATOM   58   C  CG  . TRP A 1 21  ? 7.111   -1.453  -5.216  1.00 15.67 ? 21  TRP A CG  1 
ATOM   59   C  CD1 . TRP A 1 21  ? 7.079   -2.753  -4.821  1.00 15.63 ? 21  TRP A CD1 1 
ATOM   60   C  CD2 . TRP A 1 21  ? 6.878   -1.491  -6.626  1.00 14.52 ? 21  TRP A CD2 1 
ATOM   61   N  NE1 . TRP A 1 21  ? 6.872   -3.578  -5.891  1.00 16.25 ? 21  TRP A NE1 1 
ATOM   62   C  CE2 . TRP A 1 21  ? 6.724   -2.837  -7.003  1.00 15.43 ? 21  TRP A CE2 1 
ATOM   63   C  CE3 . TRP A 1 21  ? 6.795   -0.507  -7.616  1.00 15.01 ? 21  TRP A CE3 1 
ATOM   64   C  CZ2 . TRP A 1 21  ? 6.437   -3.212  -8.311  1.00 16.25 ? 21  TRP A CZ2 1 
ATOM   65   C  CZ3 . TRP A 1 21  ? 6.473   -0.886  -8.896  1.00 15.47 ? 21  TRP A CZ3 1 
ATOM   66   C  CH2 . TRP A 1 21  ? 6.358   -2.213  -9.233  1.00 16.82 ? 21  TRP A CH2 1 
ATOM   67   N  N   . TYR A 1 22  ? 8.807   2.523   -4.149  1.00 14.40 ? 22  TYR A N   1 
ATOM   68   C  CA  . TYR A 1 22  ? 8.912   3.860   -3.567  1.00 14.99 ? 22  TYR A CA  1 
ATOM   69   C  C   . TYR A 1 22  ? 7.834   4.772   -4.147  1.00 14.32 ? 22  TYR A C   1 
ATOM   70   O  O   . TYR A 1 22  ? 7.557   4.637   -5.310  1.00 15.16 ? 22  TYR A O   1 
ATOM   71   C  CB  . TYR A 1 22  ? 10.281  4.474   -3.900  1.00 17.91 ? 22  TYR A CB  1 
ATOM   72   C  CG  . TYR A 1 22  ? 11.475  3.606   -3.571  1.00 16.76 ? 22  TYR A CG  1 
ATOM   73   C  CD1 . TYR A 1 22  ? 11.991  3.594   -2.301  1.00 18.83 ? 22  TYR A CD1 1 
ATOM   74   C  CD2 . TYR A 1 22  ? 11.972  2.717   -4.536  1.00 17.58 ? 22  TYR A CD2 1 
ATOM   75   C  CE1 . TYR A 1 22  ? 13.097  2.792   -2.002  1.00 18.22 ? 22  TYR A CE1 1 
ATOM   76   C  CE2 . TYR A 1 22  ? 13.030  1.887   -4.249  1.00 17.33 ? 22  TYR A CE2 1 
ATOM   77   C  CZ  . TYR A 1 22  ? 13.597  1.957   -2.990  1.00 19.02 ? 22  TYR A CZ  1 
ATOM   78   O  OH  . TYR A 1 22  ? 14.689  1.138   -2.675  1.00 19.81 ? 22  TYR A OH  1 
ATOM   79   N  N   . ASN A 1 23  ? 7.158   5.586   -3.324  1.00 14.27 ? 23  ASN A N   1 
ATOM   80   C  CA  . ASN A 1 23  ? 6.161   6.501   -3.897  1.00 12.95 ? 23  ASN A CA  1 
ATOM   81   C  C   . ASN A 1 23  ? 6.718   7.906   -4.030  1.00 16.54 ? 23  ASN A C   1 
ATOM   82   O  O   . ASN A 1 23  ? 7.901   8.183   -3.664  1.00 16.65 ? 23  ASN A O   1 
ATOM   83   C  CB  . ASN A 1 23  ? 4.834   6.408   -3.151  1.00 12.97 ? 23  ASN A CB  1 
ATOM   84   C  CG  . ASN A 1 23  ? 4.854   7.012   -1.779  1.00 13.78 ? 23  ASN A CG  1 
ATOM   85   O  OD1 . ASN A 1 23  ? 5.774   7.737   -1.385  1.00 14.28 ? 23  ASN A OD1 1 
ATOM   86   N  ND2 . ASN A 1 23  ? 3.786   6.767   -1.018  1.00 14.81 ? 23  ASN A ND2 1 
ATOM   87   N  N   . GLN A 1 24  ? 5.849   8.812   -4.449  1.00 15.14 ? 24  GLN A N   1 
ATOM   88   C  CA  . GLN A 1 24  ? 6.209   10.201  -4.764  1.00 16.34 ? 24  GLN A CA  1 
ATOM   89   C  C   . GLN A 1 24  ? 6.520   10.950  -3.489  1.00 16.65 ? 24  GLN A C   1 
ATOM   90   O  O   . GLN A 1 24  ? 7.140   12.050  -3.615  1.00 19.85 ? 24  GLN A O   1 
ATOM   91   C  CB  . GLN A 1 24  ? 5.093   10.849  -5.592  1.00 16.98 ? 24  GLN A CB  1 
ATOM   92   C  CG  . GLN A 1 24  ? 3.799   11.214  -4.839  1.00 16.31 ? 24  GLN A CG  1 
ATOM   93   C  CD  . GLN A 1 24  ? 2.953   10.059  -4.346  1.00 16.36 ? 24  GLN A CD  1 
ATOM   94   O  OE1 . GLN A 1 24  ? 3.071   8.912   -4.802  1.00 16.71 ? 24  GLN A OE1 1 
ATOM   95   N  NE2 . GLN A 1 24  ? 2.083   10.379  -3.390  1.00 17.60 ? 24  GLN A NE2 1 
ATOM   96   N  N   . LEU A 1 25  ? 6.149   10.505  -2.301  1.00 15.58 ? 25  LEU A N   1 
ATOM   97   C  CA  . LEU A 1 25  ? 6.476   11.163  -1.022  1.00 16.57 ? 25  LEU A CA  1 
ATOM   98   C  C   . LEU A 1 25  ? 7.834   10.682  -0.499  1.00 19.06 ? 25  LEU A C   1 
ATOM   99   O  O   . LEU A 1 25  ? 8.232   11.275  0.546   1.00 22.95 ? 25  LEU A O   1 
ATOM   100  C  CB  . LEU A 1 25  ? 5.394   10.854  0.005   1.00 18.50 ? 25  LEU A CB  1 
ATOM   101  C  CG  . LEU A 1 25  ? 3.983   11.318  -0.338  1.00 20.07 ? 25  LEU A CG  1 
ATOM   102  C  CD1 . LEU A 1 25  ? 2.949   10.708  0.597   1.00 20.63 ? 25  LEU A CD1 1 
ATOM   103  C  CD2 . LEU A 1 25  ? 3.906   12.840  -0.270  1.00 23.78 ? 25  LEU A CD2 1 
ATOM   104  N  N   . GLY A 1 26  ? 8.408   9.667   -1.110  1.00 18.00 ? 26  GLY A N   1 
ATOM   105  C  CA  . GLY A 1 26  ? 9.632   9.020   -0.593  1.00 19.74 ? 26  GLY A CA  1 
ATOM   106  C  C   . GLY A 1 26  ? 9.328   7.931   0.429   1.00 18.78 ? 26  GLY A C   1 
ATOM   107  O  O   . GLY A 1 26  ? 10.265  7.478   1.126   1.00 20.17 ? 26  GLY A O   1 
ATOM   108  N  N   . SER A 1 27  ? 8.067   7.450   0.542   1.00 15.56 ? 27  SER A N   1 
ATOM   109  C  CA  . SER A 1 27  ? 7.768   6.285   1.384   1.00 14.53 ? 27  SER A CA  1 
ATOM   110  C  C   . SER A 1 27  ? 8.307   5.017   0.707   1.00 14.15 ? 27  SER A C   1 
ATOM   111  O  O   . SER A 1 27  ? 8.374   4.962   -0.512  1.00 16.04 ? 27  SER A O   1 
ATOM   112  C  CB  . SER A 1 27  ? 6.262   6.196   1.597   1.00 13.63 ? 27  SER A CB  1 
ATOM   113  O  OG  . SER A 1 27  ? 5.835   7.372   2.270   1.00 14.41 ? 27  SER A OG  1 
ATOM   114  N  N   . THR A 1 28  ? 8.523   3.981   1.506   1.00 15.25 ? 28  THR A N   1 
ATOM   115  C  CA  . THR A 1 28  ? 9.093   2.681   1.076   1.00 16.09 ? 28  THR A CA  1 
ATOM   116  C  C   . THR A 1 28  ? 8.132   1.551   1.421   1.00 15.75 ? 28  THR A C   1 
ATOM   117  O  O   . THR A 1 28  ? 7.714   1.380   2.578   1.00 17.62 ? 28  THR A O   1 
ATOM   118  C  CB  . THR A 1 28  ? 10.425  2.389   1.800   1.00 18.15 ? 28  THR A CB  1 
ATOM   119  O  OG1 . THR A 1 28  ? 11.317  3.471   1.637   1.00 24.63 ? 28  THR A OG1 1 
ATOM   120  C  CG2 . THR A 1 28  ? 11.108  1.171   1.238   1.00 19.86 ? 28  THR A CG2 1 
ATOM   121  N  N   . PHE A 1 29  ? 7.755   0.819   0.389   1.00 16.08 ? 29  PHE A N   1 
ATOM   122  C  CA  . PHE A 1 29  ? 6.776   -0.297  0.415   1.00 16.59 ? 29  PHE A CA  1 
ATOM   123  C  C   . PHE A 1 29  ? 7.608   -1.557  0.081   1.00 17.08 ? 29  PHE A C   1 
ATOM   124  O  O   . PHE A 1 29  ? 8.046   -1.675  -1.073  1.00 17.79 ? 29  PHE A O   1 
ATOM   125  C  CB  . PHE A 1 29  ? 5.658   0.039   -0.589  1.00 16.38 ? 29  PHE A CB  1 
ATOM   126  C  CG  . PHE A 1 29  ? 4.715   -1.057  -0.945  1.00 16.57 ? 29  PHE A CG  1 
ATOM   127  C  CD1 . PHE A 1 29  ? 4.101   -1.843  -0.002  1.00 17.06 ? 29  PHE A CD1 1 
ATOM   128  C  CD2 . PHE A 1 29  ? 4.277   -1.230  -2.253  1.00 17.74 ? 29  PHE A CD2 1 
ATOM   129  C  CE1 . PHE A 1 29  ? 3.174   -2.806  -0.331  1.00 16.14 ? 29  PHE A CE1 1 
ATOM   130  C  CE2 . PHE A 1 29  ? 3.413   -2.226  -2.597  1.00 18.28 ? 29  PHE A CE2 1 
ATOM   131  C  CZ  . PHE A 1 29  ? 2.834   -3.023  -1.629  1.00 15.15 ? 29  PHE A CZ  1 
ATOM   132  N  N   . ILE A 1 30  ? 7.767   -2.466  1.030   1.00 15.71 ? 30  ILE A N   1 
ATOM   133  C  CA  . ILE A 1 30  ? 8.542   -3.707  0.866   1.00 17.08 ? 30  ILE A CA  1 
ATOM   134  C  C   . ILE A 1 30  ? 7.539   -4.853  0.890   1.00 15.73 ? 30  ILE A C   1 
ATOM   135  O  O   . ILE A 1 30  ? 6.784   -4.960  1.840   1.00 19.06 ? 30  ILE A O   1 
ATOM   136  C  CB  . ILE A 1 30  ? 9.596   -3.805  1.987   1.00 21.72 ? 30  ILE A CB  1 
ATOM   137  C  CG1 . ILE A 1 30  ? 10.691  -2.775  1.725   1.00 23.62 ? 30  ILE A CG1 1 
ATOM   138  C  CG2 . ILE A 1 30  ? 10.114  -5.230  2.079   1.00 24.01 ? 30  ILE A CG2 1 
ATOM   139  C  CD1 . ILE A 1 30  ? 11.776  -2.675  2.772   1.00 25.63 ? 30  ILE A CD1 1 
ATOM   140  N  N   . VAL A 1 31  ? 7.374   -5.562  -0.201  1.00 15.89 ? 31  VAL A N   1 
ATOM   141  C  CA  . VAL A 1 31  ? 6.300   -6.560  -0.318  1.00 16.73 ? 31  VAL A CA  1 
ATOM   142  C  C   . VAL A 1 31  ? 6.837   -7.882  -0.859  1.00 17.98 ? 31  VAL A C   1 
ATOM   143  O  O   . VAL A 1 31  ? 7.667   -7.884  -1.789  1.00 17.97 ? 31  VAL A O   1 
ATOM   144  C  CB  . VAL A 1 31  ? 5.136   -5.970  -1.132  1.00 16.48 ? 31  VAL A CB  1 
ATOM   145  C  CG1 . VAL A 1 31  ? 5.485   -5.739  -2.612  1.00 18.12 ? 31  VAL A CG1 1 
ATOM   146  C  CG2 . VAL A 1 31  ? 3.816   -6.720  -0.935  1.00 18.58 ? 31  VAL A CG2 1 
ATOM   147  N  N   . THR A 1 32  ? 6.180   -8.945  -0.439  1.00 16.49 ? 32  THR A N   1 
ATOM   148  C  CA  . THR A 1 32  ? 6.316   -10.267 -1.057  1.00 18.62 ? 32  THR A CA  1 
ATOM   149  C  C   . THR A 1 32  ? 4.952   -10.720 -1.533  1.00 17.44 ? 32  THR A C   1 
ATOM   150  O  O   . THR A 1 32  ? 4.026   -10.704 -0.728  1.00 17.87 ? 32  THR A O   1 
ATOM   151  C  CB  . THR A 1 32  ? 6.874   -11.304 -0.094  1.00 22.24 ? 32  THR A CB  1 
ATOM   152  O  OG1 . THR A 1 32  ? 8.165   -10.855 0.345   1.00 25.76 ? 32  THR A OG1 1 
ATOM   153  C  CG2 . THR A 1 32  ? 7.044   -12.647 -0.771  1.00 25.49 ? 32  THR A CG2 1 
ATOM   154  N  N   . ALA A 1 33  ? 4.870   -11.069 -2.802  1.00 17.21 ? 33  ALA A N   1 
ATOM   155  C  CA  . ALA A 1 33  ? 3.644   -11.624 -3.414  1.00 17.67 ? 33  ALA A CA  1 
ATOM   156  C  C   . ALA A 1 33  ? 3.714   -13.150 -3.349  1.00 20.26 ? 33  ALA A C   1 
ATOM   157  O  O   . ALA A 1 33  ? 4.691   -13.704 -3.911  1.00 23.35 ? 33  ALA A O   1 
ATOM   158  C  CB  . ALA A 1 33  ? 3.463   -11.106 -4.797  1.00 19.41 ? 33  ALA A CB  1 
ATOM   159  N  N   . GLY A 1 34  ? 2.782   -13.796 -2.686  1.00 19.48 ? 34  GLY A N   1 
ATOM   160  C  CA  . GLY A 1 34  ? 2.626   -15.262 -2.595  1.00 20.21 ? 34  GLY A CA  1 
ATOM   161  C  C   . GLY A 1 34  ? 1.956   -15.863 -3.806  1.00 23.19 ? 34  GLY A C   1 
ATOM   162  O  O   . GLY A 1 34  ? 1.171   -15.206 -4.486  1.00 21.09 ? 34  GLY A O   1 
ATOM   163  N  N   . ALA A 1 35  ? 2.246   -17.132 -4.130  1.00 22.67 ? 35  ALA A N   1 
ATOM   164  C  CA  . ALA A 1 35  ? 1.599   -17.784 -5.286  1.00 24.07 ? 35  ALA A CA  1 
ATOM   165  C  C   . ALA A 1 35  ? 0.073   -17.812 -5.169  1.00 25.46 ? 35  ALA A C   1 
ATOM   166  O  O   . ALA A 1 35  ? -0.557  -17.876 -6.236  1.00 30.96 ? 35  ALA A O   1 
ATOM   167  C  CB  . ALA A 1 35  ? 2.105   -19.204 -5.470  1.00 26.33 ? 35  ALA A CB  1 
ATOM   168  N  N   . ASP A 1 36  ? -0.433  -17.775 -3.929  1.00 27.05 ? 36  ASP A N   1 
ATOM   169  C  CA  . ASP A 1 36  ? -1.849  -17.897 -3.492  1.00 32.84 ? 36  ASP A CA  1 
ATOM   170  C  C   . ASP A 1 36  ? -2.584  -16.543 -3.566  1.00 26.40 ? 36  ASP A C   1 
ATOM   171  O  O   . ASP A 1 36  ? -3.777  -16.549 -3.301  1.00 28.78 ? 36  ASP A O   1 
ATOM   172  C  CB  . ASP A 1 36  ? -1.879  -18.396 -2.029  1.00 37.18 ? 36  ASP A CB  1 
ATOM   173  C  CG  . ASP A 1 36  ? -1.063  -17.542 -1.032  1.00 43.75 ? 36  ASP A CG  1 
ATOM   174  O  OD1 . ASP A 1 36  ? -0.358  -16.611 -1.478  1.00 29.34 ? 36  ASP A OD1 1 
ATOM   175  O  OD2 . ASP A 1 36  ? -1.123  -17.807 0.196   1.00 42.71 ? 36  ASP A OD2 1 
ATOM   176  N  N   . GLY A 1 37  ? -1.908  -15.436 -3.896  1.00 20.58 ? 37  GLY A N   1 
ATOM   177  C  CA  . GLY A 1 37  ? -2.585  -14.108 -3.899  1.00 17.72 ? 37  GLY A CA  1 
ATOM   178  C  C   . GLY A 1 37  ? -2.249  -13.297 -2.678  1.00 16.68 ? 37  GLY A C   1 
ATOM   179  O  O   . GLY A 1 37  ? -2.784  -12.201 -2.563  1.00 15.44 ? 37  GLY A O   1 
ATOM   180  N  N   . ALA A 1 38  ? -1.437  -13.765 -1.745  1.00 15.69 ? 38  ALA A N   1 
ATOM   181  C  CA  . ALA A 1 38  ? -1.120  -12.975 -0.536  1.00 15.34 ? 38  ALA A CA  1 
ATOM   182  C  C   . ALA A 1 38  ? -0.076  -11.910 -0.816  1.00 16.21 ? 38  ALA A C   1 
ATOM   183  O  O   . ALA A 1 38  ? 0.821   -12.098 -1.630  1.00 17.66 ? 38  ALA A O   1 
ATOM   184  C  CB  . ALA A 1 38  ? -0.662  -13.861 0.582   1.00 19.35 ? 38  ALA A CB  1 
ATOM   185  N  N   . LEU A 1 39  ? -0.243  -10.773 -0.144  1.00 14.84 ? 39  LEU A N   1 
ATOM   186  C  CA  . LEU A 1 39  ? 0.796   -9.738  -0.012  1.00 14.09 ? 39  LEU A CA  1 
ATOM   187  C  C   . LEU A 1 39  ? 1.141   -9.590  1.429   1.00 13.75 ? 39  LEU A C   1 
ATOM   188  O  O   . LEU A 1 39  ? 0.291   -9.485  2.308   1.00 14.64 ? 39  LEU A O   1 
ATOM   189  C  CB  . LEU A 1 39  ? 0.364   -8.348  -0.521  1.00 14.33 ? 39  LEU A CB  1 
ATOM   190  C  CG  . LEU A 1 39  ? -0.106  -8.294  -1.972  1.00 14.91 ? 39  LEU A CG  1 
ATOM   191  C  CD1 . LEU A 1 39  ? -0.627  -6.885  -2.262  1.00 14.51 ? 39  LEU A CD1 1 
ATOM   192  C  CD2 . LEU A 1 39  ? 1.006   -8.655  -2.922  1.00 15.32 ? 39  LEU A CD2 1 
ATOM   193  N  N   . THR A 1 40  ? 2.446   -9.612  1.702   1.00 15.41 ? 40  THR A N   1 
ATOM   194  C  CA  . THR A 1 40  ? 2.978   -9.436  3.068   1.00 16.27 ? 40  THR A CA  1 
ATOM   195  C  C   . THR A 1 40  ? 4.206   -8.534  2.976   1.00 15.56 ? 40  THR A C   1 
ATOM   196  O  O   . THR A 1 40  ? 4.936   -8.605  1.997   1.00 20.08 ? 40  THR A O   1 
ATOM   197  C  CB  . THR A 1 40  ? 3.379   -10.786 3.689   1.00 19.94 ? 40  THR A CB  1 
ATOM   198  O  OG1 A THR A 1 40  ? 4.459   -11.330 2.941   0.50 26.19 ? 40  THR A OG1 1 
ATOM   199  O  OG1 B THR A 1 40  ? 4.454   -11.339 2.939   0.50 26.21 ? 40  THR A OG1 1 
ATOM   200  C  CG2 A THR A 1 40  ? 2.257   -11.786 3.652   0.50 20.32 ? 40  THR A CG2 1 
ATOM   201  C  CG2 B THR A 1 40  ? 2.253   -11.781 3.661   0.50 20.33 ? 40  THR A CG2 1 
ATOM   202  N  N   . GLY A 1 41  ? 4.449   -7.744  3.997   1.00 14.64 ? 41  GLY A N   1 
ATOM   203  C  CA  . GLY A 1 41  ? 5.672   -6.955  4.062   1.00 15.84 ? 41  GLY A CA  1 
ATOM   204  C  C   . GLY A 1 41  ? 5.599   -5.831  5.059   1.00 13.48 ? 41  GLY A C   1 
ATOM   205  O  O   . GLY A 1 41  ? 4.967   -5.984  6.114   1.00 14.46 ? 41  GLY A O   1 
ATOM   206  N  N   . THR A 1 42  ? 6.289   -4.746  4.698   1.00 14.29 ? 42  THR A N   1 
ATOM   207  C  CA  . THR A 1 42  ? 6.439   -3.601  5.597   1.00 15.14 ? 42  THR A CA  1 
ATOM   208  C  C   . THR A 1 42  ? 6.313   -2.307  4.821   1.00 14.88 ? 42  THR A C   1 
ATOM   209  O  O   . THR A 1 42  ? 6.614   -2.277  3.642   1.00 15.34 ? 42  THR A O   1 
ATOM   210  C  CB  . THR A 1 42  ? 7.741   -3.578  6.411   1.00 16.70 ? 42  THR A CB  1 
ATOM   211  O  OG1 . THR A 1 42  ? 8.817   -3.460  5.503   1.00 19.75 ? 42  THR A OG1 1 
ATOM   212  C  CG2 . THR A 1 42  ? 7.843   -4.792  7.290   1.00 19.10 ? 42  THR A CG2 1 
ATOM   213  N  N   . TYR A 1 43  ? 5.856   -1.293  5.550   1.00 13.73 ? 43  TYR A N   1 
ATOM   214  C  CA  . TYR A 1 43  ? 5.678   0.053   4.972   1.00 13.08 ? 43  TYR A CA  1 
ATOM   215  C  C   . TYR A 1 43  ? 6.361   1.054   5.882   1.00 13.15 ? 43  TYR A C   1 
ATOM   216  O  O   . TYR A 1 43  ? 6.170   0.996   7.108   1.00 14.53 ? 43  TYR A O   1 
ATOM   217  C  CB  . TYR A 1 43  ? 4.171   0.404   4.836   1.00 13.69 ? 43  TYR A CB  1 
ATOM   218  C  CG  . TYR A 1 43  ? 3.905   1.489   3.824   1.00 12.39 ? 43  TYR A CG  1 
ATOM   219  C  CD1 . TYR A 1 43  ? 3.984   2.810   4.177   1.00 12.32 ? 43  TYR A CD1 1 
ATOM   220  C  CD2 . TYR A 1 43  ? 3.495   1.179   2.543   1.00 12.06 ? 43  TYR A CD2 1 
ATOM   221  C  CE1 . TYR A 1 43  ? 3.772   3.822   3.257   1.00 12.38 ? 43  TYR A CE1 1 
ATOM   222  C  CE2 . TYR A 1 43  ? 3.291   2.166   1.601   1.00 12.03 ? 43  TYR A CE2 1 
ATOM   223  C  CZ  . TYR A 1 43  ? 3.386   3.491   1.967   1.00 12.02 ? 43  TYR A CZ  1 
ATOM   224  O  OH  . TYR A 1 43  ? 3.132   4.440   1.046   1.00 12.88 ? 43  TYR A OH  1 
ATOM   225  N  N   . GLU A 1 44  ? 7.032   1.999   5.275   1.00 12.85 ? 44  GLU A N   1 
ATOM   226  C  CA  . GLU A 1 44  ? 7.651   3.102   6.021   1.00 14.13 ? 44  GLU A CA  1 
ATOM   227  C  C   . GLU A 1 44  ? 7.211   4.402   5.346   1.00 14.00 ? 44  GLU A C   1 
ATOM   228  O  O   . GLU A 1 44  ? 7.462   4.576   4.173   1.00 15.12 ? 44  GLU A O   1 
ATOM   229  C  CB  . GLU A 1 44  ? 9.178   2.984   5.939   1.00 17.05 ? 44  GLU A CB  1 
ATOM   230  C  CG  . GLU A 1 44  ? 9.877   4.107   6.649   1.00 20.50 ? 44  GLU A CG  1 
ATOM   231  C  CD  . GLU A 1 44  ? 11.403  3.930   6.715   1.00 27.61 ? 44  GLU A CD  1 
ATOM   232  O  OE1 . GLU A 1 44  ? 12.049  4.743   7.448   1.00 33.00 ? 44  GLU A OE1 1 
ATOM   233  O  OE2 . GLU A 1 44  ? 11.928  3.012   6.051   1.00 33.07 ? 44  GLU A OE2 1 
ATOM   234  N  N   . SER A 1 45  ? 6.438   5.207   6.059   1.00 14.72 ? 45  SER A N   1 
ATOM   235  C  CA  . SER A 1 45  ? 5.904   6.483   5.554   1.00 13.90 ? 45  SER A CA  1 
ATOM   236  C  C   . SER A 1 45  ? 6.939   7.579   5.731   1.00 14.86 ? 45  SER A C   1 
ATOM   237  O  O   . SER A 1 45  ? 7.378   7.785   6.895   1.00 17.42 ? 45  SER A O   1 
ATOM   238  C  CB  . SER A 1 45  ? 4.629   6.850   6.195   1.00 13.78 ? 45  SER A CB  1 
ATOM   239  O  OG  . SER A 1 45  ? 4.194   8.061   5.616   1.00 14.48 ? 45  SER A OG  1 
ATOM   240  N  N   . ALA A 1 46  ? 7.188   8.346   4.689   1.00 15.08 ? 46  ALA A N   1 
ATOM   241  C  CA  . ALA A 1 46  ? 8.049   9.554   4.802   1.00 17.43 ? 46  ALA A CA  1 
ATOM   242  C  C   . ALA A 1 46  ? 7.285   10.707  5.454   1.00 16.99 ? 46  ALA A C   1 
ATOM   243  O  O   . ALA A 1 46  ? 7.912   11.749  5.757   1.00 18.93 ? 46  ALA A O   1 
ATOM   244  C  CB  . ALA A 1 46  ? 8.522   9.960   3.462   1.00 19.20 ? 46  ALA A CB  1 
ATOM   245  N  N   . VAL A 1 47  ? 5.976   10.643  5.629   1.00 15.62 ? 47  VAL A N   1 
ATOM   246  C  CA  . VAL A 1 47  ? 5.147   11.723  6.179   1.00 14.48 ? 47  VAL A CA  1 
ATOM   247  C  C   . VAL A 1 47  ? 4.200   11.210  7.259   1.00 14.74 ? 47  VAL A C   1 
ATOM   248  O  O   . VAL A 1 47  ? 3.912   10.013  7.385   1.00 14.53 ? 47  VAL A O   1 
ATOM   249  C  CB  . VAL A 1 47  ? 4.323   12.423  5.082   1.00 14.75 ? 47  VAL A CB  1 
ATOM   250  C  CG1 . VAL A 1 47  ? 5.217   12.988  4.001   1.00 15.79 ? 47  VAL A CG1 1 
ATOM   251  C  CG2 . VAL A 1 47  ? 3.292   11.476  4.448   1.00 13.78 ? 47  VAL A CG2 1 
ATOM   252  N  N   . GLY A 1 48  ? 3.677   12.144  7.996   1.00 14.65 ? 48  GLY A N   1 
ATOM   253  C  CA  . GLY A 1 48  ? 2.630   11.874  8.960   1.00 14.95 ? 48  GLY A CA  1 
ATOM   254  C  C   . GLY A 1 48  ? 3.149   11.370  10.280  1.00 13.84 ? 48  GLY A C   1 
ATOM   255  O  O   . GLY A 1 48  ? 4.380   11.459  10.595  1.00 15.94 ? 48  GLY A O   1 
ATOM   256  N  N   . ASN A 1 49  ? 2.247   10.870  11.082  1.00 13.68 ? 49  ASN A N   1 
ATOM   257  C  CA  . ASN A 1 49  ? 2.563   10.422  12.455  1.00 15.06 ? 49  ASN A CA  1 
ATOM   258  C  C   . ASN A 1 49  ? 3.048   8.963   12.358  1.00 15.73 ? 49  ASN A C   1 
ATOM   259  O  O   . ASN A 1 49  ? 2.307   8.019   12.650  1.00 16.15 ? 49  ASN A O   1 
ATOM   260  C  CB  . ASN A 1 49  ? 1.362   10.571  13.342  1.00 15.99 ? 49  ASN A CB  1 
ATOM   261  C  CG  . ASN A 1 49  ? 1.676   10.269  14.793  1.00 18.70 ? 49  ASN A CG  1 
ATOM   262  O  OD1 . ASN A 1 49  ? 2.848   10.065  15.130  1.00 19.11 ? 49  ASN A OD1 1 
ATOM   263  N  ND2 . ASN A 1 49  ? 0.645   10.143  15.597  1.00 19.44 ? 49  ASN A ND2 1 
ATOM   264  N  N   . ALA A 1 50  ? 4.285   8.817   11.937  1.00 15.68 ? 50  ALA A N   1 
ATOM   265  C  CA  . ALA A 1 50  ? 4.852   7.517   11.543  1.00 16.01 ? 50  ALA A CA  1 
ATOM   266  C  C   . ALA A 1 50  ? 6.347   7.538   11.742  1.00 16.54 ? 50  ALA A C   1 
ATOM   267  O  O   . ALA A 1 50  ? 6.988   8.546   11.403  1.00 18.14 ? 50  ALA A O   1 
ATOM   268  C  CB  . ALA A 1 50  ? 4.494   7.154   10.106  1.00 17.00 ? 50  ALA A CB  1 
ATOM   269  N  N   . GLU A 1 51  ? 6.859   6.417   12.248  1.00 16.08 ? 51  GLU A N   1 
ATOM   270  C  CA  . GLU A 1 51  ? 8.309   6.249   12.349  1.00 18.43 ? 51  GLU A CA  1 
ATOM   271  C  C   . GLU A 1 51  ? 8.618   4.793   12.080  1.00 16.01 ? 51  GLU A C   1 
ATOM   272  O  O   . GLU A 1 51  ? 7.964   3.911   12.636  1.00 16.67 ? 51  GLU A O   1 
ATOM   273  C  CB  . GLU A 1 51  ? 8.711   6.734   13.750  1.00 23.30 ? 51  GLU A CB  1 
ATOM   274  C  CG  . GLU A 1 51  ? 9.921   6.120   14.371  1.00 28.01 ? 51  GLU A CG  1 
ATOM   275  C  CD  . GLU A 1 51  ? 10.139  6.559   15.826  1.00 26.86 ? 51  GLU A CD  1 
ATOM   276  O  OE1 . GLU A 1 51  ? 11.179  6.275   16.305  1.00 35.99 ? 51  GLU A OE1 1 
ATOM   277  O  OE2 . GLU A 1 51  ? 9.218   7.168   16.459  1.00 31.98 ? 51  GLU A OE2 1 
ATOM   278  N  N   . SER A 1 52  ? 9.640   4.572   11.298  1.00 17.09 ? 52  SER A N   1 
ATOM   279  C  CA  . SER A 1 52  ? 10.172  3.225   11.025  1.00 17.30 ? 52  SER A CA  1 
ATOM   280  C  C   . SER A 1 52  ? 9.126   2.388   10.266  1.00 16.52 ? 52  SER A C   1 
ATOM   281  O  O   . SER A 1 52  ? 8.256   2.934   9.581   1.00 18.00 ? 52  SER A O   1 
ATOM   282  C  CB  . SER A 1 52  ? 10.641  2.543   12.280  1.00 22.77 ? 52  SER A CB  1 
ATOM   283  O  OG  . SER A 1 52  ? 11.418  1.396   11.911  1.00 29.24 ? 52  SER A OG  1 
ATOM   284  N  N   . ARG A 1 53  ? 9.180   1.082   10.392  1.00 16.45 ? 53  ARG A N   1 
ATOM   285  C  CA  . ARG A 1 53  ? 8.381   0.154   9.574   1.00 15.43 ? 53  ARG A CA  1 
ATOM   286  C  C   . ARG A 1 53  ? 7.143   -0.297  10.330  1.00 14.22 ? 53  ARG A C   1 
ATOM   287  O  O   . ARG A 1 53  ? 7.123   -0.458  11.546  1.00 15.18 ? 53  ARG A O   1 
ATOM   288  C  CB  . ARG A 1 53  ? 9.230   -1.065  9.190   1.00 17.33 ? 53  ARG A CB  1 
ATOM   289  C  CG  . ARG A 1 53  ? 10.259  -0.717  8.116   1.00 20.72 ? 53  ARG A CG  1 
ATOM   290  C  CD  . ARG A 1 53  ? 11.385  -1.700  8.044   1.00 29.23 ? 53  ARG A CD  1 
ATOM   291  N  NE  A ARG A 1 53  ? 12.048  -1.592  6.734   0.50 32.71 ? 53  ARG A NE  1 
ATOM   292  N  NE  B ARG A 1 53  ? 12.122  -2.570  8.950   0.50 29.84 ? 53  ARG A NE  1 
ATOM   293  C  CZ  A ARG A 1 53  ? 13.035  -0.736  6.425   0.50 33.79 ? 53  ARG A CZ  1 
ATOM   294  C  CZ  B ARG A 1 53  ? 13.294  -2.286  9.517   0.50 36.23 ? 53  ARG A CZ  1 
ATOM   295  N  NH1 A ARG A 1 53  ? 13.556  -0.736  5.206   0.50 31.17 ? 53  ARG A NH1 1 
ATOM   296  N  NH1 B ARG A 1 53  ? 13.822  -3.148  10.368  0.50 35.67 ? 53  ARG A NH1 1 
ATOM   297  N  NH2 A ARG A 1 53  ? 13.483  0.136   7.314   0.50 34.73 ? 53  ARG A NH2 1 
ATOM   298  N  NH2 B ARG A 1 53  ? 13.945  -1.168  9.229   0.50 36.34 ? 53  ARG A NH2 1 
ATOM   299  N  N   . TYR A 1 54  ? 6.085   -0.514  9.536   1.00 13.85 ? 54  TYR A N   1 
ATOM   300  C  CA  . TYR A 1 54  ? 4.782   -1.044  9.988   1.00 13.61 ? 54  TYR A CA  1 
ATOM   301  C  C   . TYR A 1 54  ? 4.440   -2.264  9.157   1.00 12.38 ? 54  TYR A C   1 
ATOM   302  O  O   . TYR A 1 54  ? 4.733   -2.324  7.968   1.00 14.38 ? 54  TYR A O   1 
ATOM   303  C  CB  . TYR A 1 54  ? 3.693   0.029   9.784   1.00 12.04 ? 54  TYR A CB  1 
ATOM   304  C  CG  . TYR A 1 54  ? 3.920   1.238   10.646  1.00 12.41 ? 54  TYR A CG  1 
ATOM   305  C  CD1 . TYR A 1 54  ? 4.789   2.230   10.214  1.00 12.14 ? 54  TYR A CD1 1 
ATOM   306  C  CD2 . TYR A 1 54  ? 3.251   1.442   11.843  1.00 12.98 ? 54  TYR A CD2 1 
ATOM   307  C  CE1 . TYR A 1 54  ? 5.057   3.350   11.016  1.00 12.72 ? 54  TYR A CE1 1 
ATOM   308  C  CE2 . TYR A 1 54  ? 3.495   2.560   12.625  1.00 12.86 ? 54  TYR A CE2 1 
ATOM   309  C  CZ  . TYR A 1 54  ? 4.384   3.511   12.204  1.00 13.78 ? 54  TYR A CZ  1 
ATOM   310  O  OH  . TYR A 1 54  ? 4.678   4.576   13.019  1.00 14.22 ? 54  TYR A OH  1 
ATOM   311  N  N   . VAL A 1 55  ? 3.829   -3.225  9.811   1.00 13.17 ? 55  VAL A N   1 
ATOM   312  C  CA  . VAL A 1 55  ? 3.342   -4.430  9.120   1.00 14.08 ? 55  VAL A CA  1 
ATOM   313  C  C   . VAL A 1 55  ? 2.309   -4.036  8.061   1.00 12.64 ? 55  VAL A C   1 
ATOM   314  O  O   . VAL A 1 55  ? 1.402   -3.279  8.338   1.00 14.15 ? 55  VAL A O   1 
ATOM   315  C  CB  . VAL A 1 55  ? 2.818   -5.459  10.101  1.00 14.53 ? 55  VAL A CB  1 
ATOM   316  C  CG1 . VAL A 1 55  ? 2.186   -6.628  9.394   1.00 16.05 ? 55  VAL A CG1 1 
ATOM   317  C  CG2 . VAL A 1 55  ? 3.933   -5.866  11.052  1.00 15.63 ? 55  VAL A CG2 1 
ATOM   318  N  N   . LEU A 1 56  ? 2.392   -4.675  6.943   1.00 13.49 ? 56  LEU A N   1 
ATOM   319  C  CA  . LEU A 1 56  ? 1.257   -4.658  5.992   1.00 14.49 ? 56  LEU A CA  1 
ATOM   320  C  C   . LEU A 1 56  ? 0.833   -6.058  5.596   1.00 15.02 ? 56  LEU A C   1 
ATOM   321  O  O   . LEU A 1 56  ? 1.713   -6.976  5.498   1.00 14.98 ? 56  LEU A O   1 
ATOM   322  C  CB  . LEU A 1 56  ? 1.556   -3.825  4.776   1.00 16.40 ? 56  LEU A CB  1 
ATOM   323  C  CG  . LEU A 1 56  ? 2.587   -4.391  3.801   1.00 16.51 ? 56  LEU A CG  1 
ATOM   324  C  CD1 . LEU A 1 56  ? 1.972   -5.226  2.628   1.00 15.64 ? 56  LEU A CD1 1 
ATOM   325  C  CD2 . LEU A 1 56  ? 3.395   -3.247  3.219   1.00 19.35 ? 56  LEU A CD2 1 
ATOM   326  N  N   . THR A 1 57  ? -0.420  -6.173  5.187   1.00 13.92 ? 57  THR A N   1 
ATOM   327  C  CA  . THR A 1 57  ? -0.884  -7.368  4.502   1.00 13.38 ? 57  THR A CA  1 
ATOM   328  C  C   . THR A 1 57  ? -1.879  -6.958  3.436   1.00 12.77 ? 57  THR A C   1 
ATOM   329  O  O   . THR A 1 57  ? -2.586  -5.942  3.607   1.00 13.27 ? 57  THR A O   1 
ATOM   330  C  CB  . THR A 1 57  ? -1.470  -8.330  5.507   1.00 15.98 ? 57  THR A CB  1 
ATOM   331  O  OG1 . THR A 1 57  ? -1.842  -9.530  4.885   1.00 22.73 ? 57  THR A OG1 1 
ATOM   332  C  CG2 . THR A 1 57  ? -2.661  -7.766  6.171   1.00 14.68 ? 57  THR A CG2 1 
ATOM   333  N  N   . GLY A 1 58  ? -2.051  -7.793  2.449   1.00 12.56 ? 58  GLY A N   1 
ATOM   334  C  CA  . GLY A 1 58  ? -3.040  -7.539  1.402   1.00 12.86 ? 58  GLY A CA  1 
ATOM   335  C  C   . GLY A 1 58  ? -3.183  -8.688  0.465   1.00 12.52 ? 58  GLY A C   1 
ATOM   336  O  O   . GLY A 1 58  ? -2.810  -9.841  0.838   1.00 13.47 ? 58  GLY A O   1 
ATOM   337  N  N   . ARG A 1 59  ? -3.787  -8.428  -0.666  1.00 12.25 ? 59  ARG A N   1 
ATOM   338  C  CA  . ARG A 1 59  ? -4.148  -9.469  -1.646  1.00 12.98 ? 59  ARG A CA  1 
ATOM   339  C  C   . ARG A 1 59  ? -3.896  -8.914  -3.017  1.00 13.16 ? 59  ARG A C   1 
ATOM   340  O  O   . ARG A 1 59  ? -4.064  -7.714  -3.249  1.00 13.22 ? 59  ARG A O   1 
ATOM   341  C  CB  . ARG A 1 59  ? -5.618  -9.884  -1.526  1.00 12.85 ? 59  ARG A CB  1 
ATOM   342  C  CG  . ARG A 1 59  ? -6.036  -10.477 -0.199  1.00 13.80 ? 59  ARG A CG  1 
ATOM   343  C  CD  . ARG A 1 59  ? -5.440  -11.822 0.153   1.00 14.02 ? 59  ARG A CD  1 
ATOM   344  N  NE  . ARG A 1 59  ? -5.927  -12.791 -0.808  1.00 14.19 ? 59  ARG A NE  1 
ATOM   345  C  CZ  . ARG A 1 59  ? -5.423  -14.012 -1.004  1.00 15.08 ? 59  ARG A CZ  1 
ATOM   346  N  NH1 . ARG A 1 59  ? -4.420  -14.395 -0.249  1.00 16.89 ? 59  ARG A NH1 1 
ATOM   347  N  NH2 . ARG A 1 59  ? -5.945  -14.797 -1.928  1.00 16.37 ? 59  ARG A NH2 1 
ATOM   348  N  N   . TYR A 1 60  ? -3.687  -9.783  -3.984  1.00 13.34 ? 60  TYR A N   1 
ATOM   349  C  CA  . TYR A 1 60  ? -3.567  -9.384  -5.401  1.00 13.87 ? 60  TYR A CA  1 
ATOM   350  C  C   . TYR A 1 60  ? -4.199  -10.493 -6.246  1.00 13.96 ? 60  TYR A C   1 
ATOM   351  O  O   . TYR A 1 60  ? -4.289  -11.639 -5.767  1.00 14.38 ? 60  TYR A O   1 
ATOM   352  C  CB  . TYR A 1 60  ? -2.106  -9.098  -5.810  1.00 13.56 ? 60  TYR A CB  1 
ATOM   353  C  CG  . TYR A 1 60  ? -1.221  -10.309 -6.040  1.00 14.88 ? 60  TYR A CG  1 
ATOM   354  C  CD1 . TYR A 1 60  ? -0.786  -11.043 -4.970  1.00 15.84 ? 60  TYR A CD1 1 
ATOM   355  C  CD2 . TYR A 1 60  ? -0.901  -10.738 -7.311  1.00 16.22 ? 60  TYR A CD2 1 
ATOM   356  C  CE1 . TYR A 1 60  ? 0.004   -12.178 -5.138  1.00 17.22 ? 60  TYR A CE1 1 
ATOM   357  C  CE2 . TYR A 1 60  ? -0.103  -11.866 -7.506  1.00 17.30 ? 60  TYR A CE2 1 
ATOM   358  C  CZ  . TYR A 1 60  ? 0.298   -12.591 -6.415  1.00 17.99 ? 60  TYR A CZ  1 
ATOM   359  O  OH  . TYR A 1 60  ? 1.097   -13.707 -6.667  1.00 20.32 ? 60  TYR A OH  1 
ATOM   360  N  N   . ASP A 1 61  ? -4.597  -10.092 -7.426  1.00 13.28 ? 61  ASP A N   1 
ATOM   361  C  CA  . ASP A 1 61  ? -5.102  -11.024 -8.471  1.00 14.98 ? 61  ASP A CA  1 
ATOM   362  C  C   . ASP A 1 61  ? -3.902  -11.853 -8.972  1.00 15.92 ? 61  ASP A C   1 
ATOM   363  O  O   . ASP A 1 61  ? -3.116  -11.351 -9.769  1.00 16.34 ? 61  ASP A O   1 
ATOM   364  C  CB  . ASP A 1 61  ? -5.783  -10.276 -9.602  1.00 15.92 ? 61  ASP A CB  1 
ATOM   365  C  CG  . ASP A 1 61  ? -6.321  -11.160 -10.719 1.00 16.45 ? 61  ASP A CG  1 
ATOM   366  O  OD1 . ASP A 1 61  ? -6.209  -12.445 -10.584 1.00 16.96 ? 61  ASP A OD1 1 
ATOM   367  O  OD2 . ASP A 1 61  ? -6.843  -10.582 -11.670 1.00 16.98 ? 61  ASP A OD2 1 
ATOM   368  N  N   . SER A 1 62  ? -3.842  -13.130 -8.610  1.00 16.90 ? 62  SER A N   1 
ATOM   369  C  CA  . SER A 1 62  ? -2.728  -14.027 -9.016  1.00 19.16 ? 62  SER A CA  1 
ATOM   370  C  C   . SER A 1 62  ? -2.977  -14.667 -10.387 1.00 22.89 ? 62  SER A C   1 
ATOM   371  O  O   . SER A 1 62  ? -2.104  -15.443 -10.821 1.00 24.30 ? 62  SER A O   1 
ATOM   372  C  CB  . SER A 1 62  ? -2.484  -15.034 -7.934  1.00 20.69 ? 62  SER A CB  1 
ATOM   373  O  OG  . SER A 1 62  ? -3.636  -15.816 -7.724  1.00 25.31 ? 62  SER A OG  1 
ATOM   374  N  N   . ALA A 1 63  ? -4.041  -14.333 -11.108 1.00 19.06 ? 63  ALA A N   1 
ATOM   375  C  CA  . ALA A 1 63  ? -4.251  -14.829 -12.481 1.00 18.49 ? 63  ALA A CA  1 
ATOM   376  C  C   . ALA A 1 63  ? -4.888  -13.709 -13.265 1.00 19.50 ? 63  ALA A C   1 
ATOM   377  O  O   . ALA A 1 63  ? -6.056  -13.799 -13.637 1.00 20.67 ? 63  ALA A O   1 
ATOM   378  C  CB  . ALA A 1 63  ? -5.092  -16.080 -12.461 1.00 23.21 ? 63  ALA A CB  1 
ATOM   379  N  N   . PRO A 1 64  ? -4.123  -12.621 -13.517 1.00 20.95 ? 64  PRO A N   1 
ATOM   380  C  CA  . PRO A 1 64  ? -4.669  -11.450 -14.208 1.00 22.51 ? 64  PRO A CA  1 
ATOM   381  C  C   . PRO A 1 64  ? -4.990  -11.720 -15.688 1.00 23.46 ? 64  PRO A C   1 
ATOM   382  O  O   . PRO A 1 64  ? -4.569  -12.767 -16.236 1.00 25.09 ? 64  PRO A O   1 
ATOM   383  C  CB  . PRO A 1 64  ? -3.571  -10.397 -14.018 1.00 24.59 ? 64  PRO A CB  1 
ATOM   384  C  CG  . PRO A 1 64  ? -2.327  -11.215 -13.961 1.00 25.91 ? 64  PRO A CG  1 
ATOM   385  C  CD  . PRO A 1 64  ? -2.698  -12.465 -13.190 1.00 23.58 ? 64  PRO A CD  1 
ATOM   386  N  N   . ALA A 1 65  ? -5.762  -10.834 -16.280 1.00 23.28 ? 65  ALA A N   1 
ATOM   387  C  CA  . ALA A 1 65  ? -6.117  -10.886 -17.717 1.00 24.60 ? 65  ALA A CA  1 
ATOM   388  C  C   . ALA A 1 65  ? -4.825  -10.796 -18.534 1.00 29.18 ? 65  ALA A C   1 
ATOM   389  O  O   . ALA A 1 65  ? -3.813  -10.289 -18.050 1.00 29.41 ? 65  ALA A O   1 
ATOM   390  C  CB  . ALA A 1 65  ? -7.146  -9.831  -18.034 1.00 26.73 ? 65  ALA A CB  1 
ATOM   391  N  N   . THR A 1 66  ? -4.843  -11.367 -19.744 1.00 35.53 ? 66  THR A N   1 
ATOM   392  C  CA  . THR A 1 66  ? -3.645  -11.393 -20.638 1.00 40.00 ? 66  THR A CA  1 
ATOM   393  C  C   . THR A 1 66  ? -3.870  -10.484 -21.852 1.00 42.76 ? 66  THR A C   1 
ATOM   394  O  O   . THR A 1 66  ? -3.257  -10.751 -22.903 1.00 48.64 ? 66  THR A O   1 
ATOM   395  C  CB  . THR A 1 66  ? -3.297  -12.838 -21.028 1.00 43.83 ? 66  THR A CB  1 
ATOM   396  O  OG1 . THR A 1 66  ? -4.461  -13.401 -21.628 1.00 47.03 ? 66  THR A OG1 1 
ATOM   397  C  CG2 . THR A 1 66  ? -2.893  -13.693 -19.847 1.00 47.94 ? 66  THR A CG2 1 
ATOM   398  N  N   . ASP A 1 67  ? -4.679  -9.430  -21.702 1.00 35.88 ? 67  ASP A N   1 
ATOM   399  C  CA  . ASP A 1 67  ? -5.086  -8.480  -22.769 1.00 35.00 ? 67  ASP A CA  1 
ATOM   400  C  C   . ASP A 1 67  ? -4.380  -7.127  -22.575 1.00 31.33 ? 67  ASP A C   1 
ATOM   401  O  O   . ASP A 1 67  ? -4.824  -6.123  -23.181 1.00 37.41 ? 67  ASP A O   1 
ATOM   402  C  CB  . ASP A 1 67  ? -6.603  -8.271  -22.751 1.00 35.25 ? 67  ASP A CB  1 
ATOM   403  C  CG  . ASP A 1 67  ? -7.111  -7.699  -21.433 1.00 40.80 ? 67  ASP A CG  1 
ATOM   404  O  OD1 . ASP A 1 67  ? -6.262  -7.469  -20.509 1.00 33.60 ? 67  ASP A OD1 1 
ATOM   405  O  OD2 . ASP A 1 67  ? -8.326  -7.465  -21.341 1.00 44.16 ? 67  ASP A OD2 1 
ATOM   406  N  N   . GLY A 1 68  ? -3.342  -7.076  -21.739 1.00 30.89 ? 68  GLY A N   1 
ATOM   407  C  CA  . GLY A 1 68  ? -2.564  -5.853  -21.456 1.00 31.67 ? 68  GLY A CA  1 
ATOM   408  C  C   . GLY A 1 68  ? -3.104  -5.086  -20.243 1.00 29.25 ? 68  GLY A C   1 
ATOM   409  O  O   . GLY A 1 68  ? -2.552  -4.008  -19.922 1.00 30.22 ? 68  GLY A O   1 
ATOM   410  N  N   . SER A 1 69  ? -4.184  -5.549  -19.633 1.00 25.50 ? 69  SER A N   1 
ATOM   411  C  CA  . SER A 1 69  ? -4.713  -4.926  -18.392 1.00 22.33 ? 69  SER A CA  1 
ATOM   412  C  C   . SER A 1 69  ? -3.709  -5.041  -17.252 1.00 20.45 ? 69  SER A C   1 
ATOM   413  O  O   . SER A 1 69  ? -2.910  -5.995  -17.177 1.00 20.83 ? 69  SER A O   1 
ATOM   414  C  CB  . SER A 1 69  ? -6.013  -5.550  -18.004 1.00 25.93 ? 69  SER A CB  1 
ATOM   415  O  OG  . SER A 1 69  ? -6.990  -5.227  -18.977 1.00 32.08 ? 69  SER A OG  1 
ATOM   416  N  N   . GLY A 1 70  ? -3.799  -4.116  -16.297 1.00 16.49 ? 70  GLY A N   1 
ATOM   417  C  CA  . GLY A 1 70  ? -3.062  -4.160  -15.038 1.00 16.48 ? 70  GLY A CA  1 
ATOM   418  C  C   . GLY A 1 70  ? -3.551  -5.296  -14.143 1.00 14.42 ? 70  GLY A C   1 
ATOM   419  O  O   . GLY A 1 70  ? -4.552  -5.927  -14.403 1.00 16.34 ? 70  GLY A O   1 
ATOM   420  N  N   . THR A 1 71  ? -2.845  -5.497  -13.047 1.00 14.61 ? 71  THR A N   1 
ATOM   421  C  CA  . THR A 1 71  ? -3.133  -6.525  -12.037 1.00 14.10 ? 71  THR A CA  1 
ATOM   422  C  C   . THR A 1 71  ? -3.694  -5.814  -10.797 1.00 13.49 ? 71  THR A C   1 
ATOM   423  O  O   . THR A 1 71  ? -2.951  -5.102  -10.120 1.00 13.90 ? 71  THR A O   1 
ATOM   424  C  CB  . THR A 1 71  ? -1.881  -7.323  -11.656 1.00 15.18 ? 71  THR A CB  1 
ATOM   425  O  OG1 . THR A 1 71  ? -1.392  -7.921  -12.887 1.00 18.72 ? 71  THR A OG1 1 
ATOM   426  C  CG2 . THR A 1 71  ? -2.123  -8.339  -10.573 1.00 16.56 ? 71  THR A CG2 1 
ATOM   427  N  N   . ALA A 1 72  ? -4.923  -6.131  -10.439 1.00 12.91 ? 72  ALA A N   1 
ATOM   428  C  CA  . ALA A 1 72  ? -5.556  -5.505  -9.261  1.00 12.98 ? 72  ALA A CA  1 
ATOM   429  C  C   . ALA A 1 72  ? -4.934  -6.016  -7.963  1.00 12.34 ? 72  ALA A C   1 
ATOM   430  O  O   . ALA A 1 72  ? -4.597  -7.218  -7.817  1.00 13.86 ? 72  ALA A O   1 
ATOM   431  C  CB  . ALA A 1 72  ? -7.036  -5.771  -9.282  1.00 13.86 ? 72  ALA A CB  1 
ATOM   432  N  N   . LEU A 1 73  ? -4.802  -5.113  -6.992  1.00 12.44 ? 73  LEU A N   1 
ATOM   433  C  CA  . LEU A 1 73  ? -4.240  -5.444  -5.679  1.00 12.58 ? 73  LEU A CA  1 
ATOM   434  C  C   . LEU A 1 73  ? -4.637  -4.403  -4.626  1.00 12.76 ? 73  LEU A C   1 
ATOM   435  O  O   . LEU A 1 73  ? -5.147  -3.304  -4.971  1.00 12.73 ? 73  LEU A O   1 
ATOM   436  C  CB  . LEU A 1 73  ? -2.708  -5.613  -5.743  1.00 14.07 ? 73  LEU A CB  1 
ATOM   437  C  CG  . LEU A 1 73  ? -1.854  -4.372  -5.704  1.00 18.97 ? 73  LEU A CG  1 
ATOM   438  C  CD1 . LEU A 1 73  ? -0.354  -4.729  -5.634  1.00 22.15 ? 73  LEU A CD1 1 
ATOM   439  C  CD2 . LEU A 1 73  ? -2.103  -3.549  -6.900  1.00 21.95 ? 73  LEU A CD2 1 
ATOM   440  N  N   . GLY A 1 74  ? -4.450  -4.786  -3.376  1.00 11.52 ? 74  GLY A N   1 
ATOM   441  C  CA  . GLY A 1 74  ? -4.655  -3.844  -2.287  1.00 10.92 ? 74  GLY A CA  1 
ATOM   442  C  C   . GLY A 1 74  ? -3.948  -4.292  -1.068  1.00 11.11 ? 74  GLY A C   1 
ATOM   443  O  O   . GLY A 1 74  ? -3.639  -5.485  -0.936  1.00 11.19 ? 74  GLY A O   1 
ATOM   444  N  N   . TRP A 1 75  ? -3.709  -3.381  -0.162  1.00 10.29 ? 75  TRP A N   1 
ATOM   445  C  CA  . TRP A 1 75  ? -3.099  -3.702  1.125   1.00 9.98  ? 75  TRP A CA  1 
ATOM   446  C  C   . TRP A 1 75  ? -3.472  -2.701  2.186   1.00 11.46 ? 75  TRP A C   1 
ATOM   447  O  O   . TRP A 1 75  ? -3.946  -1.601  1.899   1.00 11.06 ? 75  TRP A O   1 
ATOM   448  C  CB  . TRP A 1 75  ? -1.577  -3.871  1.035   1.00 11.28 ? 75  TRP A CB  1 
ATOM   449  C  CG  . TRP A 1 75  ? -0.847  -2.591  0.747   1.00 11.83 ? 75  TRP A CG  1 
ATOM   450  C  CD1 . TRP A 1 75  ? -0.277  -1.786  1.699   1.00 12.69 ? 75  TRP A CD1 1 
ATOM   451  C  CD2 . TRP A 1 75  ? -0.515  -2.024  -0.527  1.00 11.15 ? 75  TRP A CD2 1 
ATOM   452  N  NE1 . TRP A 1 75  ? 0.367   -0.749  1.080   1.00 13.13 ? 75  TRP A NE1 1 
ATOM   453  C  CE2 . TRP A 1 75  ? 0.218   -0.864  -0.254  1.00 11.37 ? 75  TRP A CE2 1 
ATOM   454  C  CE3 . TRP A 1 75  ? -0.774  -2.378  -1.854  1.00 12.25 ? 75  TRP A CE3 1 
ATOM   455  C  CZ2 . TRP A 1 75  ? 0.638   -0.014  -1.297  1.00 12.66 ? 75  TRP A CZ2 1 
ATOM   456  C  CZ3 . TRP A 1 75  ? -0.319  -1.539  -2.868  1.00 13.83 ? 75  TRP A CZ3 1 
ATOM   457  C  CH2 . TRP A 1 75  ? 0.392   -0.396  -2.567  1.00 13.32 ? 75  TRP A CH2 1 
ATOM   458  N  N   . THR A 1 76  ? -3.255  -3.099  3.441   1.00 10.61 ? 76  THR A N   1 
ATOM   459  C  CA  . THR A 1 76  ? -3.589  -2.320  4.626   1.00 10.48 ? 76  THR A CA  1 
ATOM   460  C  C   . THR A 1 76  ? -2.353  -2.180  5.503   1.00 11.39 ? 76  THR A C   1 
ATOM   461  O  O   . THR A 1 76  ? -1.589  -3.177  5.695   1.00 12.37 ? 76  THR A O   1 
ATOM   462  C  CB  . THR A 1 76  ? -4.679  -2.971  5.489   1.00 11.59 ? 76  THR A CB  1 
ATOM   463  O  OG1 . THR A 1 76  ? -5.815  -3.191  4.673   1.00 12.85 ? 76  THR A OG1 1 
ATOM   464  C  CG2 . THR A 1 76  ? -5.076  -2.138  6.674   1.00 12.06 ? 76  THR A CG2 1 
ATOM   465  N  N   . VAL A 1 77  ? -2.180  -1.006  6.101   1.00 11.17 ? 77  VAL A N   1 
ATOM   466  C  CA  . VAL A 1 77  ? -1.258  -0.731  7.229   1.00 11.51 ? 77  VAL A CA  1 
ATOM   467  C  C   . VAL A 1 77  ? -2.068  -0.152  8.356   1.00 11.92 ? 77  VAL A C   1 
ATOM   468  O  O   . VAL A 1 77  ? -2.803  0.839   8.147   1.00 12.93 ? 77  VAL A O   1 
ATOM   469  C  CB  . VAL A 1 77  ? -0.202  0.291   6.827   1.00 11.70 ? 77  VAL A CB  1 
ATOM   470  C  CG1 . VAL A 1 77  ? 0.600   0.758   8.044   1.00 13.54 ? 77  VAL A CG1 1 
ATOM   471  C  CG2 . VAL A 1 77  ? 0.733   -0.286  5.796   1.00 13.26 ? 77  VAL A CG2 1 
ATOM   472  N  N   . ALA A 1 78  ? -2.033  -0.745  9.548   1.00 11.92 ? 78  ALA A N   1 
ATOM   473  C  CA  . ALA A 1 78  ? -2.469  -0.078  10.782  1.00 11.89 ? 78  ALA A CA  1 
ATOM   474  C  C   . ALA A 1 78  ? -1.288  0.629   11.405  1.00 12.36 ? 78  ALA A C   1 
ATOM   475  O  O   . ALA A 1 78  ? -0.197  0.009   11.543  1.00 12.32 ? 78  ALA A O   1 
ATOM   476  C  CB  . ALA A 1 78  ? -3.045  -1.067  11.746  1.00 13.07 ? 78  ALA A CB  1 
ATOM   477  N  N   . TRP A 1 79  ? -1.433  1.898   11.728  1.00 12.50 ? 79  TRP A N   1 
ATOM   478  C  CA  . TRP A 1 79  ? -0.278  2.761   12.074  1.00 12.84 ? 79  TRP A CA  1 
ATOM   479  C  C   . TRP A 1 79  ? 0.153   2.637   13.553  1.00 13.09 ? 79  TRP A C   1 
ATOM   480  O  O   . TRP A 1 79  ? 0.324   3.633   14.273  1.00 13.52 ? 79  TRP A O   1 
ATOM   481  C  CB  . TRP A 1 79  ? -0.568  4.190   11.652  1.00 12.75 ? 79  TRP A CB  1 
ATOM   482  C  CG  . TRP A 1 79  ? -0.724  4.304   10.176  1.00 11.96 ? 79  TRP A CG  1 
ATOM   483  C  CD1 . TRP A 1 79  ? -1.899  4.531   9.490   1.00 12.87 ? 79  TRP A CD1 1 
ATOM   484  C  CD2 . TRP A 1 79  ? 0.329   4.287   9.214   1.00 11.82 ? 79  TRP A CD2 1 
ATOM   485  N  NE1 . TRP A 1 79  ? -1.641  4.566   8.150   1.00 12.86 ? 79  TRP A NE1 1 
ATOM   486  C  CE2 . TRP A 1 79  ? -0.287  4.383   7.941   1.00 12.05 ? 79  TRP A CE2 1 
ATOM   487  C  CE3 . TRP A 1 79  ? 1.726   4.080   9.260   1.00 13.18 ? 79  TRP A CE3 1 
ATOM   488  C  CZ2 . TRP A 1 79  ? 0.434   4.410   6.778   1.00 12.37 ? 79  TRP A CZ2 1 
ATOM   489  C  CZ3 . TRP A 1 79  ? 2.450   4.082   8.091   1.00 12.86 ? 79  TRP A CZ3 1 
ATOM   490  C  CH2 . TRP A 1 79  ? 1.813   4.236   6.856   1.00 12.14 ? 79  TRP A CH2 1 
ATOM   491  N  N   . LYS A 1 80  ? 0.322   1.403   13.981  1.00 12.81 ? 80  LYS A N   1 
ATOM   492  C  CA  . LYS A 1 80  ? 0.852   1.021   15.306  1.00 12.85 ? 80  LYS A CA  1 
ATOM   493  C  C   . LYS A 1 80  ? 2.067   0.165   15.077  1.00 13.82 ? 80  LYS A C   1 
ATOM   494  O  O   . LYS A 1 80  ? 2.017   -0.852  14.357  1.00 13.69 ? 80  LYS A O   1 
ATOM   495  C  CB  . LYS A 1 80  ? -0.180  0.236   16.104  1.00 14.61 ? 80  LYS A CB  1 
ATOM   496  C  CG  . LYS A 1 80  ? 0.324   -0.317  17.463  1.00 16.69 ? 80  LYS A CG  1 
ATOM   497  C  CD  . LYS A 1 80  ? -0.719  -1.080  18.203  1.00 21.75 ? 80  LYS A CD  1 
ATOM   498  C  CE  . LYS A 1 80  ? -0.155  -1.775  19.433  1.00 25.44 ? 80  LYS A CE  1 
ATOM   499  N  NZ  . LYS A 1 80  ? 0.714   -2.914  19.070  1.00 30.22 ? 80  LYS A NZ  1 
ATOM   500  N  N   . ASN A 1 81  ? 3.158   0.517   15.754  1.00 14.54 ? 81  ASN A N   1 
ATOM   501  C  CA  . ASN A 1 81  ? 4.341   -0.344  15.850  1.00 14.96 ? 81  ASN A CA  1 
ATOM   502  C  C   . ASN A 1 81  ? 4.926   -0.124  17.255  1.00 15.18 ? 81  ASN A C   1 
ATOM   503  O  O   . ASN A 1 81  ? 4.279   0.380   18.127  1.00 17.17 ? 81  ASN A O   1 
ATOM   504  C  CB  . ASN A 1 81  ? 5.315   -0.112  14.705  1.00 14.59 ? 81  ASN A CB  1 
ATOM   505  C  CG  . ASN A 1 81  ? 5.951   1.266   14.693  1.00 14.76 ? 81  ASN A CG  1 
ATOM   506  O  OD1 . ASN A 1 81  ? 5.794   2.042   15.655  1.00 14.64 ? 81  ASN A OD1 1 
ATOM   507  N  ND2 . ASN A 1 81  ? 6.653   1.569   13.616  1.00 14.67 ? 81  ASN A ND2 1 
ATOM   508  N  N   . ASN A 1 82  ? 6.154   -0.565  17.438  1.00 16.09 ? 82  ASN A N   1 
ATOM   509  C  CA  . ASN A 1 82  ? 6.792   -0.480  18.779  1.00 19.51 ? 82  ASN A CA  1 
ATOM   510  C  C   . ASN A 1 82  ? 7.117   0.955   19.143  1.00 18.76 ? 82  ASN A C   1 
ATOM   511  O  O   . ASN A 1 82  ? 7.406   1.209   20.335  1.00 21.52 ? 82  ASN A O   1 
ATOM   512  C  CB  . ASN A 1 82  ? 8.038   -1.372  18.864  1.00 20.40 ? 82  ASN A CB  1 
ATOM   513  C  CG  . ASN A 1 82  ? 7.693   -2.838  18.875  1.00 29.36 ? 82  ASN A CG  1 
ATOM   514  O  OD1 . ASN A 1 82  ? 6.608   -3.196  19.327  1.00 36.50 ? 82  ASN A OD1 1 
ATOM   515  N  ND2 . ASN A 1 82  ? 8.606   -3.674  18.405  1.00 38.17 ? 82  ASN A ND2 1 
ATOM   516  N  N   . TYR A 1 83  ? 7.130   1.892   18.211  1.00 16.80 ? 83  TYR A N   1 
ATOM   517  C  CA  . TYR A 1 83  ? 7.513   3.284   18.443  1.00 16.12 ? 83  TYR A CA  1 
ATOM   518  C  C   . TYR A 1 83  ? 6.323   4.207   18.682  1.00 17.45 ? 83  TYR A C   1 
ATOM   519  O  O   . TYR A 1 83  ? 6.404   5.157   19.471  1.00 18.70 ? 83  TYR A O   1 
ATOM   520  C  CB  . TYR A 1 83  ? 8.339   3.819   17.298  1.00 18.01 ? 83  TYR A CB  1 
ATOM   521  C  CG  . TYR A 1 83  ? 9.596   3.025   17.037  1.00 19.04 ? 83  TYR A CG  1 
ATOM   522  C  CD1 . TYR A 1 83  ? 10.683  3.156   17.883  1.00 24.83 ? 83  TYR A CD1 1 
ATOM   523  C  CD2 . TYR A 1 83  ? 9.655   2.089   16.052  1.00 22.25 ? 83  TYR A CD2 1 
ATOM   524  C  CE1 . TYR A 1 83  ? 11.827  2.394   17.705  1.00 30.30 ? 83  TYR A CE1 1 
ATOM   525  C  CE2 . TYR A 1 83  ? 10.771  1.295   15.861  1.00 27.06 ? 83  TYR A CE2 1 
ATOM   526  C  CZ  . TYR A 1 83  ? 11.871  1.465   16.684  1.00 32.78 ? 83  TYR A CZ  1 
ATOM   527  O  OH  . TYR A 1 83  ? 12.997  0.718   16.477  1.00 38.04 ? 83  TYR A OH  1 
ATOM   528  N  N   . ARG A 1 84  ? 5.253   4.025   17.890  1.00 16.36 ? 84  ARG A N   1 
ATOM   529  C  CA  . ARG A 1 84  ? 4.179   5.007   17.799  1.00 17.08 ? 84  ARG A CA  1 
ATOM   530  C  C   . ARG A 1 84  ? 2.860   4.274   17.560  1.00 15.11 ? 84  ARG A C   1 
ATOM   531  O  O   . ARG A 1 84  ? 2.869   3.170   16.988  1.00 15.96 ? 84  ARG A O   1 
ATOM   532  C  CB  . ARG A 1 84  ? 4.422   5.937   16.624  1.00 20.05 ? 84  ARG A CB  1 
ATOM   533  C  CG  . ARG A 1 84  ? 5.595   6.853   16.902  1.00 27.16 ? 84  ARG A CG  1 
ATOM   534  C  CD  . ARG A 1 84  ? 5.457   7.954   15.915  1.00 28.38 ? 84  ARG A CD  1 
ATOM   535  N  NE  . ARG A 1 84  ? 6.655   8.750   15.906  1.00 27.48 ? 84  ARG A NE  1 
ATOM   536  C  CZ  . ARG A 1 84  ? 6.747   9.830   15.240  1.00 25.45 ? 84  ARG A CZ  1 
ATOM   537  N  NH1 . ARG A 1 84  ? 7.913   10.433  15.132  1.00 27.64 ? 84  ARG A NH1 1 
ATOM   538  N  NH2 . ARG A 1 84  ? 5.661   10.329  14.675  1.00 24.31 ? 84  ARG A NH2 1 
ATOM   539  N  N   . ASN A 1 85  ? 1.798   4.951   17.906  1.00 15.51 ? 85  ASN A N   1 
ATOM   540  C  CA  . ASN A 1 85  ? 0.434   4.500   17.529  1.00 15.19 ? 85  ASN A CA  1 
ATOM   541  C  C   . ASN A 1 85  ? -0.358  5.729   17.147  1.00 15.88 ? 85  ASN A C   1 
ATOM   542  O  O   . ASN A 1 85  ? -0.755  6.513   18.014  1.00 16.79 ? 85  ASN A O   1 
ATOM   543  C  CB  . ASN A 1 85  ? -0.210  3.707   18.650  1.00 16.32 ? 85  ASN A CB  1 
ATOM   544  C  CG  . ASN A 1 85  ? -1.519  3.057   18.215  1.00 17.19 ? 85  ASN A CG  1 
ATOM   545  O  OD1 . ASN A 1 85  ? -2.020  3.360   17.133  1.00 16.92 ? 85  ASN A OD1 1 
ATOM   546  N  ND2 . ASN A 1 85  ? -2.043  2.164   19.022  1.00 17.90 ? 85  ASN A ND2 1 
ATOM   547  N  N   . ALA A 1 86  ? -0.657  5.837   15.849  1.00 14.86 ? 86  ALA A N   1 
ATOM   548  C  CA  . ALA A 1 86  ? -1.429  6.946   15.276  1.00 14.76 ? 86  ALA A CA  1 
ATOM   549  C  C   . ALA A 1 86  ? -2.938  6.642   15.250  1.00 14.89 ? 86  ALA A C   1 
ATOM   550  O  O   . ALA A 1 86  ? -3.680  7.434   14.637  1.00 15.81 ? 86  ALA A O   1 
ATOM   551  C  CB  . ALA A 1 86  ? -0.901  7.343   13.949  1.00 14.96 ? 86  ALA A CB  1 
ATOM   552  N  N   . HIS A 1 87  ? -3.363  5.565   15.842  1.00 14.17 ? 87  HIS A N   1 
ATOM   553  C  CA  . HIS A 1 87  ? -4.807  5.168   15.915  1.00 14.74 ? 87  HIS A CA  1 
ATOM   554  C  C   . HIS A 1 87  ? -5.513  5.385   14.568  1.00 14.22 ? 87  HIS A C   1 
ATOM   555  O  O   . HIS A 1 87  ? -6.532  6.101   14.480  1.00 14.06 ? 87  HIS A O   1 
ATOM   556  C  CB  . HIS A 1 87  ? -5.490  5.969   17.011  1.00 15.56 ? 87  HIS A CB  1 
ATOM   557  C  CG  . HIS A 1 87  ? -4.889  5.752   18.369  1.00 16.55 ? 87  HIS A CG  1 
ATOM   558  N  ND1 . HIS A 1 87  ? -4.694  4.509   18.874  1.00 16.60 ? 87  HIS A ND1 1 
ATOM   559  C  CD2 . HIS A 1 87  ? -4.397  6.636   19.270  1.00 19.43 ? 87  HIS A CD2 1 
ATOM   560  C  CE1 . HIS A 1 87  ? -4.117  4.617   20.097  1.00 17.64 ? 87  HIS A CE1 1 
ATOM   561  N  NE2 . HIS A 1 87  ? -3.977  5.861   20.340  1.00 19.62 ? 87  HIS A NE2 1 
ATOM   562  N  N   . SER A 1 88  ? -4.949  4.768   13.566  1.00 13.55 ? 88  SER A N   1 
ATOM   563  C  CA  . SER A 1 88  ? -5.411  4.959   12.176  1.00 12.85 ? 88  SER A CA  1 
ATOM   564  C  C   . SER A 1 88  ? -4.942  3.803   11.340  1.00 12.72 ? 88  SER A C   1 
ATOM   565  O  O   . SER A 1 88  ? -4.015  3.063   11.701  1.00 13.09 ? 88  SER A O   1 
ATOM   566  C  CB  . SER A 1 88  ? -4.989  6.294   11.601  1.00 13.54 ? 88  SER A CB  1 
ATOM   567  O  OG  . SER A 1 88  ? -3.600  6.526   11.778  1.00 14.38 ? 88  SER A OG  1 
ATOM   568  N  N   . ALA A 1 89  ? -5.567  3.656   10.187  1.00 11.48 ? 89  ALA A N   1 
ATOM   569  C  CA  . ALA A 1 89  ? -5.233  2.605   9.219   1.00 11.52 ? 89  ALA A CA  1 
ATOM   570  C  C   . ALA A 1 89  ? -5.352  3.167   7.815   1.00 11.11 ? 89  ALA A C   1 
ATOM   571  O  O   . ALA A 1 89  ? -6.359  3.898   7.566   1.00 12.99 ? 89  ALA A O   1 
ATOM   572  C  CB  . ALA A 1 89  ? -6.068  1.376   9.428   1.00 12.54 ? 89  ALA A CB  1 
ATOM   573  N  N   . THR A 1 90  ? -4.437  2.830   6.937   1.00 10.80 ? 90  THR A N   1 
ATOM   574  C  CA  . THR A 1 90  ? -4.573  3.190   5.514   1.00 10.58 ? 90  THR A CA  1 
ATOM   575  C  C   . THR A 1 90  ? -4.749  1.946   4.693   1.00 10.98 ? 90  THR A C   1 
ATOM   576  O  O   . THR A 1 90  ? -4.075  0.916   4.942   1.00 10.98 ? 90  THR A O   1 
ATOM   577  C  CB  . THR A 1 90  ? -3.341  3.925   5.013   1.00 10.25 ? 90  THR A CB  1 
ATOM   578  O  OG1 . THR A 1 90  ? -3.196  5.104   5.819   1.00 11.12 ? 90  THR A OG1 1 
ATOM   579  C  CG2 . THR A 1 90  ? -3.472  4.354   3.573   1.00 11.10 ? 90  THR A CG2 1 
ATOM   580  N  N   . THR A 1 91  ? -5.648  1.970   3.712   1.00 9.88  ? 91  THR A N   1 
ATOM   581  C  CA  . THR A 1 91  ? -5.786  0.947   2.686   1.00 9.85  ? 91  THR A CA  1 
ATOM   582  C  C   . THR A 1 91  ? -5.430  1.569   1.356   1.00 11.32 ? 91  THR A C   1 
ATOM   583  O  O   . THR A 1 91  ? -5.941  2.639   1.022   1.00 11.89 ? 91  THR A O   1 
ATOM   584  C  CB  . THR A 1 91  ? -7.131  0.243   2.647   1.00 11.33 ? 91  THR A CB  1 
ATOM   585  O  OG1 . THR A 1 91  ? -8.152  1.187   2.329   1.00 12.59 ? 91  THR A OG1 1 
ATOM   586  C  CG2 . THR A 1 91  ? -7.457  -0.385  3.975   1.00 12.46 ? 91  THR A CG2 1 
ATOM   587  N  N   . TRP A 1 92  ? -4.609  0.882   0.572   1.00 10.20 ? 92  TRP A N   1 
ATOM   588  C  CA  . TRP A 1 92  ? -4.298  1.255   -0.800  1.00 10.03 ? 92  TRP A CA  1 
ATOM   589  C  C   . TRP A 1 92  ? -4.994  0.277   -1.689  1.00 10.54 ? 92  TRP A C   1 
ATOM   590  O  O   . TRP A 1 92  ? -4.858  -0.961  -1.492  1.00 11.34 ? 92  TRP A O   1 
ATOM   591  C  CB  . TRP A 1 92  ? -2.799  1.174   -1.091  1.00 9.93  ? 92  TRP A CB  1 
ATOM   592  C  CG  . TRP A 1 92  ? -1.974  2.219   -0.416  1.00 9.74  ? 92  TRP A CG  1 
ATOM   593  C  CD1 . TRP A 1 92  ? -1.417  3.312   -1.033  1.00 10.82 ? 92  TRP A CD1 1 
ATOM   594  C  CD2 . TRP A 1 92  ? -1.475  2.246   0.938   1.00 10.27 ? 92  TRP A CD2 1 
ATOM   595  N  NE1 . TRP A 1 92  ? -0.661  4.027   -0.160  1.00 11.29 ? 92  TRP A NE1 1 
ATOM   596  C  CE2 . TRP A 1 92  ? -0.652  3.380   1.053   1.00 11.12 ? 92  TRP A CE2 1 
ATOM   597  C  CE3 . TRP A 1 92  ? -1.648  1.403   2.054   1.00 11.06 ? 92  TRP A CE3 1 
ATOM   598  C  CZ2 . TRP A 1 92  ? -0.002  3.710   2.242   1.00 11.88 ? 92  TRP A CZ2 1 
ATOM   599  C  CZ3 . TRP A 1 92  ? -0.971  1.729   3.218   1.00 11.75 ? 92  TRP A CZ3 1 
ATOM   600  C  CH2 . TRP A 1 92  ? -0.151  2.841   3.288   1.00 11.56 ? 92  TRP A CH2 1 
ATOM   601  N  N   . SER A 1 93  ? -5.697  0.709   -2.708  1.00 10.29 ? 93  SER A N   1 
ATOM   602  C  CA  . SER A 1 93  ? -6.352  -0.090  -3.741  1.00 10.07 ? 93  SER A CA  1 
ATOM   603  C  C   . SER A 1 93  ? -5.840  0.369   -5.083  1.00 10.84 ? 93  SER A C   1 
ATOM   604  O  O   . SER A 1 93  ? -5.821  1.552   -5.362  1.00 11.60 ? 93  SER A O   1 
ATOM   605  C  CB  . SER A 1 93  ? -7.843  0.158   -3.607  1.00 11.22 ? 93  SER A CB  1 
ATOM   606  O  OG  . SER A 1 93  ? -8.559  -0.671  -4.518  1.00 14.34 ? 93  SER A OG  1 
ATOM   607  N  N   . GLY A 1 94  ? -5.385  -0.576  -5.914  1.00 11.43 ? 94  GLY A N   1 
ATOM   608  C  CA  . GLY A 1 94  ? -4.767  -0.132  -7.171  1.00 12.70 ? 94  GLY A CA  1 
ATOM   609  C  C   . GLY A 1 94  ? -4.473  -1.244  -8.134  1.00 12.88 ? 94  GLY A C   1 
ATOM   610  O  O   . GLY A 1 94  ? -5.091  -2.327  -8.039  1.00 12.48 ? 94  GLY A O   1 
ATOM   611  N  N   . GLN A 1 95  ? -3.590  -0.905  -9.071  1.00 12.45 ? 95  GLN A N   1 
ATOM   612  C  CA  . GLN A 1 95  ? -3.209  -1.948  -10.021 1.00 13.67 ? 95  GLN A CA  1 
ATOM   613  C  C   . GLN A 1 95  ? -1.721  -1.808  -10.325 1.00 13.93 ? 95  GLN A C   1 
ATOM   614  O  O   . GLN A 1 95  ? -1.179  -0.728  -10.362 1.00 14.20 ? 95  GLN A O   1 
ATOM   615  C  CB  . GLN A 1 95  ? -4.048  -1.957  -11.282 1.00 15.85 ? 95  GLN A CB  1 
ATOM   616  C  CG  . GLN A 1 95  ? -4.043  -0.654  -12.057 1.00 15.59 ? 95  GLN A CG  1 
ATOM   617  C  CD  . GLN A 1 95  ? -4.935  -0.749  -13.285 1.00 17.34 ? 95  GLN A CD  1 
ATOM   618  O  OE1 . GLN A 1 95  ? -4.924  -1.745  -14.019 1.00 16.90 ? 95  GLN A OE1 1 
ATOM   619  N  NE2 . GLN A 1 95  ? -5.712  0.294   -13.568 1.00 17.05 ? 95  GLN A NE2 1 
ATOM   620  N  N   . TYR A 1 96  ? -1.109  -2.971  -10.486 1.00 14.50 ? 96  TYR A N   1 
ATOM   621  C  CA  . TYR A 1 96  ? 0.291   -3.134  -10.933 1.00 14.14 ? 96  TYR A CA  1 
ATOM   622  C  C   . TYR A 1 96  ? 0.306   -3.167  -12.449 1.00 14.85 ? 96  TYR A C   1 
ATOM   623  O  O   . TYR A 1 96  ? -0.481  -3.914  -13.067 1.00 15.46 ? 96  TYR A O   1 
ATOM   624  C  CB  . TYR A 1 96  ? 0.881   -4.407  -10.335 1.00 14.35 ? 96  TYR A CB  1 
ATOM   625  C  CG  . TYR A 1 96  ? 2.122   -4.925  -11.021 1.00 15.63 ? 96  TYR A CG  1 
ATOM   626  C  CD1 . TYR A 1 96  ? 3.357   -4.412  -10.712 1.00 17.35 ? 96  TYR A CD1 1 
ATOM   627  C  CD2 . TYR A 1 96  ? 2.014   -5.936  -11.950 1.00 17.82 ? 96  TYR A CD2 1 
ATOM   628  C  CE1 . TYR A 1 96  ? 4.508   -4.893  -11.340 1.00 19.77 ? 96  TYR A CE1 1 
ATOM   629  C  CE2 . TYR A 1 96  ? 3.131   -6.375  -12.632 1.00 21.96 ? 96  TYR A CE2 1 
ATOM   630  C  CZ  . TYR A 1 96  ? 4.356   -5.875  -12.289 1.00 19.82 ? 96  TYR A CZ  1 
ATOM   631  O  OH  . TYR A 1 96  ? 5.469   -6.360  -12.938 1.00 25.11 ? 96  TYR A OH  1 
ATOM   632  N  N   . VAL A 1 97  ? 1.205   -2.375  -13.012 1.00 16.41 ? 97  VAL A N   1 
ATOM   633  C  CA  . VAL A 1 97  ? 1.437   -2.299  -14.474 1.00 18.35 ? 97  VAL A CA  1 
ATOM   634  C  C   . VAL A 1 97  ? 2.910   -2.661  -14.690 1.00 19.19 ? 97  VAL A C   1 
ATOM   635  O  O   . VAL A 1 97  ? 3.775   -1.944  -14.205 1.00 20.34 ? 97  VAL A O   1 
ATOM   636  C  CB  . VAL A 1 97  ? 1.064   -0.902  -14.986 1.00 21.28 ? 97  VAL A CB  1 
ATOM   637  C  CG1 . VAL A 1 97  ? 1.380   -0.817  -16.474 1.00 27.52 ? 97  VAL A CG1 1 
ATOM   638  C  CG2 . VAL A 1 97  ? -0.406  -0.598  -14.689 1.00 25.48 ? 97  VAL A CG2 1 
ATOM   639  N  N   . GLY A 1 98  ? 3.138   -3.733  -15.425 1.00 23.16 ? 98  GLY A N   1 
ATOM   640  C  CA  . GLY A 1 98  ? 4.505   -4.267  -15.593 1.00 26.20 ? 98  GLY A CA  1 
ATOM   641  C  C   . GLY A 1 98  ? 5.290   -3.504  -16.644 1.00 30.14 ? 98  GLY A C   1 
ATOM   642  O  O   . GLY A 1 98  ? 4.771   -2.544  -17.246 1.00 29.52 ? 98  GLY A O   1 
ATOM   643  N  N   . GLY A 1 99  ? 6.535   -3.919  -16.860 1.00 35.59 ? 99  GLY A N   1 
ATOM   644  C  CA  . GLY A 1 99  ? 7.329   -3.457  -18.017 1.00 38.99 ? 99  GLY A CA  1 
ATOM   645  C  C   . GLY A 1 99  ? 8.495   -2.611  -17.565 1.00 39.31 ? 99  GLY A C   1 
ATOM   646  O  O   . GLY A 1 99  ? 8.833   -2.647  -16.364 1.00 41.22 ? 99  GLY A O   1 
ATOM   647  N  N   . ALA A 1 100 ? 9.110   -1.891  -18.500 1.00 42.63 ? 100 ALA A N   1 
ATOM   648  C  CA  . ALA A 1 100 ? 10.429  -1.246  -18.319 1.00 42.18 ? 100 ALA A CA  1 
ATOM   649  C  C   . ALA A 1 100 ? 10.358  -0.256  -17.161 1.00 44.80 ? 100 ALA A C   1 
ATOM   650  O  O   . ALA A 1 100 ? 11.290  -0.250  -16.305 1.00 52.47 ? 100 ALA A O   1 
ATOM   651  C  CB  . ALA A 1 100 ? 10.833  -0.593  -19.621 1.00 44.49 ? 100 ALA A CB  1 
ATOM   652  N  N   . GLU A 1 101 ? 9.256   0.503   -17.117 1.00 40.33 ? 101 GLU A N   1 
ATOM   653  C  CA  . GLU A 1 101 ? 8.920   1.475   -16.050 1.00 35.56 ? 101 GLU A CA  1 
ATOM   654  C  C   . GLU A 1 101 ? 7.678   0.947   -15.295 1.00 29.79 ? 101 GLU A C   1 
ATOM   655  O  O   . GLU A 1 101 ? 6.615   1.610   -15.299 1.00 31.33 ? 101 GLU A O   1 
ATOM   656  C  CB  . GLU A 1 101 ? 8.739   2.866   -16.657 1.00 39.91 ? 101 GLU A CB  1 
ATOM   657  C  CG  . GLU A 1 101 ? 10.060  3.555   -17.004 0.50 42.35 ? 101 GLU A CG  1 
ATOM   658  C  CD  . GLU A 1 101 ? 10.093  5.049   -16.721 0.50 43.23 ? 101 GLU A CD  1 
ATOM   659  O  OE1 . GLU A 1 101 ? 11.186  5.569   -16.404 0.50 42.75 ? 101 GLU A OE1 1 
ATOM   660  O  OE2 . GLU A 1 101 ? 9.020   5.693   -16.809 0.50 42.31 ? 101 GLU A OE2 1 
ATOM   661  N  N   . ALA A 1 102 ? 7.845   -0.166  -14.609 1.00 25.16 ? 102 ALA A N   1 
ATOM   662  C  CA  . ALA A 1 102 ? 6.774   -0.784  -13.792 1.00 21.57 ? 102 ALA A CA  1 
ATOM   663  C  C   . ALA A 1 102 ? 6.271   0.233   -12.788 1.00 20.25 ? 102 ALA A C   1 
ATOM   664  O  O   . ALA A 1 102 ? 7.007   1.028   -12.224 1.00 20.75 ? 102 ALA A O   1 
ATOM   665  C  CB  . ALA A 1 102 ? 7.287   -1.995  -13.096 1.00 22.76 ? 102 ALA A CB  1 
ATOM   666  N  N   . ARG A 1 103 ? 4.969   0.162   -12.547 1.00 18.55 ? 103 ARG A N   1 
ATOM   667  C  CA  . ARG A 1 103 ? 4.314   1.063   -11.573 1.00 17.49 ? 103 ARG A CA  1 
ATOM   668  C  C   . ARG A 1 103 ? 3.257   0.285   -10.810 1.00 15.29 ? 103 ARG A C   1 
ATOM   669  O  O   . ARG A 1 103 ? 2.663   -0.638  -11.347 1.00 16.29 ? 103 ARG A O   1 
ATOM   670  C  CB  . ARG A 1 103 ? 3.674   2.230   -12.330 1.00 23.32 ? 103 ARG A CB  1 
ATOM   671  C  CG  . ARG A 1 103 ? 4.566   3.462   -12.335 0.50 27.61 ? 103 ARG A CG  1 
ATOM   672  C  CD  . ARG A 1 103 ? 4.336   4.365   -13.508 0.50 32.08 ? 103 ARG A CD  1 
ATOM   673  N  NE  . ARG A 1 103 ? 5.152   5.561   -13.343 0.50 29.76 ? 103 ARG A NE  1 
ATOM   674  C  CZ  . ARG A 1 103 ? 6.480   5.575   -13.400 0.50 33.29 ? 103 ARG A CZ  1 
ATOM   675  N  NH1 . ARG A 1 103 ? 7.118   6.726   -13.290 0.50 36.71 ? 103 ARG A NH1 1 
ATOM   676  N  NH2 . ARG A 1 103 ? 7.160   4.453   -13.559 0.50 32.38 ? 103 ARG A NH2 1 
ATOM   677  N  N   . ILE A 1 104 ? 2.995   0.773   -9.610  1.00 14.69 ? 104 ILE A N   1 
ATOM   678  C  CA  . ILE A 1 104 ? 1.728   0.410   -8.897  1.00 14.17 ? 104 ILE A CA  1 
ATOM   679  C  C   . ILE A 1 104 ? 1.003   1.731   -8.715  1.00 14.11 ? 104 ILE A C   1 
ATOM   680  O  O   . ILE A 1 104 ? 1.464   2.621   -7.956  1.00 14.86 ? 104 ILE A O   1 
ATOM   681  C  CB  . ILE A 1 104 ? 1.962   -0.352  -7.603  1.00 14.40 ? 104 ILE A CB  1 
ATOM   682  C  CG1 . ILE A 1 104 ? 2.743   -1.653  -7.803  1.00 16.52 ? 104 ILE A CG1 1 
ATOM   683  C  CG2 . ILE A 1 104 ? 0.620   -0.629  -6.919  1.00 15.15 ? 104 ILE A CG2 1 
ATOM   684  C  CD1 . ILE A 1 104 ? 3.215   -2.288  -6.543  1.00 18.84 ? 104 ILE A CD1 1 
ATOM   685  N  N   . ASN A 1 105 ? -0.133  1.888   -9.372  1.00 13.73 ? 105 ASN A N   1 
ATOM   686  C  CA  . ASN A 1 105 ? -0.953  3.123   -9.297  1.00 13.15 ? 105 ASN A CA  1 
ATOM   687  C  C   . ASN A 1 105 ? -2.084  2.897   -8.299  1.00 13.20 ? 105 ASN A C   1 
ATOM   688  O  O   . ASN A 1 105 ? -2.849  1.929   -8.505  1.00 13.00 ? 105 ASN A O   1 
ATOM   689  C  CB  . ASN A 1 105 ? -1.482  3.415   -10.691 1.00 15.03 ? 105 ASN A CB  1 
ATOM   690  C  CG  . ASN A 1 105 ? -0.366  3.770   -11.671 1.00 19.06 ? 105 ASN A CG  1 
ATOM   691  O  OD1 . ASN A 1 105 ? 0.586   4.476   -11.288 1.00 23.43 ? 105 ASN A OD1 1 
ATOM   692  N  ND2 . ASN A 1 105 ? -0.441  3.149   -12.846 1.00 22.69 ? 105 ASN A ND2 1 
ATOM   693  N  N   . THR A 1 106 ? -2.142  3.677   -7.249  1.00 12.50 ? 106 THR A N   1 
ATOM   694  C  CA  . THR A 1 106 ? -3.107  3.463   -6.148  1.00 11.96 ? 106 THR A CA  1 
ATOM   695  C  C   . THR A 1 106 ? -3.914  4.691   -5.837  1.00 11.64 ? 106 THR A C   1 
ATOM   696  O  O   . THR A 1 106 ? -3.521  5.844   -6.069  1.00 12.05 ? 106 THR A O   1 
ATOM   697  C  CB  . THR A 1 106 ? -2.436  2.994   -4.862  1.00 11.98 ? 106 THR A CB  1 
ATOM   698  O  OG1 . THR A 1 106 ? -1.754  4.099   -4.274  1.00 12.90 ? 106 THR A OG1 1 
ATOM   699  C  CG2 . THR A 1 106 ? -1.525  1.813   -5.116  1.00 13.94 ? 106 THR A CG2 1 
ATOM   700  N  N   . GLN A 1 107 ? -5.058  4.401   -5.234  1.00 10.46 ? 107 GLN A N   1 
ATOM   701  C  CA  . GLN A 1 107 ? -5.778  5.375   -4.411  1.00 11.24 ? 107 GLN A CA  1 
ATOM   702  C  C   . GLN A 1 107 ? -5.861  4.800   -3.014  1.00 10.11 ? 107 GLN A C   1 
ATOM   703  O  O   . GLN A 1 107 ? -5.766  3.575   -2.865  1.00 11.46 ? 107 GLN A O   1 
ATOM   704  C  CB  . GLN A 1 107 ? -7.148  5.639   -5.016  1.00 12.49 ? 107 GLN A CB  1 
ATOM   705  C  CG  A GLN A 1 107 ? -6.941  6.364   -6.371  0.50 12.23 ? 107 GLN A CG  1 
ATOM   706  C  CG  B GLN A 1 107 ? -7.038  6.109   -6.439  0.50 17.18 ? 107 GLN A CG  1 
ATOM   707  C  CD  A GLN A 1 107 ? -8.195  6.854   -7.042  0.50 10.53 ? 107 GLN A CD  1 
ATOM   708  C  CD  B GLN A 1 107 ? -7.684  7.446   -6.476  0.50 20.82 ? 107 GLN A CD  1 
ATOM   709  O  OE1 A GLN A 1 107 ? -8.672  7.939   -6.765  0.50 10.77 ? 107 GLN A OE1 1 
ATOM   710  O  OE1 B GLN A 1 107 ? -7.728  8.159   -5.482  0.50 22.13 ? 107 GLN A OE1 1 
ATOM   711  N  NE2 A GLN A 1 107 ? -8.774  6.014   -7.894  0.50 9.61  ? 107 GLN A NE2 1 
ATOM   712  N  NE2 B GLN A 1 107 ? -8.131  7.804   -7.642  0.50 23.09 ? 107 GLN A NE2 1 
ATOM   713  N  N   . TRP A 1 108 ? -5.976  5.640   -2.005  1.00 9.18  ? 108 TRP A N   1 
ATOM   714  C  CA  . TRP A 1 108 ? -5.934  5.206   -0.617  1.00 9.64  ? 108 TRP A CA  1 
ATOM   715  C  C   . TRP A 1 108 ? -6.960  5.893   0.226   1.00 9.57  ? 108 TRP A C   1 
ATOM   716  O  O   . TRP A 1 108 ? -7.397  7.022   -0.088  1.00 9.93  ? 108 TRP A O   1 
ATOM   717  C  CB  . TRP A 1 108 ? -4.507  5.287   -0.044  1.00 9.50  ? 108 TRP A CB  1 
ATOM   718  C  CG  . TRP A 1 108 ? -3.848  6.606   -0.097  1.00 10.11 ? 108 TRP A CG  1 
ATOM   719  C  CD1 . TRP A 1 108 ? -2.828  6.940   -0.925  1.00 10.83 ? 108 TRP A CD1 1 
ATOM   720  C  CD2 . TRP A 1 108 ? -4.064  7.746   0.754   1.00 9.78  ? 108 TRP A CD2 1 
ATOM   721  N  NE1 . TRP A 1 108 ? -2.414  8.216   -0.645  1.00 11.14 ? 108 TRP A NE1 1 
ATOM   722  C  CE2 . TRP A 1 108 ? -3.174  8.760   0.337   1.00 11.35 ? 108 TRP A CE2 1 
ATOM   723  C  CE3 . TRP A 1 108 ? -4.931  8.015   1.814   1.00 10.78 ? 108 TRP A CE3 1 
ATOM   724  C  CZ2 . TRP A 1 108 ? -3.093  9.976   0.994   1.00 11.54 ? 108 TRP A CZ2 1 
ATOM   725  C  CZ3 . TRP A 1 108 ? -4.876  9.245   2.446   1.00 10.45 ? 108 TRP A CZ3 1 
ATOM   726  C  CH2 . TRP A 1 108 ? -3.980  10.228  2.011   1.00 11.94 ? 108 TRP A CH2 1 
ATOM   727  N  N   . LEU A 1 109 ? -7.314  5.219   1.302   1.00 9.34  ? 109 LEU A N   1 
ATOM   728  C  CA  . LEU A 1 109 ? -8.234  5.729   2.321   1.00 10.21 ? 109 LEU A CA  1 
ATOM   729  C  C   . LEU A 1 109 ? -7.547  5.589   3.655   1.00 11.04 ? 109 LEU A C   1 
ATOM   730  O  O   . LEU A 1 109 ? -7.162  4.454   4.045   1.00 12.29 ? 109 LEU A O   1 
ATOM   731  C  CB  . LEU A 1 109 ? -9.530  4.927   2.374   1.00 10.29 ? 109 LEU A CB  1 
ATOM   732  C  CG  . LEU A 1 109 ? -10.434 5.007   1.156   1.00 11.37 ? 109 LEU A CG  1 
ATOM   733  C  CD1 . LEU A 1 109 ? -11.512 3.951   1.276   1.00 13.27 ? 109 LEU A CD1 1 
ATOM   734  C  CD2 . LEU A 1 109 ? -10.979 6.371   0.959   1.00 12.72 ? 109 LEU A CD2 1 
ATOM   735  N  N   . LEU A 1 110 ? -7.420  6.660   4.389   1.00 10.28 ? 110 LEU A N   1 
ATOM   736  C  CA  . LEU A 1 110 ? -6.779  6.688   5.734   1.00 10.86 ? 110 LEU A CA  1 
ATOM   737  C  C   . LEU A 1 110 ? -7.873  6.993   6.732   1.00 12.00 ? 110 LEU A C   1 
ATOM   738  O  O   . LEU A 1 110 ? -8.387  8.137   6.756   1.00 13.14 ? 110 LEU A O   1 
ATOM   739  C  CB  . LEU A 1 110 ? -5.653  7.713   5.773   1.00 12.39 ? 110 LEU A CB  1 
ATOM   740  C  CG  . LEU A 1 110 ? -4.934  7.957   7.096   1.00 16.00 ? 110 LEU A CG  1 
ATOM   741  C  CD1 . LEU A 1 110 ? -3.787  8.896   6.811   1.00 16.54 ? 110 LEU A CD1 1 
ATOM   742  C  CD2 . LEU A 1 110 ? -5.778  8.345   8.269   1.00 21.06 ? 110 LEU A CD2 1 
ATOM   743  N  N   . THR A 1 111 ? -8.255  6.029   7.544   1.00 11.17 ? 111 THR A N   1 
ATOM   744  C  CA  . THR A 1 111 ? -9.286  6.225   8.589   1.00 11.31 ? 111 THR A CA  1 
ATOM   745  C  C   . THR A 1 111 ? -8.678  6.318   9.966   1.00 12.52 ? 111 THR A C   1 
ATOM   746  O  O   . THR A 1 111 ? -7.851  5.459   10.285  1.00 12.04 ? 111 THR A O   1 
ATOM   747  C  CB  . THR A 1 111 ? -10.360 5.148   8.595   1.00 12.17 ? 111 THR A CB  1 
ATOM   748  O  OG1 . THR A 1 111 ? -10.934 4.988   7.297   1.00 12.67 ? 111 THR A OG1 1 
ATOM   749  C  CG2 . THR A 1 111 ? -11.518 5.466   9.528   1.00 14.26 ? 111 THR A CG2 1 
ATOM   750  N  N   . SER A 1 112 ? -9.053  7.305   10.739  1.00 12.10 ? 112 SER A N   1 
ATOM   751  C  CA  . SER A 1 112 ? -8.673  7.443   12.158  1.00 13.10 ? 112 SER A CA  1 
ATOM   752  C  C   . SER A 1 112 ? -9.794  6.881   13.001  1.00 13.84 ? 112 SER A C   1 
ATOM   753  O  O   . SER A 1 112 ? -10.974 7.125   12.681  1.00 15.07 ? 112 SER A O   1 
ATOM   754  C  CB  . SER A 1 112 ? -8.367  8.827   12.545  1.00 14.50 ? 112 SER A CB  1 
ATOM   755  O  OG  . SER A 1 112 ? -7.212  9.325   11.875  1.00 16.94 ? 112 SER A OG  1 
ATOM   756  N  N   . GLY A 1 113 ? -9.446  6.334   14.163  1.00 15.97 ? 113 GLY A N   1 
ATOM   757  C  CA  . GLY A 1 113 ? -10.461 6.154   15.224  1.00 16.21 ? 113 GLY A CA  1 
ATOM   758  C  C   . GLY A 1 113 ? -10.920 7.471   15.771  1.00 16.67 ? 113 GLY A C   1 
ATOM   759  O  O   . GLY A 1 113 ? -10.092 8.330   16.116  1.00 20.13 ? 113 GLY A O   1 
ATOM   760  N  N   . THR A 1 114 ? -12.215 7.690   15.808  1.00 15.99 ? 114 THR A N   1 
ATOM   761  C  CA  . THR A 1 114 ? -12.779 8.994   16.209  1.00 16.82 ? 114 THR A CA  1 
ATOM   762  C  C   . THR A 1 114 ? -13.920 8.740   17.187  1.00 17.55 ? 114 THR A C   1 
ATOM   763  O  O   . THR A 1 114 ? -14.470 7.653   17.260  1.00 17.55 ? 114 THR A O   1 
ATOM   764  C  CB  . THR A 1 114 ? -13.326 9.854   15.062  1.00 16.37 ? 114 THR A CB  1 
ATOM   765  O  OG1 . THR A 1 114 ? -14.496 9.256   14.528  1.00 17.99 ? 114 THR A OG1 1 
ATOM   766  C  CG2 . THR A 1 114 ? -12.345 10.115  13.930  1.00 18.04 ? 114 THR A CG2 1 
ATOM   767  N  N   . THR A 1 115 ? -14.294 9.819   17.859  1.00 19.09 ? 115 THR A N   1 
ATOM   768  C  CA  . THR A 1 115 ? -15.595 9.833   18.551  1.00 21.75 ? 115 THR A CA  1 
ATOM   769  C  C   . THR A 1 115 ? -16.735 9.899   17.535  1.00 21.56 ? 115 THR A C   1 
ATOM   770  O  O   . THR A 1 115 ? -16.510 10.229  16.348  1.00 20.40 ? 115 THR A O   1 
ATOM   771  C  CB  . THR A 1 115 ? -15.672 11.014  19.530  1.00 22.77 ? 115 THR A CB  1 
ATOM   772  O  OG1 . THR A 1 115 ? -15.719 12.202  18.747  1.00 27.54 ? 115 THR A OG1 1 
ATOM   773  C  CG2 . THR A 1 115 ? -14.515 11.009  20.498  1.00 24.73 ? 115 THR A CG2 1 
ATOM   774  N  N   . GLU A 1 116 ? -17.983 9.609   17.928  1.00 23.41 ? 116 GLU A N   1 
ATOM   775  C  CA  . GLU A 1 116 ? -19.110 9.596   16.973  1.00 24.71 ? 116 GLU A CA  1 
ATOM   776  C  C   . GLU A 1 116 ? -19.277 11.034  16.458  1.00 23.22 ? 116 GLU A C   1 
ATOM   777  O  O   . GLU A 1 116 ? -19.565 11.218  15.257  1.00 23.70 ? 116 GLU A O   1 
ATOM   778  C  CB  . GLU A 1 116 ? -20.409 9.005   17.568  1.00 30.25 ? 116 GLU A CB  1 
ATOM   779  C  CG  . GLU A 1 116 ? -20.293 7.494   17.794  0.50 31.74 ? 116 GLU A CG  1 
ATOM   780  C  CD  . GLU A 1 116 ? -21.532 6.697   18.192  0.50 35.99 ? 116 GLU A CD  1 
ATOM   781  O  OE1 . GLU A 1 116 ? -21.366 5.670   18.886  0.50 36.10 ? 116 GLU A OE1 1 
ATOM   782  O  OE2 . GLU A 1 116 ? -22.655 7.085   17.803  0.50 40.00 ? 116 GLU A OE2 1 
ATOM   783  N  N   . ALA A 1 117 ? -19.066 12.044  17.293  1.00 23.62 ? 117 ALA A N   1 
ATOM   784  C  CA  . ALA A 1 117 ? -19.234 13.469  16.913  1.00 25.40 ? 117 ALA A CA  1 
ATOM   785  C  C   . ALA A 1 117 ? -18.243 13.875  15.820  1.00 25.45 ? 117 ALA A C   1 
ATOM   786  O  O   . ALA A 1 117 ? -18.541 14.837  15.057  1.00 25.38 ? 117 ALA A O   1 
ATOM   787  C  CB  . ALA A 1 117 ? -19.094 14.354  18.122  1.00 28.94 ? 117 ALA A CB  1 
ATOM   788  N  N   . ASN A 1 118 ? -17.087 13.223  15.733  1.00 19.92 ? 118 ASN A N   1 
ATOM   789  C  CA  . ASN A 1 118 ? -16.038 13.602  14.742  1.00 19.29 ? 118 ASN A CA  1 
ATOM   790  C  C   . ASN A 1 118 ? -16.010 12.605  13.555  1.00 15.80 ? 118 ASN A C   1 
ATOM   791  O  O   . ASN A 1 118 ? -15.096 12.721  12.736  1.00 16.71 ? 118 ASN A O   1 
ATOM   792  C  CB  . ASN A 1 118 ? -14.684 13.759  15.402  1.00 22.13 ? 118 ASN A CB  1 
ATOM   793  C  CG  . ASN A 1 118 ? -14.709 14.907  16.402  1.00 27.34 ? 118 ASN A CG  1 
ATOM   794  O  OD1 . ASN A 1 118 ? -15.369 15.913  16.172  1.00 29.68 ? 118 ASN A OD1 1 
ATOM   795  N  ND2 . ASN A 1 118 ? -14.043 14.726  17.534  1.00 30.51 ? 118 ASN A ND2 1 
ATOM   796  N  N   . ALA A 1 119 ? -16.857 11.609  13.536  1.00 15.12 ? 119 ALA A N   1 
ATOM   797  C  CA  . ALA A 1 119 ? -16.747 10.481  12.579  1.00 15.14 ? 119 ALA A CA  1 
ATOM   798  C  C   . ALA A 1 119 ? -16.917 10.981  11.138  1.00 15.23 ? 119 ALA A C   1 
ATOM   799  O  O   . ALA A 1 119 ? -16.378 10.373  10.223  1.00 16.61 ? 119 ALA A O   1 
ATOM   800  C  CB  . ALA A 1 119 ? -17.705 9.354   12.947  1.00 17.15 ? 119 ALA A CB  1 
ATOM   801  N  N   . TRP A 1 120 ? -17.667 12.049  10.917  1.00 14.73 ? 120 TRP A N   1 
ATOM   802  C  CA  . TRP A 1 120 ? -17.800 12.617  9.564   1.00 14.15 ? 120 TRP A CA  1 
ATOM   803  C  C   . TRP A 1 120 ? -16.435 13.002  8.993   1.00 14.13 ? 120 TRP A C   1 
ATOM   804  O  O   . TRP A 1 120 ? -16.300 13.035  7.732   1.00 15.56 ? 120 TRP A O   1 
ATOM   805  C  CB  . TRP A 1 120 ? -18.770 13.832  9.591   1.00 15.26 ? 120 TRP A CB  1 
ATOM   806  C  CG  . TRP A 1 120 ? -18.209 15.004  10.310  1.00 15.29 ? 120 TRP A CG  1 
ATOM   807  C  CD1 . TRP A 1 120 ? -18.309 15.294  11.639  1.00 15.84 ? 120 TRP A CD1 1 
ATOM   808  C  CD2 . TRP A 1 120 ? -17.385 16.051  9.755   1.00 14.62 ? 120 TRP A CD2 1 
ATOM   809  N  NE1 . TRP A 1 120 ? -17.635 16.418  11.927  1.00 17.41 ? 120 TRP A NE1 1 
ATOM   810  C  CE2 . TRP A 1 120 ? -17.057 16.936  10.803  1.00 17.66 ? 120 TRP A CE2 1 
ATOM   811  C  CE3 . TRP A 1 120 ? -16.933 16.374  8.464   1.00 16.24 ? 120 TRP A CE3 1 
ATOM   812  C  CZ2 . TRP A 1 120 ? -16.264 18.069  10.614  1.00 18.65 ? 120 TRP A CZ2 1 
ATOM   813  C  CZ3 . TRP A 1 120 ? -16.177 17.506  8.300   1.00 17.51 ? 120 TRP A CZ3 1 
ATOM   814  C  CH2 . TRP A 1 120 ? -15.844 18.335  9.349   1.00 19.27 ? 120 TRP A CH2 1 
ATOM   815  N  N   . ALA A 1 121 ? -15.468 13.314  9.822   1.00 13.58 ? 121 ALA A N   1 
ATOM   816  C  CA  . ALA A 1 121 ? -14.124 13.777  9.433   1.00 14.04 ? 121 ALA A CA  1 
ATOM   817  C  C   . ALA A 1 121 ? -13.103 12.657  9.699   1.00 14.87 ? 121 ALA A C   1 
ATOM   818  O  O   . ALA A 1 121 ? -11.915 12.984  9.914   1.00 17.68 ? 121 ALA A O   1 
ATOM   819  C  CB  . ALA A 1 121 ? -13.808 15.055  10.161  1.00 16.49 ? 121 ALA A CB  1 
ATOM   820  N  N   . SER A 1 122 ? -13.508 11.405  9.693   1.00 13.09 ? 122 SER A N   1 
ATOM   821  C  CA  . SER A 1 122 ? -12.560 10.329  10.074  1.00 13.36 ? 122 SER A CA  1 
ATOM   822  C  C   . SER A 1 122 ? -11.616 9.922   8.945   1.00 12.77 ? 122 SER A C   1 
ATOM   823  O  O   . SER A 1 122 ? -10.610 9.259   9.250   1.00 13.41 ? 122 SER A O   1 
ATOM   824  C  CB  . SER A 1 122 ? -13.368 9.116   10.496  1.00 13.26 ? 122 SER A CB  1 
ATOM   825  O  OG  . SER A 1 122 ? -14.048 8.583   9.367   1.00 14.86 ? 122 SER A OG  1 
ATOM   826  N  N   . THR A 1 123 ? -11.893 10.230  7.684   1.00 11.35 ? 123 THR A N   1 
ATOM   827  C  CA  . THR A 1 123 ? -11.263 9.534   6.557   1.00 11.03 ? 123 THR A CA  1 
ATOM   828  C  C   . THR A 1 123 ? -10.658 10.494  5.550   1.00 10.96 ? 123 THR A C   1 
ATOM   829  O  O   . THR A 1 123 ? -11.392 11.306  5.036   1.00 12.66 ? 123 THR A O   1 
ATOM   830  C  CB  . THR A 1 123 ? -12.234 8.590   5.843   1.00 11.33 ? 123 THR A CB  1 
ATOM   831  O  OG1 . THR A 1 123 ? -12.894 7.773   6.825   1.00 14.32 ? 123 THR A OG1 1 
ATOM   832  C  CG2 . THR A 1 123 ? -11.497 7.685   4.882   1.00 11.73 ? 123 THR A CG2 1 
ATOM   833  N  N   . TYR A 1 124 ? -9.379  10.384  5.299   1.00 11.04 ? 124 TYR A N   1 
ATOM   834  C  CA  . TYR A 1 124 ? -8.692  11.060  4.182   1.00 12.31 ? 124 TYR A CA  1 
ATOM   835  C  C   . TYR A 1 124 ? -8.648  10.159  2.979   1.00 10.99 ? 124 TYR A C   1 
ATOM   836  O  O   . TYR A 1 124 ? -8.607  8.922   3.100   1.00 11.74 ? 124 TYR A O   1 
ATOM   837  C  CB  . TYR A 1 124 ? -7.242  11.370  4.545   1.00 13.56 ? 124 TYR A CB  1 
ATOM   838  C  CG  . TYR A 1 124 ? -7.036  12.303  5.707   1.00 16.85 ? 124 TYR A CG  1 
ATOM   839  C  CD1 . TYR A 1 124 ? -6.986  13.673  5.520   1.00 22.32 ? 124 TYR A CD1 1 
ATOM   840  C  CD2 . TYR A 1 124 ? -6.756  11.804  6.959   1.00 24.76 ? 124 TYR A CD2 1 
ATOM   841  C  CE1 . TYR A 1 124 ? -6.702  14.528  6.570   1.00 27.73 ? 124 TYR A CE1 1 
ATOM   842  C  CE2 . TYR A 1 124 ? -6.426  12.637  8.010   1.00 29.37 ? 124 TYR A CE2 1 
ATOM   843  C  CZ  . TYR A 1 124 ? -6.462  13.992  7.812   1.00 29.35 ? 124 TYR A CZ  1 
ATOM   844  O  OH  . TYR A 1 124 ? -6.170  14.840  8.840   1.00 35.77 ? 124 TYR A OH  1 
ATOM   845  N  N   . VAL A 1 125 ? -8.647  10.787  1.821   1.00 11.12 ? 125 VAL A N   1 
ATOM   846  C  CA  . VAL A 1 125 ? -8.472  10.090  0.530   1.00 11.40 ? 125 VAL A CA  1 
ATOM   847  C  C   . VAL A 1 125 ? -7.301  10.717  -0.196  1.00 10.62 ? 125 VAL A C   1 
ATOM   848  O  O   . VAL A 1 125 ? -7.108  11.924  -0.164  1.00 11.22 ? 125 VAL A O   1 
ATOM   849  C  CB  . VAL A 1 125 ? -9.735  10.073  -0.318  1.00 12.30 ? 125 VAL A CB  1 
ATOM   850  C  CG1 . VAL A 1 125 ? -10.174 11.492  -0.680  1.00 13.47 ? 125 VAL A CG1 1 
ATOM   851  C  CG2 . VAL A 1 125 ? -9.598  9.219   -1.564  1.00 12.49 ? 125 VAL A CG2 1 
ATOM   852  N  N   . GLY A 1 126 ? -6.554  9.904   -0.883  1.00 10.80 ? 126 GLY A N   1 
ATOM   853  C  CA  . GLY A 1 126 ? -5.440  10.379  -1.688  1.00 11.31 ? 126 GLY A CA  1 
ATOM   854  C  C   . GLY A 1 126 ? -5.029  9.336   -2.691  1.00 10.84 ? 126 GLY A C   1 
ATOM   855  O  O   . GLY A 1 126 ? -5.741  8.356   -2.975  1.00 11.15 ? 126 GLY A O   1 
ATOM   856  N  N   . HIS A 1 127 ? -3.895  9.583   -3.352  1.00 11.50 ? 127 HIS A N   1 
ATOM   857  C  CA  . HIS A 1 127 ? -3.390  8.725   -4.428  1.00 12.41 ? 127 HIS A CA  1 
ATOM   858  C  C   . HIS A 1 127 ? -1.871  8.705   -4.355  1.00 12.87 ? 127 HIS A C   1 
ATOM   859  O  O   . HIS A 1 127 ? -1.248  9.765   -4.220  1.00 14.63 ? 127 HIS A O   1 
ATOM   860  C  CB  . HIS A 1 127 ? -3.905  9.191   -5.784  1.00 13.10 ? 127 HIS A CB  1 
ATOM   861  C  CG  . HIS A 1 127 ? -3.717  10.640  -6.014  1.00 14.87 ? 127 HIS A CG  1 
ATOM   862  N  ND1 . HIS A 1 127 ? -2.691  11.178  -6.726  1.00 18.52 ? 127 HIS A ND1 1 
ATOM   863  C  CD2 . HIS A 1 127 ? -4.484  11.669  -5.624  1.00 15.76 ? 127 HIS A CD2 1 
ATOM   864  C  CE1 . HIS A 1 127 ? -2.822  12.501  -6.740  1.00 18.51 ? 127 HIS A CE1 1 
ATOM   865  N  NE2 . HIS A 1 127 ? -3.892  12.845  -6.070  1.00 20.39 ? 127 HIS A NE2 1 
ATOM   866  N  N   . ASP A 1 128 ? -1.336  7.526   -4.489  1.00 11.33 ? 128 ASP A N   1 
ATOM   867  C  CA  . ASP A 1 128 ? 0.138   7.279   -4.505  1.00 12.24 ? 128 ASP A CA  1 
ATOM   868  C  C   . ASP A 1 128 ? 0.497   6.474   -5.741  1.00 12.51 ? 128 ASP A C   1 
ATOM   869  O  O   . ASP A 1 128 ? -0.144  5.481   -6.092  1.00 12.36 ? 128 ASP A O   1 
ATOM   870  C  CB  . ASP A 1 128 ? 0.577   6.500   -3.254  1.00 12.08 ? 128 ASP A CB  1 
ATOM   871  C  CG  . ASP A 1 128 ? 0.566   7.222   -1.923  1.00 11.44 ? 128 ASP A CG  1 
ATOM   872  O  OD1 . ASP A 1 128 ? 0.368   8.475   -1.910  1.00 14.30 ? 128 ASP A OD1 1 
ATOM   873  O  OD2 . ASP A 1 128 ? 0.712   6.499   -0.904  1.00 12.99 ? 128 ASP A OD2 1 
ATOM   874  N  N   . THR A 1 129 ? 1.599   6.845   -6.360  1.00 13.24 ? 129 THR A N   1 
ATOM   875  C  CA  . THR A 1 129 ? 2.157   6.061   -7.455  1.00 13.67 ? 129 THR A CA  1 
ATOM   876  C  C   . THR A 1 129 ? 3.524   5.532   -6.990  1.00 12.96 ? 129 THR A C   1 
ATOM   877  O  O   . THR A 1 129 ? 4.355   6.290   -6.502  1.00 15.08 ? 129 THR A O   1 
ATOM   878  C  CB  . THR A 1 129 ? 2.351   6.897   -8.716  1.00 18.41 ? 129 THR A CB  1 
ATOM   879  O  OG1 . THR A 1 129 ? 1.064   7.379   -9.100  1.00 25.11 ? 129 THR A OG1 1 
ATOM   880  C  CG2 . THR A 1 129 ? 2.919   6.016   -9.804  1.00 19.21 ? 129 THR A CG2 1 
ATOM   881  N  N   . PHE A 1 130 ? 3.659   4.229   -7.056  1.00 13.35 ? 130 PHE A N   1 
ATOM   882  C  CA  . PHE A 1 130 ? 4.898   3.515   -6.657  1.00 13.74 ? 130 PHE A CA  1 
ATOM   883  C  C   . PHE A 1 130 ? 5.661   3.097   -7.901  1.00 14.19 ? 130 PHE A C   1 
ATOM   884  O  O   . PHE A 1 130 ? 5.095   2.603   -8.887  1.00 14.51 ? 130 PHE A O   1 
ATOM   885  C  CB  . PHE A 1 130 ? 4.530   2.294   -5.841  1.00 13.32 ? 130 PHE A CB  1 
ATOM   886  C  CG  . PHE A 1 130 ? 3.856   2.604   -4.531  1.00 12.45 ? 130 PHE A CG  1 
ATOM   887  C  CD1 . PHE A 1 130 ? 2.479   2.747   -4.480  1.00 12.82 ? 130 PHE A CD1 1 
ATOM   888  C  CD2 . PHE A 1 130 ? 4.578   2.769   -3.349  1.00 12.88 ? 130 PHE A CD2 1 
ATOM   889  C  CE1 . PHE A 1 130 ? 1.867   3.066   -3.292  1.00 11.52 ? 130 PHE A CE1 1 
ATOM   890  C  CE2 . PHE A 1 130 ? 3.939   3.071   -2.160  1.00 12.73 ? 130 PHE A CE2 1 
ATOM   891  C  CZ  . PHE A 1 130 ? 2.556   3.287   -2.165  1.00 12.66 ? 130 PHE A CZ  1 
ATOM   892  N  N   . THR A 1 131 ? 6.995   3.296   -7.814  1.00 14.82 ? 131 THR A N   1 
ATOM   893  C  CA  . THR A 1 131 ? 7.997   2.847   -8.813  1.00 16.32 ? 131 THR A CA  1 
ATOM   894  C  C   . THR A 1 131 ? 9.062   2.020   -8.127  1.00 17.02 ? 131 THR A C   1 
ATOM   895  O  O   . THR A 1 131 ? 9.250   2.099   -6.938  1.00 16.49 ? 131 THR A O   1 
ATOM   896  C  CB  . THR A 1 131 ? 8.569   4.031   -9.600  1.00 20.48 ? 131 THR A CB  1 
ATOM   897  O  OG1 . THR A 1 131 ? 9.292   4.866   -8.713  1.00 27.12 ? 131 THR A OG1 1 
ATOM   898  C  CG2 . THR A 1 131 ? 7.444   4.742   -10.305 1.00 24.27 ? 131 THR A CG2 1 
ATOM   899  N  N   . LYS A 1 132 ? 9.814   1.279   -8.940  1.00 19.04 ? 132 LYS A N   1 
ATOM   900  C  CA  . LYS A 1 132 ? 10.959  0.487   -8.429  1.00 20.21 ? 132 LYS A CA  1 
ATOM   901  C  C   . LYS A 1 132 ? 12.190  1.344   -8.247  1.00 24.78 ? 132 LYS A C   1 
ATOM   902  O  O   . LYS A 1 132 ? 13.105  0.801   -7.649  1.00 23.81 ? 132 LYS A O   1 
ATOM   903  C  CB  . LYS A 1 132 ? 11.289  -0.619  -9.412  1.00 22.72 ? 132 LYS A CB  1 
ATOM   904  C  CG  . LYS A 1 132 ? 10.200  -1.622  -9.613  1.00 25.97 ? 132 LYS A CG  1 
ATOM   905  C  CD  . LYS A 1 132 ? 9.957   -2.475  -8.427  1.00 32.38 ? 132 LYS A CD  1 
ATOM   906  C  CE  . LYS A 1 132 ? 11.065  -3.445  -8.094  1.00 41.81 ? 132 LYS A CE  1 
ATOM   907  N  NZ  . LYS A 1 132 ? 10.789  -4.095  -6.787  1.00 38.14 ? 132 LYS A NZ  1 
ATOM   908  N  N   . VAL A 1 133 ? 12.223  2.582   -8.718  1.00 24.34 ? 133 VAL A N   1 
ATOM   909  C  CA  . VAL A 1 133 ? 13.396  3.496   -8.523  1.00 31.01 ? 133 VAL A CA  1 
ATOM   910  C  C   . VAL A 1 133 ? 12.983  4.690   -7.639  1.00 32.18 ? 133 VAL A C   1 
ATOM   911  O  O   . VAL A 1 133 ? 11.845  5.191   -7.793  1.00 38.50 ? 133 VAL A O   1 
ATOM   912  C  CB  . VAL A 1 133 ? 14.028  3.893   -9.878  1.00 36.54 ? 133 VAL A CB  1 
ATOM   913  C  CG1 . VAL A 1 133 ? 13.716  2.893   -10.985 1.00 37.54 ? 133 VAL A CG1 1 
ATOM   914  C  CG2 . VAL A 1 133 ? 13.708  5.309   -10.334 1.00 39.18 ? 133 VAL A CG2 1 
ATOM   915  N  N   . LYS A 1 134 ? 13.864  5.079   -6.712  1.00 38.17 ? 134 LYS A N   1 
ATOM   916  C  CA  . LYS A 1 134 ? 13.946  6.397   -6.010  1.00 50.83 ? 134 LYS A CA  1 
ATOM   917  C  C   . LYS A 1 134 ? 13.065  6.346   -4.764  1.00 54.12 ? 134 LYS A C   1 
ATOM   918  O  O   . LYS A 1 134 ? 13.623  6.187   -3.676  1.00 67.53 ? 134 LYS A O   1 
ATOM   919  C  CB  . LYS A 1 134 ? 13.618  7.591   -6.918  1.00 51.16 ? 134 LYS A CB  1 
ATOM   920  C  CG  . LYS A 1 134 ? 12.721  8.661   -6.301  1.00 57.59 ? 134 LYS A CG  1 
ATOM   921  C  CD  . LYS A 1 134 ? 11.293  8.190   -6.072  1.00 59.26 ? 134 LYS A CD  1 
ATOM   922  C  CE  . LYS A 1 134 ? 10.300  9.328   -6.012  1.00 65.38 ? 134 LYS A CE  1 
ATOM   923  N  NZ  . LYS A 1 134 ? 10.751  10.390  -5.082  1.00 66.19 ? 134 LYS A NZ  1 
HETATM 924  O  O3  . KM3 B 2 .   ? 3.199   6.987   1.918   1.00 12.70 ? 201 KM3 A O3  1 
HETATM 925  C  C9  . KM3 B 2 .   ? 2.187   7.583   2.346   1.00 11.80 ? 201 KM3 A C9  1 
HETATM 926  N  N1  . KM3 B 2 .   ? 1.034   7.679   1.618   1.00 12.48 ? 201 KM3 A N1  1 
HETATM 927  N  N2  . KM3 B 2 .   ? 2.083   8.236   3.504   1.00 12.19 ? 201 KM3 A N2  1 
HETATM 928  C  C10 . KM3 B 2 .   ? 0.745   8.880   3.707   1.00 11.96 ? 201 KM3 A C10 1 
HETATM 929  C  C8  . KM3 B 2 .   ? 0.022   8.459   2.362   1.00 11.73 ? 201 KM3 A C8  1 
HETATM 930  C  C7  . KM3 B 2 .   ? -1.168  7.537   2.762   1.00 12.13 ? 201 KM3 A C7  1 
HETATM 931  S  S1  . KM3 B 2 .   ? -0.713  6.778   4.317   1.00 12.56 ? 201 KM3 A S1  1 
HETATM 932  C  C6  . KM3 B 2 .   ? -0.010  8.315   4.870   1.00 11.86 ? 201 KM3 A C6  1 
HETATM 933  C  C5  . KM3 B 2 .   ? 0.803   8.283   6.183   1.00 12.61 ? 201 KM3 A C5  1 
HETATM 934  C  C4  . KM3 B 2 .   ? -0.106  8.099   7.392   1.00 12.18 ? 201 KM3 A C4  1 
HETATM 935  C  C3  . KM3 B 2 .   ? 0.749   7.984   8.677   1.00 12.30 ? 201 KM3 A C3  1 
HETATM 936  C  C2  . KM3 B 2 .   ? -0.121  7.854   9.923   1.00 14.52 ? 201 KM3 A C2  1 
HETATM 937  C  C01 . KM3 B 2 .   ? -0.874  9.109   10.288  1.00 13.56 ? 201 KM3 A C01 1 
HETATM 938  C  C25 . KM3 B 2 .   ? -3.588  10.891  10.439  1.00 24.73 ? 201 KM3 A C25 1 
HETATM 939  N  N6  . KM3 B 2 .   ? -2.155  8.923   10.703  1.00 16.39 ? 201 KM3 A N6  1 
HETATM 940  C  C26 . KM3 B 2 .   ? -4.491  11.889  11.238  1.00 32.67 ? 201 KM3 A C26 1 
HETATM 941  O  O1  . KM3 B 2 .   ? -0.363  10.256  10.134  1.00 15.40 ? 201 KM3 A O1  1 
HETATM 942  C  C23 . KM3 B 2 .   ? -3.926  13.303  11.267  1.00 35.64 ? 201 KM3 A C23 1 
HETATM 943  C  C24 . KM3 B 2 .   ? -2.824  10.039  11.442  1.00 22.53 ? 201 KM3 A C24 1 
HETATM 944  N  N3  . KM3 B 2 .   ? -4.800  14.373  11.932  1.00 30.96 ? 201 KM3 A N3  1 
HETATM 945  C  C11 . KM3 B 2 .   ? -5.454  13.869  13.178  1.00 33.11 ? 201 KM3 A C11 1 
HETATM 946  C  C17 . KM3 B 2 .   ? -3.737  15.316  12.383  1.00 35.97 ? 201 KM3 A C17 1 
HETATM 947  FE FE1 . KM3 B 2 .   ? -6.035  15.237  10.566  0.60 27.87 ? 201 KM3 A FE1 1 
HETATM 948  N  N4  . KM3 B 2 .   ? -7.200  14.121  11.590  1.00 39.41 ? 201 KM3 A N4  1 
HETATM 949  C  C16 . KM3 B 2 .   ? -8.418  13.832  11.252  1.00 47.61 ? 201 KM3 A C16 1 
HETATM 950  C  C15 . KM3 B 2 .   ? -9.173  13.068  11.997  1.00 47.31 ? 201 KM3 A C15 1 
HETATM 951  C  C14 . KM3 B 2 .   ? -8.790  12.583  13.060  1.00 49.71 ? 201 KM3 A C14 1 
HETATM 952  C  C13 . KM3 B 2 .   ? -7.666  12.786  13.486  1.00 42.66 ? 201 KM3 A C13 1 
HETATM 953  C  C12 . KM3 B 2 .   ? -6.859  13.533  12.806  1.00 37.59 ? 201 KM3 A C12 1 
HETATM 954  N  N5  . KM3 B 2 .   ? -4.274  16.039  10.141  1.00 43.41 ? 201 KM3 A N5  1 
HETATM 955  C  C18 . KM3 B 2 .   ? -3.214  16.007  11.124  1.00 42.57 ? 201 KM3 A C18 1 
HETATM 956  C  C22 . KM3 B 2 .   ? -4.011  16.629  8.925   1.00 48.88 ? 201 KM3 A C22 1 
HETATM 957  C  C21 . KM3 B 2 .   ? -2.751  17.181  8.610   1.00 47.41 ? 201 KM3 A C21 1 
HETATM 958  C  C20 . KM3 B 2 .   ? -1.719  17.154  9.551   1.00 52.33 ? 201 KM3 A C20 1 
HETATM 959  C  C19 . KM3 B 2 .   ? -1.949  16.554  10.813  1.00 54.32 ? 201 KM3 A C19 1 
HETATM 960  C  C   . ACT C 3 .   ? -6.384  17.824  12.336  0.50 21.67 ? 202 ACT A C   1 
HETATM 961  O  O   . ACT C 3 .   ? -5.681  18.505  11.556  0.50 30.50 ? 202 ACT A O   1 
HETATM 962  O  OXT . ACT C 3 .   ? -6.642  16.581  12.156  0.50 19.45 ? 202 ACT A OXT 1 
HETATM 963  C  CH3 . ACT C 3 .   ? -6.993  18.508  13.564  0.50 25.64 ? 202 ACT A CH3 1 
HETATM 964  O  O   . HOH D 4 .   ? -7.582  16.278  9.484   0.50 42.12 ? 301 HOH A O   1 
HETATM 965  O  O   . HOH D 4 .   ? 8.942   8.118   18.631  1.00 49.11 ? 302 HOH A O   1 
HETATM 966  O  O   . HOH D 4 .   ? 10.979  -9.715  -8.000  1.00 48.41 ? 303 HOH A O   1 
HETATM 967  O  O   . HOH D 4 .   ? 14.895  0.693   18.162  1.00 46.39 ? 304 HOH A O   1 
HETATM 968  O  O   . HOH D 4 .   ? 1.520   -17.063 0.254   1.00 46.23 ? 305 HOH A O   1 
HETATM 969  O  O   . HOH D 4 .   ? -16.123 14.385  20.135  1.00 43.83 ? 306 HOH A O   1 
HETATM 970  O  O   . HOH D 4 .   ? 8.621   5.839   20.687  1.00 19.35 ? 307 HOH A O   1 
HETATM 971  O  O   . HOH D 4 .   ? 13.102  -1.491  -6.262  1.00 23.66 ? 308 HOH A O   1 
HETATM 972  O  O   . HOH D 4 .   ? 9.604   1.309   -11.837 1.00 22.92 ? 309 HOH A O   1 
HETATM 973  O  O   . HOH D 4 .   ? 9.402   -6.006  -8.256  1.00 36.69 ? 310 HOH A O   1 
HETATM 974  O  O   . HOH D 4 .   ? 7.121   5.221   8.868   1.00 16.04 ? 311 HOH A O   1 
HETATM 975  O  O   . HOH D 4 .   ? 2.401   5.561   13.968  1.00 14.42 ? 312 HOH A O   1 
HETATM 976  O  O   . HOH D 4 .   ? 15.779  1.475   -0.275  1.00 30.39 ? 313 HOH A O   1 
HETATM 977  O  O   . HOH D 4 .   ? -5.481  9.349   14.216  1.00 28.77 ? 314 HOH A O   1 
HETATM 978  O  O   . HOH D 4 .   ? -0.080  -2.714  10.492  1.00 13.75 ? 315 HOH A O   1 
HETATM 979  O  O   . HOH D 4 .   ? 15.639  1.160   -6.830  1.00 22.80 ? 316 HOH A O   1 
HETATM 980  O  O   . HOH D 4 .   ? -0.115  -11.570 4.565   1.00 36.33 ? 317 HOH A O   1 
HETATM 981  O  O   . HOH D 4 .   ? -5.675  13.851  1.055   1.00 18.19 ? 318 HOH A O   1 
HETATM 982  O  O   . HOH D 4 .   ? 11.046  -4.942  5.815   1.00 35.30 ? 319 HOH A O   1 
HETATM 983  O  O   . HOH D 4 .   ? -0.960  -7.153  -15.438 1.00 29.11 ? 320 HOH A O   1 
HETATM 984  O  O   . HOH D 4 .   ? -7.891  10.208  9.415   1.00 22.56 ? 321 HOH A O   1 
HETATM 985  O  O   . HOH D 4 .   ? 10.902  5.625   3.217   1.00 25.10 ? 322 HOH A O   1 
HETATM 986  O  O   . HOH D 4 .   ? -6.434  -7.933  -12.055 1.00 16.03 ? 323 HOH A O   1 
HETATM 987  O  O   . HOH D 4 .   ? -15.808 6.690   10.212  1.00 22.39 ? 324 HOH A O   1 
HETATM 988  O  O   . HOH D 4 .   ? -13.781 5.243   6.327   1.00 16.04 ? 325 HOH A O   1 
HETATM 989  O  O   . HOH D 4 .   ? -5.727  -13.932 -6.106  1.00 17.99 ? 326 HOH A O   1 
HETATM 990  O  O   . HOH D 4 .   ? 5.712   -7.983  7.823   1.00 26.11 ? 327 HOH A O   1 
HETATM 991  O  O   . HOH D 4 .   ? 10.634  11.935  5.923   1.00 45.16 ? 328 HOH A O   1 
HETATM 992  O  O   . HOH D 4 .   ? 6.615   7.515   -7.460  1.00 37.41 ? 329 HOH A O   1 
HETATM 993  O  O   . HOH D 4 .   ? -5.317  -5.682  3.533   0.50 13.27 ? 330 HOH A O   1 
HETATM 994  O  O   . HOH D 4 .   ? -2.797  -14.807 -15.713 1.00 39.87 ? 331 HOH A O   1 
HETATM 995  O  O   . HOH D 4 .   ? -9.416  10.997  15.987  1.00 43.28 ? 332 HOH A O   1 
HETATM 996  O  O   . HOH D 4 .   ? -5.606  -16.511 -5.381  1.00 33.96 ? 333 HOH A O   1 
HETATM 997  O  O   . HOH D 4 .   ? 9.304   -0.897  13.206  1.00 26.47 ? 334 HOH A O   1 
HETATM 998  O  O   . HOH D 4 .   ? -1.169  -11.040 -17.650 1.00 45.82 ? 335 HOH A O   1 
HETATM 999  O  O   . HOH D 4 .   ? 7.513   -13.806 -4.787  1.00 32.95 ? 336 HOH A O   1 
HETATM 1000 O  O   . HOH D 4 .   ? -1.569  9.005   18.945  1.00 37.32 ? 337 HOH A O   1 
HETATM 1001 O  O   . HOH D 4 .   ? 8.413   -8.641  2.015   1.00 39.82 ? 338 HOH A O   1 
HETATM 1002 O  O   . HOH D 4 .   ? -16.821 17.600  14.483  1.00 38.49 ? 339 HOH A O   1 
HETATM 1003 O  O   . HOH D 4 .   ? -7.300  -12.027 -20.906 1.00 54.45 ? 340 HOH A O   1 
HETATM 1004 O  O   . HOH D 4 .   ? -0.425  11.019  -0.988  1.00 18.07 ? 341 HOH A O   1 
HETATM 1005 O  O   . HOH D 4 .   ? -2.367  -8.084  -19.062 1.00 34.99 ? 342 HOH A O   1 
HETATM 1006 O  O   . HOH D 4 .   ? -0.674  13.051  10.458  1.00 29.15 ? 343 HOH A O   1 
HETATM 1007 O  O   . HOH D 4 .   ? 13.626  1.819   10.186  1.00 51.99 ? 344 HOH A O   1 
HETATM 1008 O  O   . HOH D 4 .   ? 2.855   1.852   20.087  1.00 31.93 ? 345 HOH A O   1 
HETATM 1009 O  O   . HOH D 4 .   ? 7.633   9.759   8.923   1.00 29.07 ? 346 HOH A O   1 
HETATM 1010 O  O   . HOH D 4 .   ? 1.510   6.343   -13.213 1.00 41.59 ? 347 HOH A O   1 
HETATM 1011 O  O   . HOH D 4 .   ? -0.525  -11.730 -10.858 1.00 28.43 ? 348 HOH A O   1 
HETATM 1012 O  O   . HOH D 4 .   ? 14.131  3.101   1.632   1.00 30.76 ? 349 HOH A O   1 
HETATM 1013 O  O   . HOH D 4 .   ? -3.140  2.529   14.661  1.00 16.10 ? 350 HOH A O   1 
HETATM 1014 O  O   . HOH D 4 .   ? 9.308   10.146  11.767  1.00 36.57 ? 351 HOH A O   1 
HETATM 1015 O  O   . HOH D 4 .   ? -0.012  -2.695  13.573  1.00 20.66 ? 352 HOH A O   1 
HETATM 1016 O  O   . HOH D 4 .   ? -16.752 6.753   15.797  1.00 32.88 ? 353 HOH A O   1 
HETATM 1017 O  O   . HOH D 4 .   ? 6.821   12.207  9.311   1.00 36.84 ? 354 HOH A O   1 
HETATM 1018 O  O   . HOH D 4 .   ? -18.323 8.557   20.564  1.00 38.23 ? 355 HOH A O   1 
HETATM 1019 O  O   . HOH D 4 .   ? 3.076   -12.925 0.806   1.00 24.61 ? 356 HOH A O   1 
HETATM 1020 O  O   . HOH D 4 .   ? -6.278  -8.141  -14.956 1.00 18.95 ? 357 HOH A O   1 
HETATM 1021 O  O   . HOH D 4 .   ? -5.245  3.329   -9.205  1.00 21.32 ? 358 HOH A O   1 
HETATM 1022 O  O   . HOH D 4 .   ? 9.343   7.058   8.851   1.00 33.03 ? 359 HOH A O   1 
HETATM 1023 O  O   . HOH D 4 .   ? -20.022 12.699  12.838  1.00 24.35 ? 360 HOH A O   1 
HETATM 1024 O  O   . HOH D 4 .   ? 3.428   -2.725  12.694  1.00 17.21 ? 361 HOH A O   1 
HETATM 1025 O  O   . HOH D 4 .   ? 10.234  -7.930  -0.478  1.00 34.28 ? 362 HOH A O   1 
HETATM 1026 O  O   . HOH D 4 .   ? 4.194   -18.446 -2.459  1.00 34.49 ? 363 HOH A O   1 
HETATM 1027 O  O   . HOH D 4 .   ? -12.540 12.107  17.672  1.00 25.73 ? 364 HOH A O   1 
HETATM 1028 O  O   . HOH D 4 .   ? -2.134  10.721  15.002  1.00 38.29 ? 365 HOH A O   1 
HETATM 1029 O  O   . HOH D 4 .   ? -2.874  2.189   -14.099 1.00 32.11 ? 366 HOH A O   1 
HETATM 1030 O  O   . HOH D 4 .   ? -0.790  9.245   -7.875  1.00 27.85 ? 367 HOH A O   1 
HETATM 1031 O  O   . HOH D 4 .   ? 1.398   3.078   -15.092 1.00 41.14 ? 368 HOH A O   1 
HETATM 1032 O  O   . HOH D 4 .   ? -3.667  -13.583 2.442   1.00 26.06 ? 369 HOH A O   1 
HETATM 1033 O  O   . HOH D 4 .   ? -2.203  6.985   -8.406  1.00 24.58 ? 370 HOH A O   1 
HETATM 1034 O  O   . HOH D 4 .   ? 7.344   13.987  1.149   1.00 35.72 ? 371 HOH A O   1 
HETATM 1035 O  O   . HOH D 4 .   ? 4.536   14.926  7.727   1.00 29.76 ? 372 HOH A O   1 
HETATM 1036 O  O   . HOH D 4 .   ? -16.880 9.510   7.468   1.00 24.48 ? 373 HOH A O   1 
HETATM 1037 O  O   . HOH D 4 .   ? -2.385  7.607   22.074  1.00 37.83 ? 374 HOH A O   1 
HETATM 1038 O  O   . HOH D 4 .   ? 1.120   12.966  -2.386  1.00 22.49 ? 375 HOH A O   1 
HETATM 1039 O  O   . HOH D 4 .   ? -20.253 17.163  15.596  1.00 41.94 ? 376 HOH A O   1 
HETATM 1040 O  O   . HOH D 4 .   ? 10.627  -2.189  16.873  1.00 48.95 ? 377 HOH A O   1 
HETATM 1041 O  O   . HOH D 4 .   ? -6.868  -15.229 -16.088 1.00 42.11 ? 378 HOH A O   1 
HETATM 1042 O  O   . HOH D 4 .   ? 9.108   -0.667  4.581   1.00 20.92 ? 379 HOH A O   1 
HETATM 1043 O  O   . HOH D 4 .   ? 5.602   -19.563 -6.870  1.00 43.89 ? 380 HOH A O   1 
HETATM 1044 O  O   . HOH D 4 .   ? -19.310 11.781  20.228  1.00 35.22 ? 381 HOH A O   1 
HETATM 1045 O  O   . HOH D 4 .   ? -2.650  12.102  -2.372  1.00 17.70 ? 382 HOH A O   1 
HETATM 1046 O  O   . HOH D 4 .   ? 8.389   -5.099  -11.813 1.00 46.51 ? 383 HOH A O   1 
HETATM 1047 O  O   . HOH D 4 .   ? 7.130   -10.284 3.778   1.00 50.08 ? 384 HOH A O   1 
HETATM 1048 O  O   . HOH D 4 .   ? 10.695  6.569   19.242  1.00 28.09 ? 385 HOH A O   1 
HETATM 1049 O  O   . HOH D 4 .   ? 10.845  9.660   16.120  1.00 44.17 ? 386 HOH A O   1 
HETATM 1050 O  O   . HOH D 4 .   ? 11.370  6.668   10.021  1.00 45.23 ? 387 HOH A O   1 
HETATM 1051 O  O   . HOH D 4 .   ? 0.056   -9.575  -16.303 1.00 37.01 ? 388 HOH A O   1 
HETATM 1052 O  O   . HOH D 4 .   ? -8.333  7.392   18.423  1.00 22.30 ? 389 HOH A O   1 
HETATM 1053 O  O   . HOH D 4 .   ? 0.056   1.360   21.119  1.00 32.31 ? 390 HOH A O   1 
HETATM 1054 O  O   . HOH D 4 .   ? -4.848  15.209  -4.298  1.00 27.41 ? 391 HOH A O   1 
HETATM 1055 O  O   . HOH D 4 .   ? 10.708  -1.020  -13.341 1.00 28.77 ? 392 HOH A O   1 
HETATM 1056 O  O   . HOH D 4 .   ? -9.482  -7.925  -18.465 1.00 47.55 ? 393 HOH A O   1 
HETATM 1057 O  O   . HOH D 4 .   ? -1.685  -20.704 -4.035  1.00 45.77 ? 394 HOH A O   1 
HETATM 1058 O  O   . HOH D 4 .   ? 0.236   -3.843  22.095  1.00 46.06 ? 395 HOH A O   1 
HETATM 1059 O  O   . HOH D 4 .   ? 0.945   10.422  -6.661  1.00 38.70 ? 396 HOH A O   1 
HETATM 1060 O  O   . HOH D 4 .   ? -0.075  6.484   21.235  1.00 35.47 ? 397 HOH A O   1 
HETATM 1061 O  O   . HOH D 4 .   ? -2.213  15.666  -6.334  1.00 39.04 ? 398 HOH A O   1 
HETATM 1062 O  O   . HOH D 4 .   ? 10.326  7.255   5.476   1.00 42.30 ? 399 HOH A O   1 
HETATM 1063 O  O   . HOH D 4 .   ? -21.750 14.616  14.123  1.00 32.82 ? 400 HOH A O   1 
HETATM 1064 O  O   . HOH D 4 .   ? -1.109  3.243   22.091  1.00 42.77 ? 401 HOH A O   1 
HETATM 1065 O  O   . HOH D 4 .   ? -1.032  13.350  -4.323  1.00 35.24 ? 402 HOH A O   1 
HETATM 1066 O  O   . HOH D 4 .   ? 6.398   8.060   -10.198 1.00 52.78 ? 403 HOH A O   1 
HETATM 1067 O  O   . HOH D 4 .   ? -19.682 9.328   9.892   1.00 52.15 ? 404 HOH A O   1 
HETATM 1068 O  O   . HOH D 4 .   ? 6.902   14.583  7.755   1.00 52.67 ? 405 HOH A O   1 
HETATM 1069 O  O   . HOH D 4 .   ? -1.157  -21.258 -0.905  1.00 59.50 ? 406 HOH A O   1 
HETATM 1070 O  O   . HOH D 4 .   ? 7.381   -4.010  10.795  1.00 31.86 ? 407 HOH A O   1 
HETATM 1071 O  O   . HOH D 4 .   ? 10.736  -0.548  20.700  1.00 43.26 ? 408 HOH A O   1 
HETATM 1072 O  O   . HOH D 4 .   ? -21.303 10.794  11.378  1.00 31.97 ? 409 HOH A O   1 
HETATM 1073 O  O   . HOH D 4 .   ? 11.028  -6.664  -10.247 0.50 48.47 ? 410 HOH A O   1 
HETATM 1074 O  O   . HOH D 4 .   ? 7.690   -9.222  6.248   1.00 40.49 ? 411 HOH A O   1 
HETATM 1075 O  O   . HOH D 4 .   ? 0.637   -12.207 7.120   1.00 37.12 ? 412 HOH A O   1 
HETATM 1076 O  O   . HOH D 4 .   ? -0.546  13.665  12.920  1.00 43.43 ? 413 HOH A O   1 
HETATM 1077 O  O   . HOH D 4 .   ? 9.109   -8.105  4.148   1.00 52.53 ? 414 HOH A O   1 
HETATM 1078 O  O   . HOH D 4 .   ? 2.213   -15.180 1.976   1.00 43.39 ? 415 HOH A O   1 
HETATM 1079 O  O   . HOH D 4 .   ? 7.257   -6.940  9.929   1.00 36.67 ? 416 HOH A O   1 
HETATM 1080 O  O   . HOH D 4 .   ? 4.009   -9.786  8.804   1.00 34.04 ? 417 HOH A O   1 
HETATM 1081 O  O   . HOH D 4 .   ? 0.202   -15.114 4.190   1.00 41.14 ? 418 HOH A O   1 
HETATM 1082 O  O   . HOH D 4 .   ? 2.789   -13.779 7.573   1.00 48.20 ? 419 HOH A O   1 
HETATM 1083 O  O   . HOH D 4 .   ? 5.795   -6.523  14.266  1.00 43.96 ? 420 HOH A O   1 
# 
loop_
_pdbx_poly_seq_scheme.asym_id 
_pdbx_poly_seq_scheme.entity_id 
_pdbx_poly_seq_scheme.seq_id 
_pdbx_poly_seq_scheme.mon_id 
_pdbx_poly_seq_scheme.ndb_seq_num 
_pdbx_poly_seq_scheme.pdb_seq_num 
_pdbx_poly_seq_scheme.auth_seq_num 
_pdbx_poly_seq_scheme.pdb_mon_id 
_pdbx_poly_seq_scheme.auth_mon_id 
_pdbx_poly_seq_scheme.pdb_strand_id 
_pdbx_poly_seq_scheme.pdb_ins_code 
_pdbx_poly_seq_scheme.hetero 
A 1 1   MET 1   1   ?   ?   ?   A . n 
A 1 2   ALA 2   2   ?   ?   ?   A . n 
A 1 3   SER 3   3   ?   ?   ?   A . n 
A 1 4   MET 4   4   ?   ?   ?   A . n 
A 1 5   THR 5   5   ?   ?   ?   A . n 
A 1 6   GLY 6   6   ?   ?   ?   A . n 
A 1 7   GLY 7   7   ?   ?   ?   A . n 
A 1 8   GLN 8   8   ?   ?   ?   A . n 
A 1 9   GLN 9   9   ?   ?   ?   A . n 
A 1 10  MET 10  10  ?   ?   ?   A . n 
A 1 11  GLY 11  11  ?   ?   ?   A . n 
A 1 12  ARG 12  12  ?   ?   ?   A . n 
A 1 13  ASP 13  13  13  ASP ASP A . n 
A 1 14  GLU 14  14  14  GLU GLU A . n 
A 1 15  ALA 15  15  15  ALA ALA A . n 
A 1 16  GLY 16  16  16  GLY GLY A . n 
A 1 17  ILE 17  17  17  ILE ILE A . n 
A 1 18  THR 18  18  18  THR THR A . n 
A 1 19  GLY 19  19  19  GLY GLY A . n 
A 1 20  THR 20  20  20  THR THR A . n 
A 1 21  TRP 21  21  21  TRP TRP A . n 
A 1 22  TYR 22  22  22  TYR TYR A . n 
A 1 23  ASN 23  23  23  ASN ASN A . n 
A 1 24  GLN 24  24  24  GLN GLN A . n 
A 1 25  LEU 25  25  25  LEU LEU A . n 
A 1 26  GLY 26  26  26  GLY GLY A . n 
A 1 27  SER 27  27  27  SER SER A . n 
A 1 28  THR 28  28  28  THR THR A . n 
A 1 29  PHE 29  29  29  PHE PHE A . n 
A 1 30  ILE 30  30  30  ILE ILE A . n 
A 1 31  VAL 31  31  31  VAL VAL A . n 
A 1 32  THR 32  32  32  THR THR A . n 
A 1 33  ALA 33  33  33  ALA ALA A . n 
A 1 34  GLY 34  34  34  GLY GLY A . n 
A 1 35  ALA 35  35  35  ALA ALA A . n 
A 1 36  ASP 36  36  36  ASP ASP A . n 
A 1 37  GLY 37  37  37  GLY GLY A . n 
A 1 38  ALA 38  38  38  ALA ALA A . n 
A 1 39  LEU 39  39  39  LEU LEU A . n 
A 1 40  THR 40  40  40  THR THR A . n 
A 1 41  GLY 41  41  41  GLY GLY A . n 
A 1 42  THR 42  42  42  THR THR A . n 
A 1 43  TYR 43  43  43  TYR TYR A . n 
A 1 44  GLU 44  44  44  GLU GLU A . n 
A 1 45  SER 45  45  45  SER SER A . n 
A 1 46  ALA 46  46  46  ALA ALA A . n 
A 1 47  VAL 47  47  47  VAL VAL A . n 
A 1 48  GLY 48  48  48  GLY GLY A . n 
A 1 49  ASN 49  49  49  ASN ASN A . n 
A 1 50  ALA 50  50  50  ALA ALA A . n 
A 1 51  GLU 51  51  51  GLU GLU A . n 
A 1 52  SER 52  52  52  SER SER A . n 
A 1 53  ARG 53  53  53  ARG ARG A . n 
A 1 54  TYR 54  54  54  TYR TYR A . n 
A 1 55  VAL 55  55  55  VAL VAL A . n 
A 1 56  LEU 56  56  56  LEU LEU A . n 
A 1 57  THR 57  57  57  THR THR A . n 
A 1 58  GLY 58  58  58  GLY GLY A . n 
A 1 59  ARG 59  59  59  ARG ARG A . n 
A 1 60  TYR 60  60  60  TYR TYR A . n 
A 1 61  ASP 61  61  61  ASP ASP A . n 
A 1 62  SER 62  62  62  SER SER A . n 
A 1 63  ALA 63  63  63  ALA ALA A . n 
A 1 64  PRO 64  64  64  PRO PRO A . n 
A 1 65  ALA 65  65  65  ALA ALA A . n 
A 1 66  THR 66  66  66  THR THR A . n 
A 1 67  ASP 67  67  67  ASP ASP A . n 
A 1 68  GLY 68  68  68  GLY GLY A . n 
A 1 69  SER 69  69  69  SER SER A . n 
A 1 70  GLY 70  70  70  GLY GLY A . n 
A 1 71  THR 71  71  71  THR THR A . n 
A 1 72  ALA 72  72  72  ALA ALA A . n 
A 1 73  LEU 73  73  73  LEU LEU A . n 
A 1 74  GLY 74  74  74  GLY GLY A . n 
A 1 75  TRP 75  75  75  TRP TRP A . n 
A 1 76  THR 76  76  76  THR THR A . n 
A 1 77  VAL 77  77  77  VAL VAL A . n 
A 1 78  ALA 78  78  78  ALA ALA A . n 
A 1 79  TRP 79  79  79  TRP TRP A . n 
A 1 80  LYS 80  80  80  LYS LYS A . n 
A 1 81  ASN 81  81  81  ASN ASN A . n 
A 1 82  ASN 82  82  82  ASN ASN A . n 
A 1 83  TYR 83  83  83  TYR TYR A . n 
A 1 84  ARG 84  84  84  ARG ARG A . n 
A 1 85  ASN 85  85  85  ASN ASN A . n 
A 1 86  ALA 86  86  86  ALA ALA A . n 
A 1 87  HIS 87  87  87  HIS HIS A . n 
A 1 88  SER 88  88  88  SER SER A . n 
A 1 89  ALA 89  89  89  ALA ALA A . n 
A 1 90  THR 90  90  90  THR THR A . n 
A 1 91  THR 91  91  91  THR THR A . n 
A 1 92  TRP 92  92  92  TRP TRP A . n 
A 1 93  SER 93  93  93  SER SER A . n 
A 1 94  GLY 94  94  94  GLY GLY A . n 
A 1 95  GLN 95  95  95  GLN GLN A . n 
A 1 96  TYR 96  96  96  TYR TYR A . n 
A 1 97  VAL 97  97  97  VAL VAL A . n 
A 1 98  GLY 98  98  98  GLY GLY A . n 
A 1 99  GLY 99  99  99  GLY GLY A . n 
A 1 100 ALA 100 100 100 ALA ALA A . n 
A 1 101 GLU 101 101 101 GLU GLU A . n 
A 1 102 ALA 102 102 102 ALA ALA A . n 
A 1 103 ARG 103 103 103 ARG ARG A . n 
A 1 104 ILE 104 104 104 ILE ILE A . n 
A 1 105 ASN 105 105 105 ASN ASN A . n 
A 1 106 THR 106 106 106 THR THR A . n 
A 1 107 GLN 107 107 107 GLN GLN A . n 
A 1 108 TRP 108 108 108 TRP TRP A . n 
A 1 109 LEU 109 109 109 LEU LEU A . n 
A 1 110 LEU 110 110 110 LEU LEU A . n 
A 1 111 THR 111 111 111 THR THR A . n 
A 1 112 SER 112 112 112 SER SER A . n 
A 1 113 GLY 113 113 113 GLY GLY A . n 
A 1 114 THR 114 114 114 THR THR A . n 
A 1 115 THR 115 115 115 THR THR A . n 
A 1 116 GLU 116 116 116 GLU GLU A . n 
A 1 117 ALA 117 117 117 ALA ALA A . n 
A 1 118 ASN 118 118 118 ASN ASN A . n 
A 1 119 ALA 119 119 119 ALA ALA A . n 
A 1 120 TRP 120 120 120 TRP TRP A . n 
A 1 121 ALA 121 121 121 ALA ALA A . n 
A 1 122 SER 122 122 122 SER SER A . n 
A 1 123 THR 123 123 123 THR THR A . n 
A 1 124 TYR 124 124 124 TYR TYR A . n 
A 1 125 VAL 125 125 125 VAL VAL A . n 
A 1 126 GLY 126 126 126 GLY GLY A . n 
A 1 127 HIS 127 127 127 HIS HIS A . n 
A 1 128 ASP 128 128 128 ASP ASP A . n 
A 1 129 THR 129 129 129 THR THR A . n 
A 1 130 PHE 130 130 130 PHE PHE A . n 
A 1 131 THR 131 131 131 THR THR A . n 
A 1 132 LYS 132 132 132 LYS LYS A . n 
A 1 133 VAL 133 133 133 VAL VAL A . n 
A 1 134 LYS 134 134 134 LYS LYS A . n 
A 1 135 PRO 135 135 ?   ?   ?   A . n 
A 1 136 SER 136 136 ?   ?   ?   A . n 
A 1 137 ALA 137 137 ?   ?   ?   A . n 
A 1 138 ALA 138 138 ?   ?   ?   A . n 
A 1 139 SER 139 139 ?   ?   ?   A . n 
A 1 140 ILE 140 140 ?   ?   ?   A . n 
A 1 141 ASP 141 141 ?   ?   ?   A . n 
A 1 142 ALA 142 142 ?   ?   ?   A . n 
A 1 143 ALA 143 143 ?   ?   ?   A . n 
A 1 144 LYS 144 144 ?   ?   ?   A . n 
A 1 145 LYS 145 145 ?   ?   ?   A . n 
A 1 146 ALA 146 146 ?   ?   ?   A . n 
A 1 147 GLY 147 147 ?   ?   ?   A . n 
A 1 148 VAL 148 148 ?   ?   ?   A . n 
A 1 149 ASN 149 149 ?   ?   ?   A . n 
A 1 150 ASN 150 150 ?   ?   ?   A . n 
A 1 151 GLY 151 151 ?   ?   ?   A . n 
A 1 152 ASN 152 152 ?   ?   ?   A . n 
A 1 153 PRO 153 153 ?   ?   ?   A . n 
A 1 154 LEU 154 154 ?   ?   ?   A . n 
A 1 155 ASP 155 155 ?   ?   ?   A . n 
A 1 156 ALA 156 156 ?   ?   ?   A . n 
A 1 157 VAL 157 157 ?   ?   ?   A . n 
A 1 158 GLN 158 158 ?   ?   ?   A . n 
A 1 159 GLN 159 159 ?   ?   ?   A . n 
# 
loop_
_pdbx_nonpoly_scheme.asym_id 
_pdbx_nonpoly_scheme.entity_id 
_pdbx_nonpoly_scheme.mon_id 
_pdbx_nonpoly_scheme.ndb_seq_num 
_pdbx_nonpoly_scheme.pdb_seq_num 
_pdbx_nonpoly_scheme.auth_seq_num 
_pdbx_nonpoly_scheme.pdb_mon_id 
_pdbx_nonpoly_scheme.auth_mon_id 
_pdbx_nonpoly_scheme.pdb_strand_id 
_pdbx_nonpoly_scheme.pdb_ins_code 
B 2 KM3 1   201 1   KM3 KM3 A . 
C 3 ACT 1   202 1   ACT ACT A . 
D 4 HOH 1   301 1   HOH HOH A . 
D 4 HOH 2   302 113 HOH HOH A . 
D 4 HOH 3   303 85  HOH HOH A . 
D 4 HOH 4   304 134 HOH HOH A . 
D 4 HOH 5   305 47  HOH HOH A . 
D 4 HOH 6   306 58  HOH HOH A . 
D 4 HOH 7   307 20  HOH HOH A . 
D 4 HOH 8   308 3   HOH HOH A . 
D 4 HOH 9   309 33  HOH HOH A . 
D 4 HOH 10  310 26  HOH HOH A . 
D 4 HOH 11  311 6   HOH HOH A . 
D 4 HOH 12  312 4   HOH HOH A . 
D 4 HOH 13  313 29  HOH HOH A . 
D 4 HOH 14  314 70  HOH HOH A . 
D 4 HOH 15  315 5   HOH HOH A . 
D 4 HOH 16  316 43  HOH HOH A . 
D 4 HOH 17  317 34  HOH HOH A . 
D 4 HOH 18  318 13  HOH HOH A . 
D 4 HOH 19  319 48  HOH HOH A . 
D 4 HOH 20  320 60  HOH HOH A . 
D 4 HOH 21  321 197 HOH HOH A . 
D 4 HOH 22  322 71  HOH HOH A . 
D 4 HOH 23  323 198 HOH HOH A . 
D 4 HOH 24  324 36  HOH HOH A . 
D 4 HOH 25  325 9   HOH HOH A . 
D 4 HOH 26  326 19  HOH HOH A . 
D 4 HOH 27  327 42  HOH HOH A . 
D 4 HOH 28  328 92  HOH HOH A . 
D 4 HOH 29  329 68  HOH HOH A . 
D 4 HOH 30  330 16  HOH HOH A . 
D 4 HOH 31  331 87  HOH HOH A . 
D 4 HOH 32  332 101 HOH HOH A . 
D 4 HOH 33  333 104 HOH HOH A . 
D 4 HOH 34  334 30  HOH HOH A . 
D 4 HOH 35  335 112 HOH HOH A . 
D 4 HOH 36  336 40  HOH HOH A . 
D 4 HOH 37  337 178 HOH HOH A . 
D 4 HOH 38  338 156 HOH HOH A . 
D 4 HOH 39  339 75  HOH HOH A . 
D 4 HOH 40  340 121 HOH HOH A . 
D 4 HOH 41  341 23  HOH HOH A . 
D 4 HOH 42  342 31  HOH HOH A . 
D 4 HOH 43  343 11  HOH HOH A . 
D 4 HOH 44  344 55  HOH HOH A . 
D 4 HOH 45  345 84  HOH HOH A . 
D 4 HOH 46  346 52  HOH HOH A . 
D 4 HOH 47  347 51  HOH HOH A . 
D 4 HOH 48  348 44  HOH HOH A . 
D 4 HOH 49  349 57  HOH HOH A . 
D 4 HOH 50  350 2   HOH HOH A . 
D 4 HOH 51  351 61  HOH HOH A . 
D 4 HOH 52  352 14  HOH HOH A . 
D 4 HOH 53  353 177 HOH HOH A . 
D 4 HOH 54  354 73  HOH HOH A . 
D 4 HOH 55  355 88  HOH HOH A . 
D 4 HOH 56  356 24  HOH HOH A . 
D 4 HOH 57  357 21  HOH HOH A . 
D 4 HOH 58  358 46  HOH HOH A . 
D 4 HOH 59  359 117 HOH HOH A . 
D 4 HOH 60  360 10  HOH HOH A . 
D 4 HOH 61  361 7   HOH HOH A . 
D 4 HOH 62  362 108 HOH HOH A . 
D 4 HOH 63  363 37  HOH HOH A . 
D 4 HOH 64  364 32  HOH HOH A . 
D 4 HOH 65  365 65  HOH HOH A . 
D 4 HOH 66  366 90  HOH HOH A . 
D 4 HOH 67  367 25  HOH HOH A . 
D 4 HOH 68  368 176 HOH HOH A . 
D 4 HOH 69  369 18  HOH HOH A . 
D 4 HOH 70  370 28  HOH HOH A . 
D 4 HOH 71  371 50  HOH HOH A . 
D 4 HOH 72  372 12  HOH HOH A . 
D 4 HOH 73  373 63  HOH HOH A . 
D 4 HOH 74  374 93  HOH HOH A . 
D 4 HOH 75  375 56  HOH HOH A . 
D 4 HOH 76  376 186 HOH HOH A . 
D 4 HOH 77  377 81  HOH HOH A . 
D 4 HOH 78  378 116 HOH HOH A . 
D 4 HOH 79  379 15  HOH HOH A . 
D 4 HOH 80  380 123 HOH HOH A . 
D 4 HOH 81  381 53  HOH HOH A . 
D 4 HOH 82  382 22  HOH HOH A . 
D 4 HOH 83  383 122 HOH HOH A . 
D 4 HOH 84  384 129 HOH HOH A . 
D 4 HOH 85  385 54  HOH HOH A . 
D 4 HOH 86  386 66  HOH HOH A . 
D 4 HOH 87  387 86  HOH HOH A . 
D 4 HOH 88  388 39  HOH HOH A . 
D 4 HOH 89  389 27  HOH HOH A . 
D 4 HOH 90  390 79  HOH HOH A . 
D 4 HOH 91  391 89  HOH HOH A . 
D 4 HOH 92  392 38  HOH HOH A . 
D 4 HOH 93  393 35  HOH HOH A . 
D 4 HOH 94  394 41  HOH HOH A . 
D 4 HOH 95  395 72  HOH HOH A . 
D 4 HOH 96  396 67  HOH HOH A . 
D 4 HOH 97  397 62  HOH HOH A . 
D 4 HOH 98  398 80  HOH HOH A . 
D 4 HOH 99  399 91  HOH HOH A . 
D 4 HOH 100 400 175 HOH HOH A . 
D 4 HOH 101 401 83  HOH HOH A . 
D 4 HOH 102 402 69  HOH HOH A . 
D 4 HOH 103 403 74  HOH HOH A . 
D 4 HOH 104 404 187 HOH HOH A . 
D 4 HOH 105 405 94  HOH HOH A . 
D 4 HOH 106 406 77  HOH HOH A . 
D 4 HOH 107 407 174 HOH HOH A . 
D 4 HOH 108 408 100 HOH HOH A . 
D 4 HOH 109 409 135 HOH HOH A . 
D 4 HOH 110 410 163 HOH HOH A . 
D 4 HOH 111 411 98  HOH HOH A . 
D 4 HOH 112 412 45  HOH HOH A . 
D 4 HOH 113 413 76  HOH HOH A . 
D 4 HOH 114 414 132 HOH HOH A . 
D 4 HOH 115 415 120 HOH HOH A . 
D 4 HOH 116 416 97  HOH HOH A . 
D 4 HOH 117 417 103 HOH HOH A . 
D 4 HOH 118 418 181 HOH HOH A . 
D 4 HOH 119 419 159 HOH HOH A . 
D 4 HOH 120 420 192 HOH HOH A . 
# 
_pdbx_struct_assembly.id                   1 
_pdbx_struct_assembly.details              author_and_software_defined_assembly 
_pdbx_struct_assembly.method_details       PISA 
_pdbx_struct_assembly.oligomeric_details   tetrameric 
_pdbx_struct_assembly.oligomeric_count     4 
# 
_pdbx_struct_assembly_gen.assembly_id       1 
_pdbx_struct_assembly_gen.oper_expression   1,2,3,4 
_pdbx_struct_assembly_gen.asym_id_list      A,B,C,D 
# 
loop_
_pdbx_struct_assembly_prop.biol_id 
_pdbx_struct_assembly_prop.type 
_pdbx_struct_assembly_prop.value 
_pdbx_struct_assembly_prop.details 
1 'ABSA (A^2)' 10620 ? 
1 MORE         -57   ? 
1 'SSA (A^2)'  18050 ? 
# 
loop_
_pdbx_struct_oper_list.id 
_pdbx_struct_oper_list.type 
_pdbx_struct_oper_list.name 
_pdbx_struct_oper_list.symmetry_operation 
_pdbx_struct_oper_list.matrix[1][1] 
_pdbx_struct_oper_list.matrix[1][2] 
_pdbx_struct_oper_list.matrix[1][3] 
_pdbx_struct_oper_list.vector[1] 
_pdbx_struct_oper_list.matrix[2][1] 
_pdbx_struct_oper_list.matrix[2][2] 
_pdbx_struct_oper_list.matrix[2][3] 
_pdbx_struct_oper_list.vector[2] 
_pdbx_struct_oper_list.matrix[3][1] 
_pdbx_struct_oper_list.matrix[3][2] 
_pdbx_struct_oper_list.matrix[3][3] 
_pdbx_struct_oper_list.vector[3] 
1 'identity operation'         1_555  x,y,z        1.0000000000  0.0000000000  0.0000000000  0.0000000000   0.0000000000  1.0000000000  0.0000000000  0.0000000000  0.0000000000  0.0000000000  1.0000000000  0.0000000000   
2 'crystal symmetry operation' 8_665  -y+1,-x+1,-z 0.3705916760  0.3719636648  -0.8510610094 -13.3010375093 0.3719636648  -0.8990531094 -0.2309686959 20.4567843831 -0.8510610094 -0.2309686959 -0.4715385666 -12.4798465511 
3 'crystal symmetry operation' 10_665 -x+1,-y+1,z  -0.7567066221 0.3568451460  0.5477742509  -24.3234695667 0.3568451460  -0.4766053262 0.8034356881  19.1223281747 0.5477742509  0.8034356881  0.2333119482  -1.6539129264  
4 'crystal symmetry operation' 15_555 y,x,-z       -0.6138850539 -0.7288088108 0.3032867585  -13.7947207900 -0.7288088108 0.3756584356  -0.5724669922 -5.4006489909 0.3032867585  -0.5724669922 -0.7617733817 4.5841345399 
# 
loop_
_pdbx_struct_special_symmetry.id 
_pdbx_struct_special_symmetry.PDB_model_num 
_pdbx_struct_special_symmetry.auth_asym_id 
_pdbx_struct_special_symmetry.auth_comp_id 
_pdbx_struct_special_symmetry.auth_seq_id 
_pdbx_struct_special_symmetry.PDB_ins_code 
_pdbx_struct_special_symmetry.label_asym_id 
_pdbx_struct_special_symmetry.label_comp_id 
_pdbx_struct_special_symmetry.label_seq_id 
1 1 A HOH 301 ? D HOH . 
2 1 A HOH 330 ? D HOH . 
3 1 A HOH 410 ? D HOH . 
# 
loop_
_pdbx_struct_conn_angle.id 
_pdbx_struct_conn_angle.ptnr1_label_atom_id 
_pdbx_struct_conn_angle.ptnr1_label_alt_id 
_pdbx_struct_conn_angle.ptnr1_label_asym_id 
_pdbx_struct_conn_angle.ptnr1_label_comp_id 
_pdbx_struct_conn_angle.ptnr1_label_seq_id 
_pdbx_struct_conn_angle.ptnr1_auth_atom_id 
_pdbx_struct_conn_angle.ptnr1_auth_asym_id 
_pdbx_struct_conn_angle.ptnr1_auth_comp_id 
_pdbx_struct_conn_angle.ptnr1_auth_seq_id 
_pdbx_struct_conn_angle.ptnr1_PDB_ins_code 
_pdbx_struct_conn_angle.ptnr1_symmetry 
_pdbx_struct_conn_angle.ptnr2_label_atom_id 
_pdbx_struct_conn_angle.ptnr2_label_alt_id 
_pdbx_struct_conn_angle.ptnr2_label_asym_id 
_pdbx_struct_conn_angle.ptnr2_label_comp_id 
_pdbx_struct_conn_angle.ptnr2_label_seq_id 
_pdbx_struct_conn_angle.ptnr2_auth_atom_id 
_pdbx_struct_conn_angle.ptnr2_auth_asym_id 
_pdbx_struct_conn_angle.ptnr2_auth_comp_id 
_pdbx_struct_conn_angle.ptnr2_auth_seq_id 
_pdbx_struct_conn_angle.ptnr2_PDB_ins_code 
_pdbx_struct_conn_angle.ptnr2_symmetry 
_pdbx_struct_conn_angle.ptnr3_label_atom_id 
_pdbx_struct_conn_angle.ptnr3_label_alt_id 
_pdbx_struct_conn_angle.ptnr3_label_asym_id 
_pdbx_struct_conn_angle.ptnr3_label_comp_id 
_pdbx_struct_conn_angle.ptnr3_label_seq_id 
_pdbx_struct_conn_angle.ptnr3_auth_atom_id 
_pdbx_struct_conn_angle.ptnr3_auth_asym_id 
_pdbx_struct_conn_angle.ptnr3_auth_comp_id 
_pdbx_struct_conn_angle.ptnr3_auth_seq_id 
_pdbx_struct_conn_angle.ptnr3_PDB_ins_code 
_pdbx_struct_conn_angle.ptnr3_symmetry 
_pdbx_struct_conn_angle.value 
_pdbx_struct_conn_angle.value_esd 
1  OH  ? A TYR 124 ? A TYR 124 ? 1_555 FE1 ? B KM3 . ? A KM3 201 ? 1_555 N3  ? B KM3 . ? A KM3 201 ? 1_555  127.2 ? 
2  OH  ? A TYR 124 ? A TYR 124 ? 1_555 FE1 ? B KM3 . ? A KM3 201 ? 1_555 N5  ? B KM3 . ? A KM3 201 ? 1_555  87.1  ? 
3  N3  ? B KM3 .   ? A KM3 201 ? 1_555 FE1 ? B KM3 . ? A KM3 201 ? 1_555 N5  ? B KM3 . ? A KM3 201 ? 1_555  77.1  ? 
4  OH  ? A TYR 124 ? A TYR 124 ? 1_555 FE1 ? B KM3 . ? A KM3 201 ? 1_555 N4  ? B KM3 . ? A KM3 201 ? 1_555  110.1 ? 
5  N3  ? B KM3 .   ? A KM3 201 ? 1_555 FE1 ? B KM3 . ? A KM3 201 ? 1_555 N4  ? B KM3 . ? A KM3 201 ? 1_555  76.3  ? 
6  N5  ? B KM3 .   ? A KM3 201 ? 1_555 FE1 ? B KM3 . ? A KM3 201 ? 1_555 N4  ? B KM3 . ? A KM3 201 ? 1_555  153.3 ? 
7  OH  ? A TYR 124 ? A TYR 124 ? 1_555 FE1 ? B KM3 . ? A KM3 201 ? 1_555 OXT ? C ACT . ? A ACT 202 ? 1_555  146.1 ? 
8  N3  ? B KM3 .   ? A KM3 201 ? 1_555 FE1 ? B KM3 . ? A KM3 201 ? 1_555 OXT ? C ACT . ? A ACT 202 ? 1_555  86.6  ? 
9  N5  ? B KM3 .   ? A KM3 201 ? 1_555 FE1 ? B KM3 . ? A KM3 201 ? 1_555 OXT ? C ACT . ? A ACT 202 ? 1_555  98.9  ? 
10 N4  ? B KM3 .   ? A KM3 201 ? 1_555 FE1 ? B KM3 . ? A KM3 201 ? 1_555 OXT ? C ACT . ? A ACT 202 ? 1_555  78.4  ? 
11 OH  ? A TYR 124 ? A TYR 124 ? 1_555 FE1 ? B KM3 . ? A KM3 201 ? 1_555 O   ? D HOH . ? A HOH 301 ? 1_555  64.3  ? 
12 N3  ? B KM3 .   ? A KM3 201 ? 1_555 FE1 ? B KM3 . ? A KM3 201 ? 1_555 O   ? D HOH . ? A HOH 301 ? 1_555  167.9 ? 
13 N5  ? B KM3 .   ? A KM3 201 ? 1_555 FE1 ? B KM3 . ? A KM3 201 ? 1_555 O   ? D HOH . ? A HOH 301 ? 1_555  109.5 ? 
14 N4  ? B KM3 .   ? A KM3 201 ? 1_555 FE1 ? B KM3 . ? A KM3 201 ? 1_555 O   ? D HOH . ? A HOH 301 ? 1_555  96.5  ? 
15 OXT ? C ACT .   ? A ACT 202 ? 1_555 FE1 ? B KM3 . ? A KM3 201 ? 1_555 O   ? D HOH . ? A HOH 301 ? 1_555  82.4  ? 
16 OH  ? A TYR 124 ? A TYR 124 ? 1_555 FE1 ? B KM3 . ? A KM3 201 ? 1_555 O   ? D HOH . ? A HOH 301 ? 10_665 64.3  ? 
17 N3  ? B KM3 .   ? A KM3 201 ? 1_555 FE1 ? B KM3 . ? A KM3 201 ? 1_555 O   ? D HOH . ? A HOH 301 ? 10_665 167.9 ? 
18 N5  ? B KM3 .   ? A KM3 201 ? 1_555 FE1 ? B KM3 . ? A KM3 201 ? 1_555 O   ? D HOH . ? A HOH 301 ? 10_665 109.5 ? 
19 N4  ? B KM3 .   ? A KM3 201 ? 1_555 FE1 ? B KM3 . ? A KM3 201 ? 1_555 O   ? D HOH . ? A HOH 301 ? 10_665 96.5  ? 
20 OXT ? C ACT .   ? A ACT 202 ? 1_555 FE1 ? B KM3 . ? A KM3 201 ? 1_555 O   ? D HOH . ? A HOH 301 ? 10_665 82.4  ? 
21 O   ? D HOH .   ? A HOH 301 ? 1_555 FE1 ? B KM3 . ? A KM3 201 ? 1_555 O   ? D HOH . ? A HOH 301 ? 10_665 0.0   ? 
# 
loop_
_pdbx_audit_revision_history.ordinal 
_pdbx_audit_revision_history.data_content_type 
_pdbx_audit_revision_history.major_revision 
_pdbx_audit_revision_history.minor_revision 
_pdbx_audit_revision_history.revision_date 
1 'Structure model' 1 0 2021-02-03 
2 'Structure model' 1 1 2021-02-17 
3 'Structure model' 1 2 2021-02-24 
4 'Structure model' 1 3 2023-10-11 
# 
_pdbx_audit_revision_details.ordinal             1 
_pdbx_audit_revision_details.revision_ordinal    1 
_pdbx_audit_revision_details.data_content_type   'Structure model' 
_pdbx_audit_revision_details.provider            repository 
_pdbx_audit_revision_details.type                'Initial release' 
_pdbx_audit_revision_details.description         ? 
_pdbx_audit_revision_details.details             ? 
# 
loop_
_pdbx_audit_revision_group.ordinal 
_pdbx_audit_revision_group.revision_ordinal 
_pdbx_audit_revision_group.data_content_type 
_pdbx_audit_revision_group.group 
1 2 'Structure model' 'Database references'    
2 3 'Structure model' 'Database references'    
3 4 'Structure model' 'Data collection'        
4 4 'Structure model' 'Database references'    
5 4 'Structure model' 'Refinement description' 
# 
loop_
_pdbx_audit_revision_category.ordinal 
_pdbx_audit_revision_category.revision_ordinal 
_pdbx_audit_revision_category.data_content_type 
_pdbx_audit_revision_category.category 
1 2 'Structure model' citation                      
2 2 'Structure model' citation_author               
3 3 'Structure model' citation                      
4 4 'Structure model' chem_comp_atom                
5 4 'Structure model' chem_comp_bond                
6 4 'Structure model' database_2                    
7 4 'Structure model' pdbx_initial_refinement_model 
# 
loop_
_pdbx_audit_revision_item.ordinal 
_pdbx_audit_revision_item.revision_ordinal 
_pdbx_audit_revision_item.data_content_type 
_pdbx_audit_revision_item.item 
1  2 'Structure model' '_citation.country'                   
2  2 'Structure model' '_citation.journal_abbrev'            
3  2 'Structure model' '_citation.journal_id_ASTM'           
4  2 'Structure model' '_citation.journal_id_CSD'            
5  2 'Structure model' '_citation.journal_id_ISSN'           
6  2 'Structure model' '_citation.pdbx_database_id_DOI'      
7  2 'Structure model' '_citation.pdbx_database_id_PubMed'   
8  2 'Structure model' '_citation.title'                     
9  2 'Structure model' '_citation.year'                      
10 2 'Structure model' '_citation_author.identifier_ORCID'   
11 2 'Structure model' '_citation_author.name'               
12 3 'Structure model' '_citation.journal_volume'            
13 3 'Structure model' '_citation.page_first'                
14 3 'Structure model' '_citation.page_last'                 
15 4 'Structure model' '_database_2.pdbx_DOI'                
16 4 'Structure model' '_database_2.pdbx_database_accession' 
# 
loop_
_software.citation_id 
_software.classification 
_software.compiler_name 
_software.compiler_version 
_software.contact_author 
_software.contact_author_email 
_software.date 
_software.description 
_software.dependencies 
_software.hardware 
_software.language 
_software.location 
_software.mods 
_software.name 
_software.os 
_software.os_version 
_software.type 
_software.version 
_software.pdbx_ordinal 
? refinement        ? ? ? ? ? ? ? ? ? ? ? REFMAC      ? ? ? 5.8.0258 1 
? 'data scaling'    ? ? ? ? ? ? ? ? ? ? ? Aimless     ? ? ? 0.7.4    2 
? 'data extraction' ? ? ? ? ? ? ? ? ? ? ? PDB_EXTRACT ? ? ? 3.25     3 
? 'data reduction'  ? ? ? ? ? ? ? ? ? ? ? XDS         ? ? ? .        4 
? phasing           ? ? ? ? ? ? ? ? ? ? ? PHASER      ? ? ? .        5 
# 
_pdbx_entry_details.entry_id                 6VOZ 
_pdbx_entry_details.nonpolymer_details       ? 
_pdbx_entry_details.sequence_details         ? 
_pdbx_entry_details.compound_details         ? 
_pdbx_entry_details.source_details           ? 
_pdbx_entry_details.has_ligand_of_interest   Y 
# 
_pdbx_validate_rmsd_bond.id                        1 
_pdbx_validate_rmsd_bond.PDB_model_num             1 
_pdbx_validate_rmsd_bond.auth_atom_id_1            CD 
_pdbx_validate_rmsd_bond.auth_asym_id_1            A 
_pdbx_validate_rmsd_bond.auth_comp_id_1            GLU 
_pdbx_validate_rmsd_bond.auth_seq_id_1             51 
_pdbx_validate_rmsd_bond.PDB_ins_code_1            ? 
_pdbx_validate_rmsd_bond.label_alt_id_1            ? 
_pdbx_validate_rmsd_bond.auth_atom_id_2            OE1 
_pdbx_validate_rmsd_bond.auth_asym_id_2            A 
_pdbx_validate_rmsd_bond.auth_comp_id_2            GLU 
_pdbx_validate_rmsd_bond.auth_seq_id_2             51 
_pdbx_validate_rmsd_bond.PDB_ins_code_2            ? 
_pdbx_validate_rmsd_bond.label_alt_id_2            ? 
_pdbx_validate_rmsd_bond.bond_value                1.181 
_pdbx_validate_rmsd_bond.bond_target_value         1.252 
_pdbx_validate_rmsd_bond.bond_deviation            -0.071 
_pdbx_validate_rmsd_bond.bond_standard_deviation   0.011 
_pdbx_validate_rmsd_bond.linker_flag               N 
# 
_pdbx_validate_rmsd_angle.id                         1 
_pdbx_validate_rmsd_angle.PDB_model_num              1 
_pdbx_validate_rmsd_angle.auth_atom_id_1             CG 
_pdbx_validate_rmsd_angle.auth_asym_id_1             A 
_pdbx_validate_rmsd_angle.auth_comp_id_1             ARG 
_pdbx_validate_rmsd_angle.auth_seq_id_1              53 
_pdbx_validate_rmsd_angle.PDB_ins_code_1             ? 
_pdbx_validate_rmsd_angle.label_alt_id_1             ? 
_pdbx_validate_rmsd_angle.auth_atom_id_2             CD 
_pdbx_validate_rmsd_angle.auth_asym_id_2             A 
_pdbx_validate_rmsd_angle.auth_comp_id_2             ARG 
_pdbx_validate_rmsd_angle.auth_seq_id_2              53 
_pdbx_validate_rmsd_angle.PDB_ins_code_2             ? 
_pdbx_validate_rmsd_angle.label_alt_id_2             ? 
_pdbx_validate_rmsd_angle.auth_atom_id_3             NE 
_pdbx_validate_rmsd_angle.auth_asym_id_3             A 
_pdbx_validate_rmsd_angle.auth_comp_id_3             ARG 
_pdbx_validate_rmsd_angle.auth_seq_id_3              53 
_pdbx_validate_rmsd_angle.PDB_ins_code_3             ? 
_pdbx_validate_rmsd_angle.label_alt_id_3             B 
_pdbx_validate_rmsd_angle.angle_value                137.96 
_pdbx_validate_rmsd_angle.angle_target_value         111.80 
_pdbx_validate_rmsd_angle.angle_deviation            26.16 
_pdbx_validate_rmsd_angle.angle_standard_deviation   2.10 
_pdbx_validate_rmsd_angle.linker_flag                N 
# 
loop_
_pdbx_validate_torsion.id 
_pdbx_validate_torsion.PDB_model_num 
_pdbx_validate_torsion.auth_comp_id 
_pdbx_validate_torsion.auth_asym_id 
_pdbx_validate_torsion.auth_seq_id 
_pdbx_validate_torsion.PDB_ins_code 
_pdbx_validate_torsion.label_alt_id 
_pdbx_validate_torsion.phi 
_pdbx_validate_torsion.psi 
1 1 SER A 52  ? ? 64.97   -153.88 
2 1 TRP A 79  ? ? -83.88  49.97   
3 1 GLU A 101 ? ? -113.11 66.18   
# 
loop_
_pdbx_unobs_or_zero_occ_residues.id 
_pdbx_unobs_or_zero_occ_residues.PDB_model_num 
_pdbx_unobs_or_zero_occ_residues.polymer_flag 
_pdbx_unobs_or_zero_occ_residues.occupancy_flag 
_pdbx_unobs_or_zero_occ_residues.auth_asym_id 
_pdbx_unobs_or_zero_occ_residues.auth_comp_id 
_pdbx_unobs_or_zero_occ_residues.auth_seq_id 
_pdbx_unobs_or_zero_occ_residues.PDB_ins_code 
_pdbx_unobs_or_zero_occ_residues.label_asym_id 
_pdbx_unobs_or_zero_occ_residues.label_comp_id 
_pdbx_unobs_or_zero_occ_residues.label_seq_id 
1  1 Y 1 A MET 1   ? A MET 1   
2  1 Y 1 A ALA 2   ? A ALA 2   
3  1 Y 1 A SER 3   ? A SER 3   
4  1 Y 1 A MET 4   ? A MET 4   
5  1 Y 1 A THR 5   ? A THR 5   
6  1 Y 1 A GLY 6   ? A GLY 6   
7  1 Y 1 A GLY 7   ? A GLY 7   
8  1 Y 1 A GLN 8   ? A GLN 8   
9  1 Y 1 A GLN 9   ? A GLN 9   
10 1 Y 1 A MET 10  ? A MET 10  
11 1 Y 1 A GLY 11  ? A GLY 11  
12 1 Y 1 A ARG 12  ? A ARG 12  
13 1 Y 1 A PRO 135 ? A PRO 135 
14 1 Y 1 A SER 136 ? A SER 136 
15 1 Y 1 A ALA 137 ? A ALA 137 
16 1 Y 1 A ALA 138 ? A ALA 138 
17 1 Y 1 A SER 139 ? A SER 139 
18 1 Y 1 A ILE 140 ? A ILE 140 
19 1 Y 1 A ASP 141 ? A ASP 141 
20 1 Y 1 A ALA 142 ? A ALA 142 
21 1 Y 1 A ALA 143 ? A ALA 143 
22 1 Y 1 A LYS 144 ? A LYS 144 
23 1 Y 1 A LYS 145 ? A LYS 145 
24 1 Y 1 A ALA 146 ? A ALA 146 
25 1 Y 1 A GLY 147 ? A GLY 147 
26 1 Y 1 A VAL 148 ? A VAL 148 
27 1 Y 1 A ASN 149 ? A ASN 149 
28 1 Y 1 A ASN 150 ? A ASN 150 
29 1 Y 1 A GLY 151 ? A GLY 151 
30 1 Y 1 A ASN 152 ? A ASN 152 
31 1 Y 1 A PRO 153 ? A PRO 153 
32 1 Y 1 A LEU 154 ? A LEU 154 
33 1 Y 1 A ASP 155 ? A ASP 155 
34 1 Y 1 A ALA 156 ? A ALA 156 
35 1 Y 1 A VAL 157 ? A VAL 157 
36 1 Y 1 A GLN 158 ? A GLN 158 
37 1 Y 1 A GLN 159 ? A GLN 159 
# 
loop_
_chem_comp_atom.comp_id 
_chem_comp_atom.atom_id 
_chem_comp_atom.type_symbol 
_chem_comp_atom.pdbx_aromatic_flag 
_chem_comp_atom.pdbx_stereo_config 
_chem_comp_atom.pdbx_ordinal 
ACT C    C  N N 1   
ACT O    O  N N 2   
ACT OXT  O  N N 3   
ACT CH3  C  N N 4   
ACT H1   H  N N 5   
ACT H2   H  N N 6   
ACT H3   H  N N 7   
ALA N    N  N N 8   
ALA CA   C  N S 9   
ALA C    C  N N 10  
ALA O    O  N N 11  
ALA CB   C  N N 12  
ALA OXT  O  N N 13  
ALA H    H  N N 14  
ALA H2   H  N N 15  
ALA HA   H  N N 16  
ALA HB1  H  N N 17  
ALA HB2  H  N N 18  
ALA HB3  H  N N 19  
ALA HXT  H  N N 20  
ARG N    N  N N 21  
ARG CA   C  N S 22  
ARG C    C  N N 23  
ARG O    O  N N 24  
ARG CB   C  N N 25  
ARG CG   C  N N 26  
ARG CD   C  N N 27  
ARG NE   N  N N 28  
ARG CZ   C  N N 29  
ARG NH1  N  N N 30  
ARG NH2  N  N N 31  
ARG OXT  O  N N 32  
ARG H    H  N N 33  
ARG H2   H  N N 34  
ARG HA   H  N N 35  
ARG HB2  H  N N 36  
ARG HB3  H  N N 37  
ARG HG2  H  N N 38  
ARG HG3  H  N N 39  
ARG HD2  H  N N 40  
ARG HD3  H  N N 41  
ARG HE   H  N N 42  
ARG HH11 H  N N 43  
ARG HH12 H  N N 44  
ARG HH21 H  N N 45  
ARG HH22 H  N N 46  
ARG HXT  H  N N 47  
ASN N    N  N N 48  
ASN CA   C  N S 49  
ASN C    C  N N 50  
ASN O    O  N N 51  
ASN CB   C  N N 52  
ASN CG   C  N N 53  
ASN OD1  O  N N 54  
ASN ND2  N  N N 55  
ASN OXT  O  N N 56  
ASN H    H  N N 57  
ASN H2   H  N N 58  
ASN HA   H  N N 59  
ASN HB2  H  N N 60  
ASN HB3  H  N N 61  
ASN HD21 H  N N 62  
ASN HD22 H  N N 63  
ASN HXT  H  N N 64  
ASP N    N  N N 65  
ASP CA   C  N S 66  
ASP C    C  N N 67  
ASP O    O  N N 68  
ASP CB   C  N N 69  
ASP CG   C  N N 70  
ASP OD1  O  N N 71  
ASP OD2  O  N N 72  
ASP OXT  O  N N 73  
ASP H    H  N N 74  
ASP H2   H  N N 75  
ASP HA   H  N N 76  
ASP HB2  H  N N 77  
ASP HB3  H  N N 78  
ASP HD2  H  N N 79  
ASP HXT  H  N N 80  
GLN N    N  N N 81  
GLN CA   C  N S 82  
GLN C    C  N N 83  
GLN O    O  N N 84  
GLN CB   C  N N 85  
GLN CG   C  N N 86  
GLN CD   C  N N 87  
GLN OE1  O  N N 88  
GLN NE2  N  N N 89  
GLN OXT  O  N N 90  
GLN H    H  N N 91  
GLN H2   H  N N 92  
GLN HA   H  N N 93  
GLN HB2  H  N N 94  
GLN HB3  H  N N 95  
GLN HG2  H  N N 96  
GLN HG3  H  N N 97  
GLN HE21 H  N N 98  
GLN HE22 H  N N 99  
GLN HXT  H  N N 100 
GLU N    N  N N 101 
GLU CA   C  N S 102 
GLU C    C  N N 103 
GLU O    O  N N 104 
GLU CB   C  N N 105 
GLU CG   C  N N 106 
GLU CD   C  N N 107 
GLU OE1  O  N N 108 
GLU OE2  O  N N 109 
GLU OXT  O  N N 110 
GLU H    H  N N 111 
GLU H2   H  N N 112 
GLU HA   H  N N 113 
GLU HB2  H  N N 114 
GLU HB3  H  N N 115 
GLU HG2  H  N N 116 
GLU HG3  H  N N 117 
GLU HE2  H  N N 118 
GLU HXT  H  N N 119 
GLY N    N  N N 120 
GLY CA   C  N N 121 
GLY C    C  N N 122 
GLY O    O  N N 123 
GLY OXT  O  N N 124 
GLY H    H  N N 125 
GLY H2   H  N N 126 
GLY HA2  H  N N 127 
GLY HA3  H  N N 128 
GLY HXT  H  N N 129 
HIS N    N  N N 130 
HIS CA   C  N S 131 
HIS C    C  N N 132 
HIS O    O  N N 133 
HIS CB   C  N N 134 
HIS CG   C  Y N 135 
HIS ND1  N  Y N 136 
HIS CD2  C  Y N 137 
HIS CE1  C  Y N 138 
HIS NE2  N  Y N 139 
HIS OXT  O  N N 140 
HIS H    H  N N 141 
HIS H2   H  N N 142 
HIS HA   H  N N 143 
HIS HB2  H  N N 144 
HIS HB3  H  N N 145 
HIS HD1  H  N N 146 
HIS HD2  H  N N 147 
HIS HE1  H  N N 148 
HIS HE2  H  N N 149 
HIS HXT  H  N N 150 
HOH O    O  N N 151 
HOH H1   H  N N 152 
HOH H2   H  N N 153 
ILE N    N  N N 154 
ILE CA   C  N S 155 
ILE C    C  N N 156 
ILE O    O  N N 157 
ILE CB   C  N S 158 
ILE CG1  C  N N 159 
ILE CG2  C  N N 160 
ILE CD1  C  N N 161 
ILE OXT  O  N N 162 
ILE H    H  N N 163 
ILE H2   H  N N 164 
ILE HA   H  N N 165 
ILE HB   H  N N 166 
ILE HG12 H  N N 167 
ILE HG13 H  N N 168 
ILE HG21 H  N N 169 
ILE HG22 H  N N 170 
ILE HG23 H  N N 171 
ILE HD11 H  N N 172 
ILE HD12 H  N N 173 
ILE HD13 H  N N 174 
ILE HXT  H  N N 175 
KM3 O3   O  N N 176 
KM3 C9   C  N N 177 
KM3 N1   N  N N 178 
KM3 N2   N  N N 179 
KM3 C10  C  N S 180 
KM3 C8   C  N R 181 
KM3 C7   C  N N 182 
KM3 S1   S  N N 183 
KM3 C6   C  N S 184 
KM3 C5   C  N N 185 
KM3 C4   C  N N 186 
KM3 C3   C  N N 187 
KM3 C2   C  N N 188 
KM3 C01  C  N N 189 
KM3 C25  C  N N 190 
KM3 N6   N  N N 191 
KM3 C26  C  N N 192 
KM3 O1   O  N N 193 
KM3 C23  C  N N 194 
KM3 C24  C  N N 195 
KM3 N3   N  N N 196 
KM3 C11  C  N N 197 
KM3 C17  C  N N 198 
KM3 FE1  FE N N 199 
KM3 N4   N  Y N 200 
KM3 C16  C  Y N 201 
KM3 C15  C  Y N 202 
KM3 C14  C  Y N 203 
KM3 C13  C  Y N 204 
KM3 C12  C  Y N 205 
KM3 N5   N  Y N 206 
KM3 C18  C  Y N 207 
KM3 C22  C  Y N 208 
KM3 C21  C  Y N 209 
KM3 C20  C  Y N 210 
KM3 C19  C  Y N 211 
KM3 H1   H  N N 212 
KM3 H2   H  N N 213 
KM3 H3   H  N N 214 
KM3 H4   H  N N 215 
KM3 H5   H  N N 216 
KM3 H6   H  N N 217 
KM3 H7   H  N N 218 
KM3 H8   H  N N 219 
KM3 H9   H  N N 220 
KM3 H10  H  N N 221 
KM3 H11  H  N N 222 
KM3 H12  H  N N 223 
KM3 H13  H  N N 224 
KM3 H14  H  N N 225 
KM3 H15  H  N N 226 
KM3 H16  H  N N 227 
KM3 H17  H  N N 228 
KM3 H18  H  N N 229 
KM3 H19  H  N N 230 
KM3 H20  H  N N 231 
KM3 H21  H  N N 232 
KM3 H22  H  N N 233 
KM3 H23  H  N N 234 
KM3 H24  H  N N 235 
KM3 H25  H  N N 236 
KM3 H26  H  N N 237 
KM3 H27  H  N N 238 
KM3 H28  H  N N 239 
KM3 H29  H  N N 240 
KM3 H30  H  N N 241 
KM3 H31  H  N N 242 
KM3 H32  H  N N 243 
KM3 H33  H  N N 244 
KM3 H34  H  N N 245 
KM3 H35  H  N N 246 
KM3 H36  H  N N 247 
LEU N    N  N N 248 
LEU CA   C  N S 249 
LEU C    C  N N 250 
LEU O    O  N N 251 
LEU CB   C  N N 252 
LEU CG   C  N N 253 
LEU CD1  C  N N 254 
LEU CD2  C  N N 255 
LEU OXT  O  N N 256 
LEU H    H  N N 257 
LEU H2   H  N N 258 
LEU HA   H  N N 259 
LEU HB2  H  N N 260 
LEU HB3  H  N N 261 
LEU HG   H  N N 262 
LEU HD11 H  N N 263 
LEU HD12 H  N N 264 
LEU HD13 H  N N 265 
LEU HD21 H  N N 266 
LEU HD22 H  N N 267 
LEU HD23 H  N N 268 
LEU HXT  H  N N 269 
LYS N    N  N N 270 
LYS CA   C  N S 271 
LYS C    C  N N 272 
LYS O    O  N N 273 
LYS CB   C  N N 274 
LYS CG   C  N N 275 
LYS CD   C  N N 276 
LYS CE   C  N N 277 
LYS NZ   N  N N 278 
LYS OXT  O  N N 279 
LYS H    H  N N 280 
LYS H2   H  N N 281 
LYS HA   H  N N 282 
LYS HB2  H  N N 283 
LYS HB3  H  N N 284 
LYS HG2  H  N N 285 
LYS HG3  H  N N 286 
LYS HD2  H  N N 287 
LYS HD3  H  N N 288 
LYS HE2  H  N N 289 
LYS HE3  H  N N 290 
LYS HZ1  H  N N 291 
LYS HZ2  H  N N 292 
LYS HZ3  H  N N 293 
LYS HXT  H  N N 294 
MET N    N  N N 295 
MET CA   C  N S 296 
MET C    C  N N 297 
MET O    O  N N 298 
MET CB   C  N N 299 
MET CG   C  N N 300 
MET SD   S  N N 301 
MET CE   C  N N 302 
MET OXT  O  N N 303 
MET H    H  N N 304 
MET H2   H  N N 305 
MET HA   H  N N 306 
MET HB2  H  N N 307 
MET HB3  H  N N 308 
MET HG2  H  N N 309 
MET HG3  H  N N 310 
MET HE1  H  N N 311 
MET HE2  H  N N 312 
MET HE3  H  N N 313 
MET HXT  H  N N 314 
PHE N    N  N N 315 
PHE CA   C  N S 316 
PHE C    C  N N 317 
PHE O    O  N N 318 
PHE CB   C  N N 319 
PHE CG   C  Y N 320 
PHE CD1  C  Y N 321 
PHE CD2  C  Y N 322 
PHE CE1  C  Y N 323 
PHE CE2  C  Y N 324 
PHE CZ   C  Y N 325 
PHE OXT  O  N N 326 
PHE H    H  N N 327 
PHE H2   H  N N 328 
PHE HA   H  N N 329 
PHE HB2  H  N N 330 
PHE HB3  H  N N 331 
PHE HD1  H  N N 332 
PHE HD2  H  N N 333 
PHE HE1  H  N N 334 
PHE HE2  H  N N 335 
PHE HZ   H  N N 336 
PHE HXT  H  N N 337 
PRO N    N  N N 338 
PRO CA   C  N S 339 
PRO C    C  N N 340 
PRO O    O  N N 341 
PRO CB   C  N N 342 
PRO CG   C  N N 343 
PRO CD   C  N N 344 
PRO OXT  O  N N 345 
PRO H    H  N N 346 
PRO HA   H  N N 347 
PRO HB2  H  N N 348 
PRO HB3  H  N N 349 
PRO HG2  H  N N 350 
PRO HG3  H  N N 351 
PRO HD2  H  N N 352 
PRO HD3  H  N N 353 
PRO HXT  H  N N 354 
SER N    N  N N 355 
SER CA   C  N S 356 
SER C    C  N N 357 
SER O    O  N N 358 
SER CB   C  N N 359 
SER OG   O  N N 360 
SER OXT  O  N N 361 
SER H    H  N N 362 
SER H2   H  N N 363 
SER HA   H  N N 364 
SER HB2  H  N N 365 
SER HB3  H  N N 366 
SER HG   H  N N 367 
SER HXT  H  N N 368 
THR N    N  N N 369 
THR CA   C  N S 370 
THR C    C  N N 371 
THR O    O  N N 372 
THR CB   C  N R 373 
THR OG1  O  N N 374 
THR CG2  C  N N 375 
THR OXT  O  N N 376 
THR H    H  N N 377 
THR H2   H  N N 378 
THR HA   H  N N 379 
THR HB   H  N N 380 
THR HG1  H  N N 381 
THR HG21 H  N N 382 
THR HG22 H  N N 383 
THR HG23 H  N N 384 
THR HXT  H  N N 385 
TRP N    N  N N 386 
TRP CA   C  N S 387 
TRP C    C  N N 388 
TRP O    O  N N 389 
TRP CB   C  N N 390 
TRP CG   C  Y N 391 
TRP CD1  C  Y N 392 
TRP CD2  C  Y N 393 
TRP NE1  N  Y N 394 
TRP CE2  C  Y N 395 
TRP CE3  C  Y N 396 
TRP CZ2  C  Y N 397 
TRP CZ3  C  Y N 398 
TRP CH2  C  Y N 399 
TRP OXT  O  N N 400 
TRP H    H  N N 401 
TRP H2   H  N N 402 
TRP HA   H  N N 403 
TRP HB2  H  N N 404 
TRP HB3  H  N N 405 
TRP HD1  H  N N 406 
TRP HE1  H  N N 407 
TRP HE3  H  N N 408 
TRP HZ2  H  N N 409 
TRP HZ3  H  N N 410 
TRP HH2  H  N N 411 
TRP HXT  H  N N 412 
TYR N    N  N N 413 
TYR CA   C  N S 414 
TYR C    C  N N 415 
TYR O    O  N N 416 
TYR CB   C  N N 417 
TYR CG   C  Y N 418 
TYR CD1  C  Y N 419 
TYR CD2  C  Y N 420 
TYR CE1  C  Y N 421 
TYR CE2  C  Y N 422 
TYR CZ   C  Y N 423 
TYR OH   O  N N 424 
TYR OXT  O  N N 425 
TYR H    H  N N 426 
TYR H2   H  N N 427 
TYR HA   H  N N 428 
TYR HB2  H  N N 429 
TYR HB3  H  N N 430 
TYR HD1  H  N N 431 
TYR HD2  H  N N 432 
TYR HE1  H  N N 433 
TYR HE2  H  N N 434 
TYR HH   H  N N 435 
TYR HXT  H  N N 436 
VAL N    N  N N 437 
VAL CA   C  N S 438 
VAL C    C  N N 439 
VAL O    O  N N 440 
VAL CB   C  N N 441 
VAL CG1  C  N N 442 
VAL CG2  C  N N 443 
VAL OXT  O  N N 444 
VAL H    H  N N 445 
VAL H2   H  N N 446 
VAL HA   H  N N 447 
VAL HB   H  N N 448 
VAL HG11 H  N N 449 
VAL HG12 H  N N 450 
VAL HG13 H  N N 451 
VAL HG21 H  N N 452 
VAL HG22 H  N N 453 
VAL HG23 H  N N 454 
VAL HXT  H  N N 455 
# 
loop_
_chem_comp_bond.comp_id 
_chem_comp_bond.atom_id_1 
_chem_comp_bond.atom_id_2 
_chem_comp_bond.value_order 
_chem_comp_bond.pdbx_aromatic_flag 
_chem_comp_bond.pdbx_stereo_config 
_chem_comp_bond.pdbx_ordinal 
ACT C   O    doub N N 1   
ACT C   OXT  sing N N 2   
ACT C   CH3  sing N N 3   
ACT CH3 H1   sing N N 4   
ACT CH3 H2   sing N N 5   
ACT CH3 H3   sing N N 6   
ALA N   CA   sing N N 7   
ALA N   H    sing N N 8   
ALA N   H2   sing N N 9   
ALA CA  C    sing N N 10  
ALA CA  CB   sing N N 11  
ALA CA  HA   sing N N 12  
ALA C   O    doub N N 13  
ALA C   OXT  sing N N 14  
ALA CB  HB1  sing N N 15  
ALA CB  HB2  sing N N 16  
ALA CB  HB3  sing N N 17  
ALA OXT HXT  sing N N 18  
ARG N   CA   sing N N 19  
ARG N   H    sing N N 20  
ARG N   H2   sing N N 21  
ARG CA  C    sing N N 22  
ARG CA  CB   sing N N 23  
ARG CA  HA   sing N N 24  
ARG C   O    doub N N 25  
ARG C   OXT  sing N N 26  
ARG CB  CG   sing N N 27  
ARG CB  HB2  sing N N 28  
ARG CB  HB3  sing N N 29  
ARG CG  CD   sing N N 30  
ARG CG  HG2  sing N N 31  
ARG CG  HG3  sing N N 32  
ARG CD  NE   sing N N 33  
ARG CD  HD2  sing N N 34  
ARG CD  HD3  sing N N 35  
ARG NE  CZ   sing N N 36  
ARG NE  HE   sing N N 37  
ARG CZ  NH1  sing N N 38  
ARG CZ  NH2  doub N N 39  
ARG NH1 HH11 sing N N 40  
ARG NH1 HH12 sing N N 41  
ARG NH2 HH21 sing N N 42  
ARG NH2 HH22 sing N N 43  
ARG OXT HXT  sing N N 44  
ASN N   CA   sing N N 45  
ASN N   H    sing N N 46  
ASN N   H2   sing N N 47  
ASN CA  C    sing N N 48  
ASN CA  CB   sing N N 49  
ASN CA  HA   sing N N 50  
ASN C   O    doub N N 51  
ASN C   OXT  sing N N 52  
ASN CB  CG   sing N N 53  
ASN CB  HB2  sing N N 54  
ASN CB  HB3  sing N N 55  
ASN CG  OD1  doub N N 56  
ASN CG  ND2  sing N N 57  
ASN ND2 HD21 sing N N 58  
ASN ND2 HD22 sing N N 59  
ASN OXT HXT  sing N N 60  
ASP N   CA   sing N N 61  
ASP N   H    sing N N 62  
ASP N   H2   sing N N 63  
ASP CA  C    sing N N 64  
ASP CA  CB   sing N N 65  
ASP CA  HA   sing N N 66  
ASP C   O    doub N N 67  
ASP C   OXT  sing N N 68  
ASP CB  CG   sing N N 69  
ASP CB  HB2  sing N N 70  
ASP CB  HB3  sing N N 71  
ASP CG  OD1  doub N N 72  
ASP CG  OD2  sing N N 73  
ASP OD2 HD2  sing N N 74  
ASP OXT HXT  sing N N 75  
GLN N   CA   sing N N 76  
GLN N   H    sing N N 77  
GLN N   H2   sing N N 78  
GLN CA  C    sing N N 79  
GLN CA  CB   sing N N 80  
GLN CA  HA   sing N N 81  
GLN C   O    doub N N 82  
GLN C   OXT  sing N N 83  
GLN CB  CG   sing N N 84  
GLN CB  HB2  sing N N 85  
GLN CB  HB3  sing N N 86  
GLN CG  CD   sing N N 87  
GLN CG  HG2  sing N N 88  
GLN CG  HG3  sing N N 89  
GLN CD  OE1  doub N N 90  
GLN CD  NE2  sing N N 91  
GLN NE2 HE21 sing N N 92  
GLN NE2 HE22 sing N N 93  
GLN OXT HXT  sing N N 94  
GLU N   CA   sing N N 95  
GLU N   H    sing N N 96  
GLU N   H2   sing N N 97  
GLU CA  C    sing N N 98  
GLU CA  CB   sing N N 99  
GLU CA  HA   sing N N 100 
GLU C   O    doub N N 101 
GLU C   OXT  sing N N 102 
GLU CB  CG   sing N N 103 
GLU CB  HB2  sing N N 104 
GLU CB  HB3  sing N N 105 
GLU CG  CD   sing N N 106 
GLU CG  HG2  sing N N 107 
GLU CG  HG3  sing N N 108 
GLU CD  OE1  doub N N 109 
GLU CD  OE2  sing N N 110 
GLU OE2 HE2  sing N N 111 
GLU OXT HXT  sing N N 112 
GLY N   CA   sing N N 113 
GLY N   H    sing N N 114 
GLY N   H2   sing N N 115 
GLY CA  C    sing N N 116 
GLY CA  HA2  sing N N 117 
GLY CA  HA3  sing N N 118 
GLY C   O    doub N N 119 
GLY C   OXT  sing N N 120 
GLY OXT HXT  sing N N 121 
HIS N   CA   sing N N 122 
HIS N   H    sing N N 123 
HIS N   H2   sing N N 124 
HIS CA  C    sing N N 125 
HIS CA  CB   sing N N 126 
HIS CA  HA   sing N N 127 
HIS C   O    doub N N 128 
HIS C   OXT  sing N N 129 
HIS CB  CG   sing N N 130 
HIS CB  HB2  sing N N 131 
HIS CB  HB3  sing N N 132 
HIS CG  ND1  sing Y N 133 
HIS CG  CD2  doub Y N 134 
HIS ND1 CE1  doub Y N 135 
HIS ND1 HD1  sing N N 136 
HIS CD2 NE2  sing Y N 137 
HIS CD2 HD2  sing N N 138 
HIS CE1 NE2  sing Y N 139 
HIS CE1 HE1  sing N N 140 
HIS NE2 HE2  sing N N 141 
HIS OXT HXT  sing N N 142 
HOH O   H1   sing N N 143 
HOH O   H2   sing N N 144 
ILE N   CA   sing N N 145 
ILE N   H    sing N N 146 
ILE N   H2   sing N N 147 
ILE CA  C    sing N N 148 
ILE CA  CB   sing N N 149 
ILE CA  HA   sing N N 150 
ILE C   O    doub N N 151 
ILE C   OXT  sing N N 152 
ILE CB  CG1  sing N N 153 
ILE CB  CG2  sing N N 154 
ILE CB  HB   sing N N 155 
ILE CG1 CD1  sing N N 156 
ILE CG1 HG12 sing N N 157 
ILE CG1 HG13 sing N N 158 
ILE CG2 HG21 sing N N 159 
ILE CG2 HG22 sing N N 160 
ILE CG2 HG23 sing N N 161 
ILE CD1 HD11 sing N N 162 
ILE CD1 HD12 sing N N 163 
ILE CD1 HD13 sing N N 164 
ILE OXT HXT  sing N N 165 
KM3 C19 C18  doub Y N 166 
KM3 C19 C20  sing Y N 167 
KM3 C17 C18  sing N N 168 
KM3 C17 N3   sing N N 169 
KM3 C18 N5   sing Y N 170 
KM3 C20 C21  doub Y N 171 
KM3 C11 N3   sing N N 172 
KM3 C11 C12  sing N N 173 
KM3 N3  C23  sing N N 174 
KM3 N3  FE1  sing N N 175 
KM3 C12 C13  doub Y N 176 
KM3 C12 N4   sing Y N 177 
KM3 N5  C22  doub Y N 178 
KM3 N5  FE1  sing N N 179 
KM3 C21 C22  sing Y N 180 
KM3 C13 C14  sing Y N 181 
KM3 C23 C26  sing N N 182 
KM3 FE1 N4   sing N N 183 
KM3 N4  C16  doub Y N 184 
KM3 C14 C15  doub Y N 185 
KM3 C26 C25  sing N N 186 
KM3 C24 C25  sing N N 187 
KM3 C24 N6   sing N N 188 
KM3 O1  C01  doub N N 189 
KM3 C16 C15  sing Y N 190 
KM3 C01 N6   sing N N 191 
KM3 C01 C2   sing N N 192 
KM3 C2  C3   sing N N 193 
KM3 C3  C4   sing N N 194 
KM3 C4  C5   sing N N 195 
KM3 C5  C6   sing N N 196 
KM3 C6  C10  sing N N 197 
KM3 C6  S1   sing N N 198 
KM3 N2  C10  sing N N 199 
KM3 N2  C9   sing N N 200 
KM3 C10 C8   sing N N 201 
KM3 S1  C7   sing N N 202 
KM3 C9  O3   doub N N 203 
KM3 C9  N1   sing N N 204 
KM3 C8  C7   sing N N 205 
KM3 C8  N1   sing N N 206 
KM3 N1  H1   sing N N 207 
KM3 N2  H2   sing N N 208 
KM3 C10 H3   sing N N 209 
KM3 C8  H4   sing N N 210 
KM3 C7  H5   sing N N 211 
KM3 C7  H6   sing N N 212 
KM3 C6  H7   sing N N 213 
KM3 C5  H8   sing N N 214 
KM3 C5  H9   sing N N 215 
KM3 C4  H10  sing N N 216 
KM3 C4  H11  sing N N 217 
KM3 C3  H12  sing N N 218 
KM3 C3  H13  sing N N 219 
KM3 C2  H14  sing N N 220 
KM3 C2  H15  sing N N 221 
KM3 C25 H16  sing N N 222 
KM3 C25 H17  sing N N 223 
KM3 N6  H18  sing N N 224 
KM3 C26 H19  sing N N 225 
KM3 C26 H20  sing N N 226 
KM3 C23 H21  sing N N 227 
KM3 C23 H22  sing N N 228 
KM3 C24 H23  sing N N 229 
KM3 C24 H24  sing N N 230 
KM3 C11 H25  sing N N 231 
KM3 C11 H26  sing N N 232 
KM3 C17 H27  sing N N 233 
KM3 C17 H28  sing N N 234 
KM3 C16 H29  sing N N 235 
KM3 C15 H30  sing N N 236 
KM3 C14 H31  sing N N 237 
KM3 C13 H32  sing N N 238 
KM3 C22 H33  sing N N 239 
KM3 C21 H34  sing N N 240 
KM3 C20 H35  sing N N 241 
KM3 C19 H36  sing N N 242 
LEU N   CA   sing N N 243 
LEU N   H    sing N N 244 
LEU N   H2   sing N N 245 
LEU CA  C    sing N N 246 
LEU CA  CB   sing N N 247 
LEU CA  HA   sing N N 248 
LEU C   O    doub N N 249 
LEU C   OXT  sing N N 250 
LEU CB  CG   sing N N 251 
LEU CB  HB2  sing N N 252 
LEU CB  HB3  sing N N 253 
LEU CG  CD1  sing N N 254 
LEU CG  CD2  sing N N 255 
LEU CG  HG   sing N N 256 
LEU CD1 HD11 sing N N 257 
LEU CD1 HD12 sing N N 258 
LEU CD1 HD13 sing N N 259 
LEU CD2 HD21 sing N N 260 
LEU CD2 HD22 sing N N 261 
LEU CD2 HD23 sing N N 262 
LEU OXT HXT  sing N N 263 
LYS N   CA   sing N N 264 
LYS N   H    sing N N 265 
LYS N   H2   sing N N 266 
LYS CA  C    sing N N 267 
LYS CA  CB   sing N N 268 
LYS CA  HA   sing N N 269 
LYS C   O    doub N N 270 
LYS C   OXT  sing N N 271 
LYS CB  CG   sing N N 272 
LYS CB  HB2  sing N N 273 
LYS CB  HB3  sing N N 274 
LYS CG  CD   sing N N 275 
LYS CG  HG2  sing N N 276 
LYS CG  HG3  sing N N 277 
LYS CD  CE   sing N N 278 
LYS CD  HD2  sing N N 279 
LYS CD  HD3  sing N N 280 
LYS CE  NZ   sing N N 281 
LYS CE  HE2  sing N N 282 
LYS CE  HE3  sing N N 283 
LYS NZ  HZ1  sing N N 284 
LYS NZ  HZ2  sing N N 285 
LYS NZ  HZ3  sing N N 286 
LYS OXT HXT  sing N N 287 
MET N   CA   sing N N 288 
MET N   H    sing N N 289 
MET N   H2   sing N N 290 
MET CA  C    sing N N 291 
MET CA  CB   sing N N 292 
MET CA  HA   sing N N 293 
MET C   O    doub N N 294 
MET C   OXT  sing N N 295 
MET CB  CG   sing N N 296 
MET CB  HB2  sing N N 297 
MET CB  HB3  sing N N 298 
MET CG  SD   sing N N 299 
MET CG  HG2  sing N N 300 
MET CG  HG3  sing N N 301 
MET SD  CE   sing N N 302 
MET CE  HE1  sing N N 303 
MET CE  HE2  sing N N 304 
MET CE  HE3  sing N N 305 
MET OXT HXT  sing N N 306 
PHE N   CA   sing N N 307 
PHE N   H    sing N N 308 
PHE N   H2   sing N N 309 
PHE CA  C    sing N N 310 
PHE CA  CB   sing N N 311 
PHE CA  HA   sing N N 312 
PHE C   O    doub N N 313 
PHE C   OXT  sing N N 314 
PHE CB  CG   sing N N 315 
PHE CB  HB2  sing N N 316 
PHE CB  HB3  sing N N 317 
PHE CG  CD1  doub Y N 318 
PHE CG  CD2  sing Y N 319 
PHE CD1 CE1  sing Y N 320 
PHE CD1 HD1  sing N N 321 
PHE CD2 CE2  doub Y N 322 
PHE CD2 HD2  sing N N 323 
PHE CE1 CZ   doub Y N 324 
PHE CE1 HE1  sing N N 325 
PHE CE2 CZ   sing Y N 326 
PHE CE2 HE2  sing N N 327 
PHE CZ  HZ   sing N N 328 
PHE OXT HXT  sing N N 329 
PRO N   CA   sing N N 330 
PRO N   CD   sing N N 331 
PRO N   H    sing N N 332 
PRO CA  C    sing N N 333 
PRO CA  CB   sing N N 334 
PRO CA  HA   sing N N 335 
PRO C   O    doub N N 336 
PRO C   OXT  sing N N 337 
PRO CB  CG   sing N N 338 
PRO CB  HB2  sing N N 339 
PRO CB  HB3  sing N N 340 
PRO CG  CD   sing N N 341 
PRO CG  HG2  sing N N 342 
PRO CG  HG3  sing N N 343 
PRO CD  HD2  sing N N 344 
PRO CD  HD3  sing N N 345 
PRO OXT HXT  sing N N 346 
SER N   CA   sing N N 347 
SER N   H    sing N N 348 
SER N   H2   sing N N 349 
SER CA  C    sing N N 350 
SER CA  CB   sing N N 351 
SER CA  HA   sing N N 352 
SER C   O    doub N N 353 
SER C   OXT  sing N N 354 
SER CB  OG   sing N N 355 
SER CB  HB2  sing N N 356 
SER CB  HB3  sing N N 357 
SER OG  HG   sing N N 358 
SER OXT HXT  sing N N 359 
THR N   CA   sing N N 360 
THR N   H    sing N N 361 
THR N   H2   sing N N 362 
THR CA  C    sing N N 363 
THR CA  CB   sing N N 364 
THR CA  HA   sing N N 365 
THR C   O    doub N N 366 
THR C   OXT  sing N N 367 
THR CB  OG1  sing N N 368 
THR CB  CG2  sing N N 369 
THR CB  HB   sing N N 370 
THR OG1 HG1  sing N N 371 
THR CG2 HG21 sing N N 372 
THR CG2 HG22 sing N N 373 
THR CG2 HG23 sing N N 374 
THR OXT HXT  sing N N 375 
TRP N   CA   sing N N 376 
TRP N   H    sing N N 377 
TRP N   H2   sing N N 378 
TRP CA  C    sing N N 379 
TRP CA  CB   sing N N 380 
TRP CA  HA   sing N N 381 
TRP C   O    doub N N 382 
TRP C   OXT  sing N N 383 
TRP CB  CG   sing N N 384 
TRP CB  HB2  sing N N 385 
TRP CB  HB3  sing N N 386 
TRP CG  CD1  doub Y N 387 
TRP CG  CD2  sing Y N 388 
TRP CD1 NE1  sing Y N 389 
TRP CD1 HD1  sing N N 390 
TRP CD2 CE2  doub Y N 391 
TRP CD2 CE3  sing Y N 392 
TRP NE1 CE2  sing Y N 393 
TRP NE1 HE1  sing N N 394 
TRP CE2 CZ2  sing Y N 395 
TRP CE3 CZ3  doub Y N 396 
TRP CE3 HE3  sing N N 397 
TRP CZ2 CH2  doub Y N 398 
TRP CZ2 HZ2  sing N N 399 
TRP CZ3 CH2  sing Y N 400 
TRP CZ3 HZ3  sing N N 401 
TRP CH2 HH2  sing N N 402 
TRP OXT HXT  sing N N 403 
TYR N   CA   sing N N 404 
TYR N   H    sing N N 405 
TYR N   H2   sing N N 406 
TYR CA  C    sing N N 407 
TYR CA  CB   sing N N 408 
TYR CA  HA   sing N N 409 
TYR C   O    doub N N 410 
TYR C   OXT  sing N N 411 
TYR CB  CG   sing N N 412 
TYR CB  HB2  sing N N 413 
TYR CB  HB3  sing N N 414 
TYR CG  CD1  doub Y N 415 
TYR CG  CD2  sing Y N 416 
TYR CD1 CE1  sing Y N 417 
TYR CD1 HD1  sing N N 418 
TYR CD2 CE2  doub Y N 419 
TYR CD2 HD2  sing N N 420 
TYR CE1 CZ   doub Y N 421 
TYR CE1 HE1  sing N N 422 
TYR CE2 CZ   sing Y N 423 
TYR CE2 HE2  sing N N 424 
TYR CZ  OH   sing N N 425 
TYR OH  HH   sing N N 426 
TYR OXT HXT  sing N N 427 
VAL N   CA   sing N N 428 
VAL N   H    sing N N 429 
VAL N   H2   sing N N 430 
VAL CA  C    sing N N 431 
VAL CA  CB   sing N N 432 
VAL CA  HA   sing N N 433 
VAL C   O    doub N N 434 
VAL C   OXT  sing N N 435 
VAL CB  CG1  sing N N 436 
VAL CB  CG2  sing N N 437 
VAL CB  HB   sing N N 438 
VAL CG1 HG11 sing N N 439 
VAL CG1 HG12 sing N N 440 
VAL CG1 HG13 sing N N 441 
VAL CG2 HG21 sing N N 442 
VAL CG2 HG22 sing N N 443 
VAL CG2 HG23 sing N N 444 
VAL OXT HXT  sing N N 445 
# 
_pdbx_audit_support.funding_organization   
'National Institutes of Health/National Institute of General Medical Sciences (NIH/NIGMS)' 
_pdbx_audit_support.country                'United States' 
_pdbx_audit_support.grant_number           GM120349 
_pdbx_audit_support.ordinal                1 
# 
_pdbx_entity_instance_feature.ordinal        1 
_pdbx_entity_instance_feature.comp_id        KM3 
_pdbx_entity_instance_feature.asym_id        ? 
_pdbx_entity_instance_feature.seq_num        ? 
_pdbx_entity_instance_feature.auth_comp_id   KM3 
_pdbx_entity_instance_feature.auth_asym_id   ? 
_pdbx_entity_instance_feature.auth_seq_num   ? 
_pdbx_entity_instance_feature.feature_type   'SUBJECT OF INVESTIGATION' 
_pdbx_entity_instance_feature.details        ? 
# 
loop_
_pdbx_entity_nonpoly.entity_id 
_pdbx_entity_nonpoly.name 
_pdbx_entity_nonpoly.comp_id 
2 
;{N-(4-{bis[(pyridin-2-yl-kappaN)methyl]amino-kappaN}butyl)-5-[(3aS,4S,6aR)-2-oxohexahydro-1H-thieno[3,4-d]imidazol-4-yl]pentanamide}iron(3+)
;
KM3 
3 'ACETATE ION' ACT 
4 water HOH 
# 
_pdbx_initial_refinement_model.id               1 
_pdbx_initial_refinement_model.entity_id_list   ? 
_pdbx_initial_refinement_model.type             'experimental model' 
_pdbx_initial_refinement_model.source_name      PDB 
_pdbx_initial_refinement_model.accession_code   2QCB 
_pdbx_initial_refinement_model.details          ? 
# 
_pdbx_struct_assembly_auth_evidence.id                     1 
_pdbx_struct_assembly_auth_evidence.assembly_id            1 
_pdbx_struct_assembly_auth_evidence.experimental_support   'gel filtration' 
_pdbx_struct_assembly_auth_evidence.details                ? 
# 
